data_6Q2S
#
_entry.id   6Q2S
#
_cell.length_a   1.00
_cell.length_b   1.00
_cell.length_c   1.00
_cell.angle_alpha   90.00
_cell.angle_beta   90.00
_cell.angle_gamma   90.00
#
_symmetry.space_group_name_H-M   'P 1'
#
loop_
_entity.id
_entity.type
_entity.pdbx_description
1 polymer 'Ubiquitin-like protein SMT3,Artemin'
2 polymer 'GDNF family receptor alpha-3'
3 polymer 'Proto-oncogene tyrosine-protein kinase receptor Ret'
4 non-polymer 2-acetamido-2-deoxy-beta-D-glucopyranose
5 non-polymer 'CALCIUM ION'
#
loop_
_entity_poly.entity_id
_entity_poly.type
_entity_poly.pdbx_seq_one_letter_code
_entity_poly.pdbx_strand_id
1 'polypeptide(L)'
;MGSSHHHHHHSSGLVPRGSHMASMSDSEVNQEAKPEVKPEVKPETHINLKVSDGSSEIFFKIKKTTPLRRLMEAFAKRQG
KEMDSLRFLYDGIRIQADQTPEDLDMEDNDIIEAHREQIGGSAGGPGSRARAAGARGCRLRSQLVPVRALGLGHRSDELV
RFRFCSGSCRRARSPHDLSLASLLGAGALRPPPGSRPVSQPCCRPTRYEAVSFMDVNSTWRTVDRLSATACGCLG
;
A,B
2 'polypeptide(L)'
;DPLPTESRLMNSCLQARRKCQADPTCSAAYHHLDSCTSSISTPLPSEEPSVPADCLEAAQQLRNSSLIGCMCHRRMKNQV
ACLDIYWTVHRARSLGNYELDVSPYEDTVTSKPWKMNLSKLNMLKPDSDLCLKFAMLCTLNDKCDRLRKAYGEACSGPHC
QRHVCLRQLLTFFEKAAEPHAQGLLLCPCAPNDRGCGERRRNTIAPNCALPPVAPNCLELRRLCFSDPLCRSRLVDFQTH
CHPMDILGTCATEQSRCLRAYLGLIGTAMTPNFVSNVNTSVALSCTCRGSGNLQEECEMLEGFFSHNPCLTEAIAAKMRF
HSQLFSQDWPHPGTHHHHHHHH
;
C,D
3 'polypeptide(L)'
;LYFSRDAYWEKLYVDQAAGTPLLYVHALRDAPEEVPSFRLGQHLYGTYRTRLHENNWICIQEDTGLLYLNRSLDHSSWEK
LSVRNHGFPLLTVYLKVFLSPTSLREGECQWPGCARVYFSFFNTSFPACSSLKPRELCFPETRPSFRIRENRPPGTFHQF
RLLPVQFLCPNISVAYRLLEGEGLPFRCAPDSLEVSTRWALDREQREKYELVAVCTVHAGAREEVVMVPFPVTVYDEDDS
APTFPAGVDTASAVVEFKRKEDTVVATLRVFDADVVPASGELVRRYTSTLLPGDTWAQQTFRVEHWPNETSVQANGSFVR
ATVHDYRLVLNRNLSISENRTMQLAVLVNDSDFQGPGAGVLLLHFNVSVLPVSLHLPSTYSLSVSRRARRFAQIGKVCVE
NCQAFSGINVQYKLHSSGANCSTLGVVTSAEDTSGILFVNDTKALRRPKCAELHYMVVATDQQTSRQAQAQLLVTVEGSY
VAEEAGCPLSCAVSKRRLECEECGGLGSPTGRCEWRQGDGKGITRNFSTCSPSTKTCPDGHCDVVETQDINICPQDCLRG
SIVGGHEPGEPRGIKAGYGTCNCFPEEEKCFCEPEDIQDPLCDELCRGTHHHHHHHH
;
E,F
#
# COMPACT_ATOMS: atom_id res chain seq x y z
N GLY A 137 3.95 5.17 -23.15
CA GLY A 137 3.40 5.15 -21.81
C GLY A 137 3.44 3.76 -21.19
N CYS A 138 3.45 3.71 -19.86
CA CYS A 138 3.53 2.43 -19.14
C CYS A 138 2.19 1.73 -19.24
N ARG A 139 2.06 0.83 -20.21
CA ARG A 139 0.80 0.19 -20.53
C ARG A 139 1.00 -1.30 -20.78
N LEU A 140 -0.12 -2.00 -20.92
CA LEU A 140 -0.13 -3.46 -20.99
C LEU A 140 0.21 -3.93 -22.39
N ARG A 141 0.84 -5.10 -22.48
CA ARG A 141 1.21 -5.71 -23.75
C ARG A 141 0.59 -7.10 -23.82
N SER A 142 0.91 -7.85 -24.87
CA SER A 142 0.45 -9.23 -25.07
C SER A 142 1.22 -9.83 -26.24
N GLN A 143 1.40 -11.15 -26.21
CA GLN A 143 2.26 -11.82 -27.18
C GLN A 143 1.96 -13.32 -27.18
N LEU A 144 2.63 -14.07 -28.06
CA LEU A 144 2.50 -15.52 -28.20
C LEU A 144 3.84 -16.20 -27.96
N VAL A 145 3.87 -17.16 -27.04
CA VAL A 145 5.11 -17.86 -26.70
C VAL A 145 4.87 -19.36 -26.59
N PRO A 146 5.85 -20.17 -26.97
CA PRO A 146 5.79 -21.60 -26.67
C PRO A 146 5.95 -21.84 -25.18
N VAL A 147 5.62 -23.04 -24.74
CA VAL A 147 5.65 -23.30 -23.30
C VAL A 147 6.95 -24.00 -22.91
N ARG A 148 7.60 -24.68 -23.86
CA ARG A 148 8.97 -25.12 -23.63
C ARG A 148 9.93 -23.94 -23.53
N ALA A 149 9.56 -22.80 -24.12
CA ALA A 149 10.38 -21.59 -24.11
C ALA A 149 10.22 -20.77 -22.83
N LEU A 150 9.46 -21.27 -21.84
CA LEU A 150 9.34 -20.57 -20.58
C LEU A 150 10.42 -20.93 -19.58
N GLY A 151 11.02 -22.10 -19.73
CA GLY A 151 12.03 -22.52 -18.78
C GLY A 151 11.51 -22.87 -17.42
N LEU A 152 10.43 -23.66 -17.35
CA LEU A 152 9.93 -24.18 -16.08
C LEU A 152 9.78 -25.69 -16.10
N GLY A 153 10.38 -26.39 -17.06
CA GLY A 153 10.41 -27.83 -17.08
C GLY A 153 9.23 -28.50 -17.75
N HIS A 154 8.13 -27.77 -17.94
CA HIS A 154 6.96 -28.31 -18.65
C HIS A 154 7.29 -28.51 -20.12
N ARG A 155 7.38 -29.76 -20.56
CA ARG A 155 7.61 -30.08 -21.96
C ARG A 155 6.27 -30.19 -22.65
N SER A 156 6.07 -29.39 -23.70
CA SER A 156 4.80 -29.39 -24.40
C SER A 156 5.01 -28.88 -25.81
N ASP A 157 3.90 -28.61 -26.51
CA ASP A 157 3.93 -28.26 -27.92
C ASP A 157 3.04 -27.07 -28.25
N GLU A 158 2.51 -26.37 -27.26
CA GLU A 158 1.43 -25.43 -27.51
C GLU A 158 1.95 -23.99 -27.62
N LEU A 159 1.01 -23.06 -27.73
CA LEU A 159 1.27 -21.64 -27.72
C LEU A 159 0.36 -21.00 -26.69
N VAL A 160 0.88 -20.02 -25.94
CA VAL A 160 0.09 -19.30 -24.95
C VAL A 160 0.31 -17.80 -25.12
N ARG A 161 -0.76 -17.03 -24.93
CA ARG A 161 -0.66 -15.58 -24.95
C ARG A 161 -0.18 -15.10 -23.60
N PHE A 162 0.68 -14.09 -23.64
CA PHE A 162 1.54 -13.70 -22.54
C PHE A 162 1.56 -12.19 -22.46
N ARG A 163 1.12 -11.64 -21.34
CA ARG A 163 0.99 -10.20 -21.20
C ARG A 163 2.06 -9.66 -20.24
N PHE A 164 2.89 -8.77 -20.75
CA PHE A 164 3.99 -8.20 -20.01
C PHE A 164 3.80 -6.68 -19.92
N CYS A 165 4.63 -6.01 -19.12
CA CYS A 165 4.54 -4.57 -18.94
C CYS A 165 5.72 -3.87 -19.57
N SER A 166 5.48 -2.70 -20.13
CA SER A 166 6.51 -1.90 -20.79
C SER A 166 6.11 -0.45 -20.76
N GLY A 167 7.09 0.43 -20.96
CA GLY A 167 6.83 1.83 -21.15
C GLY A 167 7.81 2.69 -20.40
N SER A 168 7.43 3.95 -20.22
CA SER A 168 8.19 4.94 -19.48
C SER A 168 7.29 5.62 -18.46
N CYS A 169 7.89 6.15 -17.40
CA CYS A 169 7.15 6.72 -16.27
C CYS A 169 7.67 8.09 -15.88
N ARG A 170 7.78 9.00 -16.85
CA ARG A 170 8.32 10.33 -16.57
C ARG A 170 7.34 11.23 -15.82
N ARG A 171 6.11 10.79 -15.58
CA ARG A 171 5.18 11.60 -14.82
C ARG A 171 5.07 11.21 -13.36
N ALA A 172 5.79 10.18 -12.91
CA ALA A 172 5.86 9.84 -11.50
C ALA A 172 7.23 10.16 -10.92
N ARG A 173 7.91 11.11 -11.55
CA ARG A 173 9.27 11.48 -11.22
C ARG A 173 9.30 12.26 -9.90
N SER A 174 10.43 12.20 -9.20
CA SER A 174 10.60 12.78 -7.88
C SER A 174 11.70 13.81 -7.94
N PRO A 175 11.94 14.60 -6.87
CA PRO A 175 13.17 15.41 -6.84
C PRO A 175 14.44 14.58 -6.77
N HIS A 176 14.40 13.43 -6.10
CA HIS A 176 15.56 12.56 -6.04
C HIS A 176 15.87 11.94 -7.40
N ASP A 177 14.87 11.78 -8.25
CA ASP A 177 15.11 11.17 -9.55
C ASP A 177 15.86 12.11 -10.48
N LEU A 178 15.45 13.38 -10.56
CA LEU A 178 16.22 14.39 -11.28
C LEU A 178 17.61 14.56 -10.68
N SER A 179 17.70 14.48 -9.35
CA SER A 179 18.98 14.59 -8.67
C SER A 179 19.92 13.46 -9.09
N LEU A 180 19.44 12.22 -9.03
CA LEU A 180 20.27 11.08 -9.38
C LEU A 180 20.54 11.00 -10.87
N ALA A 181 19.64 11.52 -11.70
CA ALA A 181 19.88 11.52 -13.14
C ALA A 181 20.79 12.64 -13.56
N SER A 182 21.07 13.60 -12.68
CA SER A 182 22.12 14.57 -12.96
C SER A 182 23.44 14.22 -12.29
N LEU A 183 23.40 13.55 -11.13
CA LEU A 183 24.61 13.06 -10.53
C LEU A 183 25.21 11.90 -11.32
N LEU A 184 24.37 11.19 -12.06
CA LEU A 184 24.84 10.23 -13.04
C LEU A 184 24.91 10.82 -14.45
N GLY A 185 24.91 12.15 -14.55
CA GLY A 185 25.08 12.80 -15.84
C GLY A 185 26.50 13.25 -16.06
N ALA A 186 27.07 13.92 -15.07
CA ALA A 186 28.48 14.29 -15.09
C ALA A 186 29.36 13.25 -14.39
N GLY A 187 28.79 12.11 -14.02
CA GLY A 187 29.53 11.08 -13.32
C GLY A 187 29.95 11.50 -11.93
N ALA A 188 29.11 12.26 -11.23
CA ALA A 188 29.48 12.77 -9.92
C ALA A 188 29.49 11.70 -8.84
N LEU A 189 28.84 10.57 -9.06
CA LEU A 189 28.90 9.48 -8.09
C LEU A 189 29.89 8.42 -8.54
N ARG A 190 30.56 7.83 -7.56
CA ARG A 190 31.16 6.53 -7.74
C ARG A 190 30.04 5.49 -7.71
N PRO A 191 29.79 4.78 -8.79
CA PRO A 191 28.75 3.75 -8.78
C PRO A 191 29.14 2.59 -7.89
N PRO A 192 28.23 2.09 -7.07
CA PRO A 192 28.59 1.11 -6.04
C PRO A 192 28.90 -0.25 -6.65
N PRO A 193 29.62 -1.12 -5.94
CA PRO A 193 29.81 -2.48 -6.45
C PRO A 193 28.52 -3.28 -6.42
N GLY A 194 28.23 -3.94 -7.53
CA GLY A 194 26.96 -4.61 -7.72
C GLY A 194 26.28 -4.11 -8.97
N SER A 195 25.15 -3.44 -8.79
CA SER A 195 24.33 -3.02 -9.91
C SER A 195 24.47 -1.52 -10.14
N ARG A 196 23.77 -1.04 -11.16
CA ARG A 196 23.57 0.40 -11.33
C ARG A 196 22.23 0.78 -10.73
N PRO A 197 22.16 1.84 -9.93
CA PRO A 197 20.86 2.33 -9.48
C PRO A 197 20.12 3.02 -10.62
N VAL A 198 18.85 2.68 -10.77
CA VAL A 198 18.01 3.20 -11.84
C VAL A 198 17.39 4.51 -11.38
N SER A 199 17.24 5.45 -12.31
CA SER A 199 16.77 6.78 -11.98
C SER A 199 15.26 6.89 -11.97
N GLN A 200 14.58 6.43 -13.01
CA GLN A 200 13.15 6.60 -13.16
C GLN A 200 12.46 5.43 -12.47
N PRO A 201 11.21 5.60 -12.04
CA PRO A 201 10.46 4.47 -11.50
C PRO A 201 10.19 3.43 -12.57
N CYS A 202 10.45 2.16 -12.24
CA CYS A 202 10.35 1.08 -13.21
C CYS A 202 8.90 0.70 -13.42
N CYS A 203 8.57 0.28 -14.65
CA CYS A 203 7.20 -0.03 -15.06
C CYS A 203 6.93 -1.50 -14.76
N ARG A 204 6.11 -1.75 -13.73
CA ARG A 204 5.93 -3.10 -13.21
C ARG A 204 4.46 -3.51 -13.21
N PRO A 205 4.16 -4.81 -13.23
CA PRO A 205 2.77 -5.26 -13.15
C PRO A 205 2.16 -4.98 -11.79
N THR A 206 0.84 -5.09 -11.76
CA THR A 206 0.09 -4.99 -10.52
C THR A 206 -0.70 -6.26 -10.24
N ARG A 207 -1.16 -6.96 -11.27
CA ARG A 207 -1.93 -8.19 -11.12
C ARG A 207 -1.51 -9.19 -12.17
N TYR A 208 -1.78 -10.45 -11.87
CA TYR A 208 -1.29 -11.59 -12.64
C TYR A 208 -2.44 -12.51 -13.00
N GLU A 209 -2.23 -13.35 -14.00
CA GLU A 209 -3.21 -14.37 -14.33
C GLU A 209 -2.52 -15.70 -14.54
N ALA A 210 -3.27 -16.78 -14.38
CA ALA A 210 -2.76 -18.13 -14.54
C ALA A 210 -2.70 -18.50 -16.00
N VAL A 211 -1.87 -19.49 -16.31
CA VAL A 211 -1.73 -19.98 -17.69
C VAL A 211 -1.84 -21.49 -17.69
N SER A 212 -2.75 -22.02 -18.49
CA SER A 212 -3.07 -23.44 -18.54
C SER A 212 -2.76 -23.99 -19.91
N PHE A 213 -2.40 -25.28 -19.96
CA PHE A 213 -2.05 -25.95 -21.21
C PHE A 213 -2.08 -27.45 -20.98
N MET A 214 -1.65 -28.20 -22.00
CA MET A 214 -1.51 -29.64 -21.95
C MET A 214 -0.07 -30.02 -22.26
N ASP A 215 0.42 -31.07 -21.62
CA ASP A 215 1.81 -31.47 -21.75
C ASP A 215 1.95 -32.52 -22.84
N VAL A 216 3.09 -33.22 -22.87
CA VAL A 216 3.30 -34.25 -23.89
C VAL A 216 2.55 -35.52 -23.54
N ASN A 217 2.21 -35.73 -22.28
CA ASN A 217 1.38 -36.86 -21.88
C ASN A 217 -0.10 -36.53 -21.93
N SER A 218 -0.44 -35.38 -22.50
CA SER A 218 -1.82 -34.88 -22.63
C SER A 218 -2.50 -34.77 -21.27
N THR A 219 -1.84 -34.08 -20.35
CA THR A 219 -2.34 -33.82 -19.01
C THR A 219 -2.33 -32.32 -18.81
N TRP A 220 -3.39 -31.77 -18.23
CA TRP A 220 -3.51 -30.34 -18.07
C TRP A 220 -2.60 -29.83 -16.96
N ARG A 221 -1.63 -28.99 -17.35
CA ARG A 221 -0.72 -28.34 -16.43
C ARG A 221 -1.07 -26.87 -16.33
N THR A 222 -1.15 -26.37 -15.11
CA THR A 222 -1.37 -24.95 -14.87
C THR A 222 -0.16 -24.39 -14.14
N VAL A 223 0.19 -23.15 -14.47
CA VAL A 223 1.20 -22.41 -13.72
C VAL A 223 0.55 -21.11 -13.31
N ASP A 224 0.43 -20.90 -12.00
CA ASP A 224 -0.24 -19.71 -11.50
C ASP A 224 0.65 -18.49 -11.67
N ARG A 225 0.00 -17.37 -12.00
CA ARG A 225 0.59 -16.03 -12.02
C ARG A 225 1.77 -15.93 -12.97
N LEU A 226 1.49 -16.13 -14.24
CA LEU A 226 2.55 -16.10 -15.24
C LEU A 226 2.41 -14.94 -16.22
N SER A 227 1.23 -14.34 -16.32
CA SER A 227 0.98 -13.29 -17.29
C SER A 227 0.22 -12.15 -16.61
N ALA A 228 0.59 -10.92 -16.93
CA ALA A 228 0.04 -9.76 -16.25
C ALA A 228 -1.35 -9.42 -16.76
N THR A 229 -2.03 -8.53 -16.05
CA THR A 229 -3.29 -7.97 -16.54
C THR A 229 -3.36 -6.45 -16.47
N ALA A 230 -2.50 -5.80 -15.69
CA ALA A 230 -2.51 -4.35 -15.58
C ALA A 230 -1.13 -3.89 -15.13
N CYS A 231 -0.67 -2.78 -15.69
CA CYS A 231 0.65 -2.27 -15.41
C CYS A 231 0.56 -1.01 -14.56
N GLY A 232 1.71 -0.55 -14.11
CA GLY A 232 1.75 0.67 -13.32
C GLY A 232 3.18 1.14 -13.14
N CYS A 233 3.29 2.41 -12.75
CA CYS A 233 4.58 3.03 -12.48
C CYS A 233 4.93 2.82 -11.02
N LEU A 234 6.04 2.14 -10.77
CA LEU A 234 6.51 1.95 -9.40
C LEU A 234 7.99 2.25 -9.30
N SER B 128 3.31 -32.03 -36.65
CA SER B 128 2.20 -31.55 -35.84
C SER B 128 0.86 -31.92 -36.46
N ASP B 129 0.01 -32.60 -35.69
CA ASP B 129 -1.22 -33.20 -36.19
C ASP B 129 -2.31 -32.14 -36.41
N LEU B 130 -3.55 -32.61 -36.59
CA LEU B 130 -4.67 -31.72 -36.84
C LEU B 130 -5.40 -31.28 -35.58
N CYS B 131 -5.41 -32.12 -34.55
CA CYS B 131 -6.04 -31.76 -33.28
C CYS B 131 -5.24 -30.73 -32.50
N LEU B 132 -4.02 -30.42 -32.94
CA LEU B 132 -3.29 -29.27 -32.47
C LEU B 132 -3.51 -28.04 -33.33
N LYS B 133 -3.68 -28.23 -34.65
CA LYS B 133 -4.00 -27.10 -35.52
C LYS B 133 -5.34 -26.49 -35.18
N PHE B 134 -6.33 -27.31 -34.87
CA PHE B 134 -7.62 -26.75 -34.48
C PHE B 134 -7.66 -26.34 -33.02
N ALA B 135 -6.62 -26.62 -32.24
CA ALA B 135 -6.55 -26.08 -30.89
C ALA B 135 -5.92 -24.70 -30.90
N MET B 136 -4.89 -24.52 -31.72
CA MET B 136 -4.27 -23.21 -31.83
C MET B 136 -5.18 -22.18 -32.48
N LEU B 137 -6.11 -22.60 -33.34
CA LEU B 137 -7.09 -21.65 -33.89
C LEU B 137 -8.08 -21.16 -32.83
N CYS B 138 -8.25 -21.89 -31.73
CA CYS B 138 -8.92 -21.35 -30.56
C CYS B 138 -7.96 -20.56 -29.68
N THR B 139 -6.68 -20.90 -29.70
CA THR B 139 -5.69 -20.10 -28.99
C THR B 139 -5.51 -18.74 -29.65
N LEU B 140 -5.40 -18.70 -30.97
CA LEU B 140 -5.16 -17.46 -31.69
C LEU B 140 -6.33 -16.50 -31.64
N ASN B 141 -7.53 -16.99 -31.38
CA ASN B 141 -8.65 -16.09 -31.17
C ASN B 141 -8.53 -15.42 -29.81
N ASP B 142 -9.08 -14.20 -29.71
CA ASP B 142 -9.22 -13.59 -28.40
C ASP B 142 -10.41 -14.17 -27.65
N LYS B 143 -11.49 -14.44 -28.37
CA LYS B 143 -12.73 -14.83 -27.72
C LYS B 143 -12.70 -16.28 -27.25
N CYS B 144 -11.85 -17.11 -27.86
CA CYS B 144 -11.87 -18.53 -27.58
C CYS B 144 -10.80 -18.94 -26.58
N ASP B 145 -9.62 -18.31 -26.62
CA ASP B 145 -8.57 -18.67 -25.69
C ASP B 145 -8.88 -18.22 -24.28
N ARG B 146 -9.59 -17.09 -24.14
CA ARG B 146 -10.05 -16.63 -22.85
C ARG B 146 -11.03 -17.60 -22.21
N LEU B 147 -11.77 -18.35 -23.02
CA LEU B 147 -12.65 -19.38 -22.52
C LEU B 147 -11.96 -20.71 -22.29
N ARG B 148 -10.96 -21.04 -23.12
CA ARG B 148 -10.23 -22.29 -22.95
C ARG B 148 -9.31 -22.25 -21.74
N LYS B 149 -8.75 -21.09 -21.44
CA LYS B 149 -7.99 -20.87 -20.22
C LYS B 149 -8.87 -21.00 -18.97
N ALA B 150 -10.17 -20.79 -19.11
CA ALA B 150 -11.05 -20.85 -17.95
C ALA B 150 -11.36 -22.27 -17.50
N TYR B 151 -11.26 -23.26 -18.39
CA TYR B 151 -11.40 -24.64 -17.93
C TYR B 151 -10.11 -25.42 -17.97
N GLY B 152 -9.05 -24.90 -18.59
CA GLY B 152 -7.76 -25.52 -18.37
C GLY B 152 -7.24 -25.32 -16.96
N GLU B 153 -7.68 -24.26 -16.29
CA GLU B 153 -7.22 -23.96 -14.94
C GLU B 153 -8.01 -24.74 -13.90
N ALA B 154 -9.30 -24.92 -14.12
CA ALA B 154 -10.11 -25.62 -13.15
C ALA B 154 -10.07 -27.12 -13.29
N CYS B 155 -9.33 -27.64 -14.26
CA CYS B 155 -9.26 -29.08 -14.50
C CYS B 155 -7.82 -29.58 -14.51
N SER B 156 -7.00 -29.15 -13.56
CA SER B 156 -5.58 -29.44 -13.57
C SER B 156 -5.09 -29.86 -12.20
N GLY B 157 -4.03 -30.66 -12.18
CA GLY B 157 -3.37 -31.03 -10.95
C GLY B 157 -4.05 -32.17 -10.24
N PRO B 158 -3.36 -32.78 -9.27
CA PRO B 158 -3.93 -33.94 -8.57
C PRO B 158 -5.01 -33.58 -7.58
N HIS B 159 -5.04 -32.33 -7.12
CA HIS B 159 -6.02 -31.83 -6.16
C HIS B 159 -7.24 -31.27 -6.85
N CYS B 160 -7.59 -31.81 -8.01
CA CYS B 160 -8.57 -31.21 -8.90
C CYS B 160 -9.96 -31.28 -8.29
N GLN B 161 -10.81 -30.36 -8.72
CA GLN B 161 -12.13 -30.21 -8.17
C GLN B 161 -13.11 -30.37 -9.32
N ARG B 162 -14.05 -31.30 -9.17
CA ARG B 162 -14.82 -31.74 -10.34
C ARG B 162 -15.92 -30.77 -10.70
N HIS B 163 -16.67 -30.27 -9.73
CA HIS B 163 -17.84 -29.47 -10.06
C HIS B 163 -17.51 -28.03 -10.44
N VAL B 164 -16.24 -27.64 -10.41
CA VAL B 164 -15.81 -26.36 -10.95
C VAL B 164 -15.24 -26.64 -12.34
N CYS B 165 -14.68 -27.85 -12.50
CA CYS B 165 -14.17 -28.28 -13.80
C CYS B 165 -15.27 -28.46 -14.82
N LEU B 166 -16.46 -28.87 -14.38
CA LEU B 166 -17.56 -29.10 -15.32
C LEU B 166 -18.28 -27.81 -15.65
N ARG B 167 -18.38 -26.89 -14.68
CA ARG B 167 -19.11 -25.66 -14.87
C ARG B 167 -18.42 -24.74 -15.88
N GLN B 168 -17.12 -24.83 -15.99
CA GLN B 168 -16.40 -24.06 -17.00
C GLN B 168 -16.34 -24.77 -18.35
N LEU B 169 -16.99 -25.92 -18.51
CA LEU B 169 -17.11 -26.57 -19.81
C LEU B 169 -18.40 -26.21 -20.52
N LEU B 170 -19.51 -26.11 -19.78
CA LEU B 170 -20.76 -25.61 -20.33
C LEU B 170 -20.60 -24.21 -20.87
N THR B 171 -19.88 -23.38 -20.13
CA THR B 171 -19.63 -22.01 -20.56
C THR B 171 -18.78 -21.99 -21.83
N PHE B 172 -17.89 -22.97 -22.00
CA PHE B 172 -17.06 -22.98 -23.20
C PHE B 172 -17.83 -23.45 -24.42
N PHE B 173 -18.53 -24.57 -24.32
CA PHE B 173 -19.24 -25.04 -25.51
C PHE B 173 -20.56 -24.33 -25.73
N GLU B 174 -20.96 -23.43 -24.82
CA GLU B 174 -22.17 -22.63 -24.99
C GLU B 174 -21.84 -21.25 -25.54
N LYS B 175 -21.01 -20.49 -24.82
CA LYS B 175 -20.73 -19.11 -25.20
C LYS B 175 -19.50 -19.00 -26.09
N ALA B 176 -19.42 -19.80 -27.13
CA ALA B 176 -18.37 -19.65 -28.11
C ALA B 176 -18.96 -19.85 -29.49
N ALA B 177 -18.21 -19.43 -30.51
CA ALA B 177 -18.65 -19.63 -31.88
C ALA B 177 -18.60 -21.11 -32.22
N GLU B 178 -19.66 -21.57 -32.87
CA GLU B 178 -19.80 -22.97 -33.27
C GLU B 178 -18.65 -23.54 -34.13
N PRO B 179 -18.07 -22.84 -35.12
CA PRO B 179 -16.89 -23.40 -35.79
C PRO B 179 -15.66 -23.48 -34.90
N HIS B 180 -15.61 -22.76 -33.79
CA HIS B 180 -14.48 -22.87 -32.89
C HIS B 180 -14.59 -24.08 -31.98
N ALA B 181 -15.80 -24.37 -31.49
CA ALA B 181 -15.97 -25.52 -30.60
C ALA B 181 -15.95 -26.83 -31.38
N GLN B 182 -16.68 -26.89 -32.50
CA GLN B 182 -16.78 -28.13 -33.26
C GLN B 182 -15.45 -28.57 -33.86
N GLY B 183 -14.55 -27.63 -34.10
CA GLY B 183 -13.23 -27.98 -34.59
C GLY B 183 -12.31 -28.41 -33.47
N LEU B 184 -12.52 -27.86 -32.28
CA LEU B 184 -11.67 -28.21 -31.15
C LEU B 184 -11.96 -29.61 -30.67
N LEU B 185 -13.25 -29.96 -30.49
CA LEU B 185 -13.52 -31.28 -29.94
C LEU B 185 -13.40 -32.38 -30.99
N LEU B 186 -14.25 -32.35 -32.00
CA LEU B 186 -14.30 -33.40 -33.02
C LEU B 186 -13.19 -33.15 -34.02
N CYS B 187 -12.11 -33.90 -33.90
CA CYS B 187 -11.00 -33.63 -34.79
C CYS B 187 -10.45 -34.91 -35.40
N PRO B 188 -10.08 -34.88 -36.68
CA PRO B 188 -9.66 -36.11 -37.36
C PRO B 188 -8.25 -36.55 -37.00
N CYS B 189 -7.94 -37.76 -37.45
CA CYS B 189 -6.72 -38.47 -37.08
C CYS B 189 -6.60 -39.68 -37.99
N ALA B 190 -5.50 -40.40 -37.85
CA ALA B 190 -5.35 -41.71 -38.46
C ALA B 190 -5.58 -42.79 -37.39
N PRO B 191 -5.80 -44.04 -37.79
CA PRO B 191 -5.82 -45.10 -36.76
C PRO B 191 -4.48 -45.33 -36.08
N ASN B 192 -3.37 -45.26 -36.81
CA ASN B 192 -2.07 -45.46 -36.19
C ASN B 192 -1.51 -44.20 -35.53
N ASP B 193 -2.11 -43.04 -35.78
CA ASP B 193 -1.61 -41.78 -35.26
C ASP B 193 -1.97 -41.64 -33.79
N ARG B 194 -1.08 -42.07 -32.91
CA ARG B 194 -1.39 -42.22 -31.50
C ARG B 194 -1.52 -40.89 -30.78
N GLY B 195 -0.60 -39.96 -31.03
CA GLY B 195 -0.61 -38.66 -30.39
C GLY B 195 -1.59 -37.67 -30.96
N CYS B 196 -2.51 -38.12 -31.81
CA CYS B 196 -3.60 -37.29 -32.32
C CYS B 196 -4.95 -37.73 -31.78
N GLY B 197 -5.07 -38.98 -31.33
CA GLY B 197 -6.27 -39.42 -30.67
C GLY B 197 -6.11 -39.39 -29.17
N GLU B 198 -4.87 -39.56 -28.70
CA GLU B 198 -4.62 -39.51 -27.26
C GLU B 198 -4.86 -38.11 -26.71
N ARG B 199 -4.57 -37.08 -27.50
CA ARG B 199 -4.92 -35.72 -27.10
C ARG B 199 -6.43 -35.51 -27.13
N ARG B 200 -7.09 -36.02 -28.18
CA ARG B 200 -8.52 -35.80 -28.38
C ARG B 200 -9.35 -36.44 -27.28
N ARG B 201 -8.91 -37.60 -26.78
CA ARG B 201 -9.56 -38.18 -25.62
C ARG B 201 -9.41 -37.30 -24.40
N ASN B 202 -8.28 -36.58 -24.29
CA ASN B 202 -7.95 -35.78 -23.12
C ASN B 202 -8.19 -34.29 -23.33
N THR B 203 -9.14 -33.93 -24.19
CA THR B 203 -9.40 -32.50 -24.39
C THR B 203 -10.41 -31.97 -23.39
N ILE B 204 -11.38 -32.79 -22.99
CA ILE B 204 -12.37 -32.32 -22.02
C ILE B 204 -11.92 -32.65 -20.62
N ALA B 205 -10.67 -33.05 -20.47
CA ALA B 205 -9.98 -33.40 -19.23
C ALA B 205 -10.73 -34.49 -18.47
N PRO B 206 -10.69 -35.74 -18.94
CA PRO B 206 -11.51 -36.78 -18.33
C PRO B 206 -11.04 -37.27 -16.98
N ASN B 207 -9.76 -37.07 -16.62
CA ASN B 207 -9.30 -37.51 -15.32
C ASN B 207 -9.89 -36.70 -14.18
N CYS B 208 -10.35 -35.48 -14.45
CA CYS B 208 -11.06 -34.70 -13.46
C CYS B 208 -12.54 -34.58 -13.75
N ALA B 209 -12.95 -34.56 -15.03
CA ALA B 209 -14.36 -34.45 -15.36
C ALA B 209 -15.10 -35.77 -15.17
N LEU B 210 -14.57 -36.85 -15.72
CA LEU B 210 -15.26 -38.12 -15.54
C LEU B 210 -14.94 -38.71 -14.16
N PRO B 211 -15.92 -39.33 -13.51
CA PRO B 211 -15.71 -39.84 -12.15
C PRO B 211 -14.78 -41.03 -12.15
N PRO B 212 -14.11 -41.31 -11.03
CA PRO B 212 -13.13 -42.42 -11.01
C PRO B 212 -13.78 -43.78 -11.07
N VAL B 213 -14.86 -43.99 -10.33
CA VAL B 213 -15.61 -45.24 -10.37
C VAL B 213 -16.71 -45.09 -11.41
N ALA B 214 -16.95 -46.13 -12.18
CA ALA B 214 -18.00 -46.10 -13.19
C ALA B 214 -19.32 -46.47 -12.55
N PRO B 215 -20.29 -45.58 -12.49
CA PRO B 215 -21.56 -45.90 -11.83
C PRO B 215 -22.46 -46.68 -12.77
N ASN B 216 -23.63 -47.06 -12.25
CA ASN B 216 -24.63 -47.72 -13.08
C ASN B 216 -25.22 -46.70 -14.05
N CYS B 217 -25.43 -47.13 -15.28
CA CYS B 217 -25.68 -46.17 -16.35
C CYS B 217 -27.10 -45.67 -16.38
N LEU B 218 -28.01 -46.29 -15.62
CA LEU B 218 -29.31 -45.71 -15.37
C LEU B 218 -29.27 -44.74 -14.20
N GLU B 219 -28.33 -44.93 -13.28
CA GLU B 219 -28.17 -43.98 -12.18
C GLU B 219 -27.63 -42.66 -12.68
N LEU B 220 -26.76 -42.70 -13.67
CA LEU B 220 -26.18 -41.49 -14.24
C LEU B 220 -27.22 -40.65 -14.97
N ARG B 221 -28.27 -41.28 -15.50
CA ARG B 221 -29.36 -40.54 -16.12
C ARG B 221 -30.24 -39.88 -15.07
N ARG B 222 -30.31 -40.46 -13.87
CA ARG B 222 -31.15 -39.91 -12.81
C ARG B 222 -30.65 -38.55 -12.35
N LEU B 223 -29.33 -38.42 -12.16
CA LEU B 223 -28.72 -37.14 -11.84
C LEU B 223 -28.86 -36.12 -12.96
N CYS B 224 -28.93 -36.58 -14.21
CA CYS B 224 -29.22 -35.67 -15.30
C CYS B 224 -30.67 -35.18 -15.26
N PHE B 225 -31.61 -36.07 -14.96
CA PHE B 225 -33.01 -35.68 -14.89
C PHE B 225 -33.30 -34.76 -13.72
N SER B 226 -32.51 -34.84 -12.65
CA SER B 226 -32.76 -33.95 -11.51
C SER B 226 -32.44 -32.50 -11.83
N ASP B 227 -31.32 -32.22 -12.49
CA ASP B 227 -30.96 -30.84 -12.78
C ASP B 227 -31.64 -30.40 -14.07
N PRO B 228 -32.32 -29.25 -14.08
CA PRO B 228 -33.05 -28.83 -15.29
C PRO B 228 -32.20 -28.24 -16.40
N LEU B 229 -30.88 -28.24 -16.30
CA LEU B 229 -30.08 -27.89 -17.46
C LEU B 229 -29.68 -29.13 -18.26
N CYS B 230 -29.25 -30.18 -17.57
CA CYS B 230 -28.91 -31.43 -18.24
C CYS B 230 -30.14 -32.06 -18.87
N ARG B 231 -31.32 -31.90 -18.28
CA ARG B 231 -32.54 -32.41 -18.89
C ARG B 231 -32.83 -31.71 -20.20
N SER B 232 -32.68 -30.39 -20.24
CA SER B 232 -32.85 -29.65 -21.49
C SER B 232 -31.79 -30.01 -22.52
N ARG B 233 -30.56 -30.28 -22.07
CA ARG B 233 -29.52 -30.66 -23.01
C ARG B 233 -29.65 -32.09 -23.50
N LEU B 234 -30.32 -32.95 -22.74
CA LEU B 234 -30.45 -34.35 -23.11
C LEU B 234 -31.66 -34.58 -24.00
N VAL B 235 -32.76 -33.86 -23.74
CA VAL B 235 -33.96 -34.02 -24.54
C VAL B 235 -33.74 -33.54 -25.98
N ASP B 236 -32.90 -32.52 -26.18
CA ASP B 236 -32.57 -32.11 -27.53
C ASP B 236 -31.74 -33.17 -28.27
N PHE B 237 -30.90 -33.93 -27.56
CA PHE B 237 -30.13 -34.97 -28.20
C PHE B 237 -30.96 -36.21 -28.50
N GLN B 238 -31.92 -36.53 -27.63
CA GLN B 238 -32.89 -37.57 -27.96
C GLN B 238 -33.90 -37.11 -29.00
N THR B 239 -33.99 -35.81 -29.27
CA THR B 239 -34.81 -35.31 -30.35
C THR B 239 -34.09 -35.38 -31.68
N HIS B 240 -32.95 -34.69 -31.80
CA HIS B 240 -32.36 -34.39 -33.08
C HIS B 240 -31.37 -35.43 -33.58
N CYS B 241 -31.02 -36.43 -32.77
CA CYS B 241 -30.08 -37.45 -33.20
C CYS B 241 -30.61 -38.85 -33.01
N HIS B 242 -31.93 -39.01 -33.01
CA HIS B 242 -32.54 -40.32 -32.83
C HIS B 242 -32.25 -41.20 -34.03
N PRO B 243 -31.94 -42.50 -33.82
CA PRO B 243 -31.62 -43.35 -34.97
C PRO B 243 -32.86 -43.65 -35.77
N MET B 244 -33.02 -42.93 -36.86
CA MET B 244 -34.26 -43.03 -37.61
C MET B 244 -34.22 -44.21 -38.56
N ASP B 245 -33.12 -44.37 -39.28
CA ASP B 245 -32.93 -45.46 -40.21
C ASP B 245 -31.59 -46.12 -39.93
N ILE B 246 -31.52 -47.42 -40.18
CA ILE B 246 -30.33 -48.21 -39.84
C ILE B 246 -29.24 -48.06 -40.88
N LEU B 247 -29.50 -47.26 -41.92
CA LEU B 247 -28.47 -46.87 -42.87
C LEU B 247 -27.69 -45.65 -42.40
N GLY B 248 -28.32 -44.76 -41.65
CA GLY B 248 -27.64 -43.59 -41.12
C GLY B 248 -28.42 -42.31 -41.25
N THR B 249 -29.65 -42.39 -41.73
CA THR B 249 -30.45 -41.20 -41.94
C THR B 249 -30.97 -40.66 -40.61
N CYS B 250 -30.68 -39.40 -40.35
CA CYS B 250 -31.11 -38.74 -39.13
C CYS B 250 -32.54 -38.24 -39.26
N ALA B 251 -33.07 -37.72 -38.15
CA ALA B 251 -34.48 -37.36 -38.10
C ALA B 251 -34.73 -36.00 -38.75
N THR B 252 -34.01 -34.97 -38.32
CA THR B 252 -34.26 -33.60 -38.77
C THR B 252 -33.13 -33.06 -39.64
N GLU B 253 -31.92 -32.96 -39.10
CA GLU B 253 -30.75 -32.51 -39.83
C GLU B 253 -29.52 -33.18 -39.27
N GLN B 254 -28.50 -33.34 -40.12
CA GLN B 254 -27.18 -33.70 -39.65
C GLN B 254 -26.33 -32.48 -39.34
N SER B 255 -26.96 -31.32 -39.17
CA SER B 255 -26.30 -30.11 -38.66
C SER B 255 -26.73 -29.78 -37.26
N ARG B 256 -28.01 -29.96 -36.95
CA ARG B 256 -28.52 -29.79 -35.60
C ARG B 256 -28.31 -31.02 -34.73
N CYS B 257 -27.60 -32.04 -35.23
CA CYS B 257 -27.27 -33.17 -34.39
C CYS B 257 -26.10 -32.86 -33.48
N LEU B 258 -25.05 -32.25 -34.02
CA LEU B 258 -23.89 -31.95 -33.19
C LEU B 258 -24.16 -30.79 -32.24
N ARG B 259 -25.08 -29.89 -32.58
CA ARG B 259 -25.46 -28.84 -31.64
C ARG B 259 -26.16 -29.42 -30.43
N ALA B 260 -26.94 -30.47 -30.61
CA ALA B 260 -27.52 -31.15 -29.47
C ALA B 260 -26.52 -32.07 -28.79
N TYR B 261 -25.51 -32.53 -29.54
CA TYR B 261 -24.51 -33.42 -28.98
C TYR B 261 -23.55 -32.69 -28.05
N LEU B 262 -22.95 -31.59 -28.53
CA LEU B 262 -21.95 -30.87 -27.75
C LEU B 262 -22.54 -30.17 -26.53
N GLY B 263 -23.84 -30.04 -26.45
CA GLY B 263 -24.45 -29.56 -25.23
C GLY B 263 -24.43 -30.55 -24.10
N LEU B 264 -23.99 -31.79 -24.34
CA LEU B 264 -23.92 -32.80 -23.32
C LEU B 264 -22.58 -32.87 -22.61
N ILE B 265 -21.61 -32.05 -22.99
CA ILE B 265 -20.25 -32.25 -22.52
C ILE B 265 -20.09 -31.75 -21.09
N GLY B 266 -20.53 -30.55 -20.81
CA GLY B 266 -20.37 -30.10 -19.44
C GLY B 266 -21.36 -30.66 -18.45
N THR B 267 -22.32 -31.46 -18.90
CA THR B 267 -23.34 -31.97 -18.01
C THR B 267 -22.83 -33.19 -17.26
N ALA B 268 -23.74 -33.88 -16.56
CA ALA B 268 -23.34 -35.05 -15.80
C ALA B 268 -23.11 -36.26 -16.71
N MET B 269 -23.78 -36.31 -17.85
CA MET B 269 -23.66 -37.42 -18.78
C MET B 269 -22.63 -37.11 -19.87
N THR B 270 -21.42 -36.83 -19.44
CA THR B 270 -20.39 -36.37 -20.36
C THR B 270 -19.88 -37.52 -21.21
N PRO B 271 -20.04 -37.48 -22.53
CA PRO B 271 -19.47 -38.53 -23.36
C PRO B 271 -18.02 -38.22 -23.68
N ASN B 272 -17.25 -39.28 -23.90
CA ASN B 272 -15.89 -39.05 -24.32
C ASN B 272 -15.47 -40.22 -25.18
N PHE B 273 -14.41 -40.00 -25.94
CA PHE B 273 -13.88 -41.04 -26.80
C PHE B 273 -13.25 -42.14 -25.96
N VAL B 274 -13.70 -43.37 -26.16
CA VAL B 274 -13.24 -44.47 -25.32
C VAL B 274 -11.81 -44.83 -25.64
N SER B 275 -11.54 -45.20 -26.87
CA SER B 275 -10.20 -45.60 -27.24
C SER B 275 -9.42 -44.36 -27.67
N ASN B 276 -8.25 -44.62 -28.25
CA ASN B 276 -7.43 -43.59 -28.83
C ASN B 276 -7.07 -43.87 -30.28
N VAL B 277 -7.63 -44.93 -30.86
CA VAL B 277 -7.38 -45.28 -32.26
C VAL B 277 -8.59 -45.07 -33.15
N ASN B 278 -9.79 -44.97 -32.60
CA ASN B 278 -10.98 -44.84 -33.42
C ASN B 278 -11.93 -43.83 -32.77
N THR B 279 -12.99 -43.49 -33.49
CA THR B 279 -13.93 -42.46 -33.05
C THR B 279 -15.17 -43.07 -32.41
N SER B 280 -15.04 -44.22 -31.76
CA SER B 280 -16.16 -44.75 -30.99
C SER B 280 -16.27 -43.99 -29.68
N VAL B 281 -17.46 -43.48 -29.39
CA VAL B 281 -17.69 -42.61 -28.25
C VAL B 281 -18.83 -43.17 -27.43
N ALA B 282 -18.64 -43.23 -26.12
CA ALA B 282 -19.66 -43.74 -25.22
C ALA B 282 -19.57 -42.99 -23.92
N LEU B 283 -20.52 -43.26 -23.03
CA LEU B 283 -20.41 -42.72 -21.69
C LEU B 283 -19.36 -43.48 -20.90
N SER B 284 -19.07 -42.99 -19.69
CA SER B 284 -18.31 -43.77 -18.71
C SER B 284 -19.31 -44.35 -17.73
N CYS B 285 -19.90 -45.48 -18.12
CA CYS B 285 -20.92 -46.13 -17.31
C CYS B 285 -20.95 -47.61 -17.66
N THR B 286 -21.52 -48.39 -16.75
CA THR B 286 -21.66 -49.83 -16.95
C THR B 286 -23.04 -50.30 -16.54
N CYS B 287 -23.52 -51.32 -17.23
CA CYS B 287 -24.83 -51.91 -16.94
C CYS B 287 -24.69 -53.16 -16.09
N ARG B 288 -23.72 -53.18 -15.17
CA ARG B 288 -23.49 -54.37 -14.36
C ARG B 288 -24.58 -54.55 -13.32
N GLY B 289 -24.67 -53.64 -12.37
CA GLY B 289 -25.70 -53.75 -11.34
C GLY B 289 -27.02 -53.17 -11.78
N SER B 290 -27.57 -53.68 -12.88
CA SER B 290 -28.78 -53.11 -13.44
C SER B 290 -30.04 -53.68 -12.82
N GLY B 291 -29.96 -54.90 -12.31
CA GLY B 291 -31.18 -55.59 -11.92
C GLY B 291 -31.86 -56.11 -13.15
N ASN B 292 -33.14 -55.81 -13.31
CA ASN B 292 -33.90 -56.33 -14.42
C ASN B 292 -34.01 -55.34 -15.58
N LEU B 293 -33.65 -54.08 -15.38
CA LEU B 293 -33.69 -53.08 -16.44
C LEU B 293 -32.41 -53.15 -17.29
N GLN B 294 -32.22 -54.29 -17.94
CA GLN B 294 -31.02 -54.45 -18.74
C GLN B 294 -31.17 -53.78 -20.09
N GLU B 295 -32.33 -53.97 -20.74
CA GLU B 295 -32.53 -53.37 -22.06
C GLU B 295 -32.76 -51.86 -21.97
N GLU B 296 -33.31 -51.38 -20.86
CA GLU B 296 -33.43 -49.94 -20.65
C GLU B 296 -32.08 -49.28 -20.46
N CYS B 297 -31.06 -50.05 -20.07
CA CYS B 297 -29.68 -49.60 -19.96
C CYS B 297 -28.87 -49.90 -21.21
N GLU B 298 -29.09 -51.06 -21.81
CA GLU B 298 -28.41 -51.40 -23.06
C GLU B 298 -28.83 -50.53 -24.21
N MET B 299 -30.08 -50.07 -24.24
CA MET B 299 -30.46 -49.18 -25.33
C MET B 299 -29.95 -47.77 -25.09
N LEU B 300 -29.89 -47.34 -23.84
CA LEU B 300 -29.36 -46.03 -23.51
C LEU B 300 -27.87 -45.96 -23.78
N GLU B 301 -27.16 -47.07 -23.64
CA GLU B 301 -25.78 -47.10 -24.12
C GLU B 301 -25.68 -47.32 -25.62
N GLY B 302 -26.65 -48.02 -26.21
CA GLY B 302 -26.69 -48.16 -27.66
C GLY B 302 -27.15 -46.93 -28.38
N PHE B 303 -27.60 -45.93 -27.64
CA PHE B 303 -27.90 -44.61 -28.18
C PHE B 303 -26.64 -43.76 -28.29
N PHE B 304 -25.51 -44.27 -27.80
CA PHE B 304 -24.21 -43.64 -27.94
C PHE B 304 -23.23 -44.47 -28.74
N SER B 305 -23.26 -45.80 -28.63
CA SER B 305 -22.32 -46.66 -29.34
C SER B 305 -22.95 -47.47 -30.47
N HIS B 306 -24.24 -47.30 -30.74
CA HIS B 306 -24.90 -47.96 -31.84
C HIS B 306 -25.87 -47.01 -32.53
N ASN B 307 -25.47 -45.74 -32.61
CA ASN B 307 -26.25 -44.73 -33.29
C ASN B 307 -25.75 -44.64 -34.72
N PRO B 308 -26.58 -44.89 -35.72
CA PRO B 308 -26.15 -44.63 -37.09
C PRO B 308 -26.10 -43.14 -37.39
N CYS B 309 -27.09 -42.44 -36.84
CA CYS B 309 -27.24 -41.00 -37.07
C CYS B 309 -26.08 -40.20 -36.52
N LEU B 310 -25.76 -40.41 -35.24
CA LEU B 310 -24.67 -39.67 -34.61
C LEU B 310 -23.33 -40.02 -35.22
N THR B 311 -23.14 -41.28 -35.61
CA THR B 311 -21.86 -41.68 -36.17
C THR B 311 -21.68 -41.09 -37.57
N GLU B 312 -22.73 -41.06 -38.39
CA GLU B 312 -22.58 -40.42 -39.69
C GLU B 312 -22.51 -38.90 -39.57
N ALA B 313 -23.09 -38.32 -38.51
CA ALA B 313 -22.96 -36.88 -38.31
C ALA B 313 -21.54 -36.50 -37.93
N ILE B 314 -20.95 -37.23 -36.97
CA ILE B 314 -19.58 -36.96 -36.59
C ILE B 314 -18.62 -37.31 -37.75
N ALA B 315 -18.96 -38.31 -38.55
CA ALA B 315 -18.15 -38.61 -39.74
C ALA B 315 -18.25 -37.54 -40.81
N ALA B 316 -19.43 -36.95 -41.00
CA ALA B 316 -19.58 -35.82 -41.91
C ALA B 316 -18.85 -34.59 -41.42
N LYS B 317 -18.73 -34.42 -40.11
CA LYS B 317 -17.96 -33.30 -39.60
C LYS B 317 -16.45 -33.54 -39.72
N MET B 318 -15.99 -34.75 -39.48
CA MET B 318 -14.58 -35.04 -39.64
C MET B 318 -14.14 -35.06 -41.09
N ARG B 319 -15.02 -35.45 -42.02
CA ARG B 319 -14.70 -35.34 -43.44
C ARG B 319 -14.75 -33.91 -43.94
N PHE B 320 -15.32 -32.99 -43.18
CA PHE B 320 -15.20 -31.57 -43.48
C PHE B 320 -13.95 -30.97 -42.85
N HIS B 321 -13.56 -31.46 -41.69
CA HIS B 321 -12.34 -30.98 -41.06
C HIS B 321 -11.09 -31.51 -41.75
N SER B 322 -11.19 -32.65 -42.43
CA SER B 322 -10.10 -33.07 -43.30
C SER B 322 -10.20 -32.49 -44.71
N GLN B 323 -11.16 -31.58 -44.93
CA GLN B 323 -11.22 -30.77 -46.13
C GLN B 323 -10.82 -29.33 -45.85
N LEU B 324 -10.99 -28.88 -44.60
CA LEU B 324 -10.95 -27.47 -44.27
C LEU B 324 -9.52 -26.93 -44.23
N PHE B 325 -8.70 -27.43 -43.31
CA PHE B 325 -7.32 -26.97 -43.26
C PHE B 325 -6.32 -28.10 -43.46
N SER B 326 -6.70 -29.18 -44.12
CA SER B 326 -5.77 -30.28 -44.35
C SER B 326 -4.76 -29.94 -45.43
N LEU C 1 -50.23 -59.20 -17.32
CA LEU C 1 -50.22 -58.67 -18.68
C LEU C 1 -48.99 -57.85 -18.97
N TYR C 2 -48.42 -58.06 -20.15
CA TYR C 2 -47.33 -57.25 -20.66
C TYR C 2 -47.30 -57.38 -22.17
N PHE C 3 -46.86 -56.31 -22.84
CA PHE C 3 -46.66 -56.37 -24.28
C PHE C 3 -45.41 -57.16 -24.62
N SER C 4 -45.39 -57.73 -25.81
CA SER C 4 -44.22 -58.43 -26.26
C SER C 4 -43.12 -57.49 -26.73
N ARG C 5 -43.44 -56.23 -26.98
CA ARG C 5 -42.46 -55.25 -27.39
C ARG C 5 -42.72 -54.00 -26.58
N ASP C 6 -42.08 -52.90 -26.96
CA ASP C 6 -42.41 -51.61 -26.41
C ASP C 6 -42.68 -50.54 -27.45
N ALA C 7 -42.15 -50.68 -28.67
CA ALA C 7 -42.34 -49.72 -29.74
C ALA C 7 -42.83 -50.42 -30.98
N TYR C 8 -43.83 -49.83 -31.63
CA TYR C 8 -44.39 -50.36 -32.86
C TYR C 8 -44.26 -49.33 -33.97
N TRP C 9 -44.02 -49.80 -35.19
CA TRP C 9 -43.73 -48.93 -36.32
C TRP C 9 -44.64 -49.24 -37.49
N GLU C 10 -45.14 -48.19 -38.15
CA GLU C 10 -46.06 -48.35 -39.26
C GLU C 10 -45.93 -47.12 -40.15
N LYS C 11 -46.19 -47.30 -41.45
CA LYS C 11 -46.10 -46.23 -42.43
C LYS C 11 -47.50 -45.89 -42.93
N LEU C 12 -47.78 -44.59 -43.05
CA LEU C 12 -49.01 -44.10 -43.64
C LEU C 12 -48.70 -43.40 -44.96
N TYR C 13 -49.63 -43.47 -45.90
CA TYR C 13 -49.44 -42.83 -47.19
C TYR C 13 -50.68 -42.02 -47.56
N VAL C 14 -50.54 -41.23 -48.63
CA VAL C 14 -51.61 -40.35 -49.09
C VAL C 14 -52.74 -41.18 -49.70
N ASP C 15 -53.97 -40.85 -49.33
CA ASP C 15 -55.20 -41.25 -50.03
C ASP C 15 -55.44 -42.76 -49.97
N GLN C 16 -54.99 -43.40 -48.89
CA GLN C 16 -55.29 -44.81 -48.73
C GLN C 16 -56.73 -44.99 -48.28
N ALA C 17 -57.24 -46.20 -48.48
CA ALA C 17 -58.66 -46.45 -48.34
C ALA C 17 -59.09 -46.56 -46.88
N ALA C 18 -60.38 -46.33 -46.65
CA ALA C 18 -60.94 -46.48 -45.32
C ALA C 18 -61.02 -47.95 -44.94
N GLY C 19 -60.90 -48.22 -43.65
CA GLY C 19 -60.94 -49.59 -43.18
C GLY C 19 -59.72 -50.42 -43.51
N THR C 20 -58.62 -49.78 -43.88
CA THR C 20 -57.39 -50.49 -44.26
C THR C 20 -56.67 -50.98 -43.00
N PRO C 21 -56.34 -52.27 -42.92
CA PRO C 21 -55.74 -52.81 -41.70
C PRO C 21 -54.28 -52.38 -41.59
N LEU C 22 -53.89 -51.78 -40.46
CA LEU C 22 -52.52 -51.33 -40.29
C LEU C 22 -51.66 -52.37 -39.57
N LEU C 23 -51.97 -52.71 -38.32
CA LEU C 23 -51.16 -53.68 -37.59
C LEU C 23 -51.95 -54.30 -36.45
N TYR C 24 -51.47 -55.47 -36.03
CA TYR C 24 -51.91 -56.13 -34.81
C TYR C 24 -51.06 -55.66 -33.63
N VAL C 25 -51.55 -55.95 -32.43
CA VAL C 25 -50.76 -55.83 -31.22
C VAL C 25 -50.83 -57.14 -30.45
N HIS C 26 -49.85 -57.36 -29.59
CA HIS C 26 -49.72 -58.61 -28.87
C HIS C 26 -49.52 -58.33 -27.39
N ALA C 27 -50.05 -59.20 -26.55
CA ALA C 27 -49.97 -59.04 -25.11
C ALA C 27 -49.99 -60.41 -24.47
N LEU C 28 -48.93 -60.76 -23.76
CA LEU C 28 -48.84 -62.07 -23.14
C LEU C 28 -49.51 -62.05 -21.77
N ARG C 29 -49.49 -63.19 -21.10
CA ARG C 29 -50.24 -63.40 -19.87
C ARG C 29 -49.30 -63.67 -18.71
N ASP C 30 -49.60 -63.07 -17.56
CA ASP C 30 -48.93 -63.41 -16.32
C ASP C 30 -49.59 -64.58 -15.61
N ALA C 31 -50.79 -64.95 -16.02
CA ALA C 31 -51.67 -65.81 -15.25
C ALA C 31 -52.59 -66.54 -16.23
N PRO C 32 -53.24 -67.63 -15.79
CA PRO C 32 -54.19 -68.31 -16.69
C PRO C 32 -55.56 -67.64 -16.81
N GLU C 33 -55.72 -66.39 -16.39
CA GLU C 33 -57.03 -65.75 -16.37
C GLU C 33 -57.10 -64.46 -17.18
N GLU C 34 -55.97 -63.88 -17.51
CA GLU C 34 -55.90 -62.51 -18.04
C GLU C 34 -56.17 -62.53 -19.54
N VAL C 35 -57.13 -61.73 -19.98
CA VAL C 35 -57.43 -61.54 -21.39
C VAL C 35 -57.12 -60.09 -21.74
N PRO C 36 -56.36 -59.81 -22.79
CA PRO C 36 -55.99 -58.43 -23.08
C PRO C 36 -57.13 -57.60 -23.66
N SER C 37 -57.24 -56.39 -23.14
CA SER C 37 -58.12 -55.36 -23.68
C SER C 37 -57.24 -54.26 -24.27
N PHE C 38 -57.70 -53.65 -25.36
CA PHE C 38 -56.88 -52.65 -26.02
C PHE C 38 -57.68 -51.39 -26.28
N ARG C 39 -57.14 -50.25 -25.82
CA ARG C 39 -57.69 -48.95 -26.12
C ARG C 39 -56.60 -48.10 -26.75
N LEU C 40 -57.00 -47.21 -27.64
CA LEU C 40 -56.07 -46.27 -28.25
C LEU C 40 -55.92 -45.05 -27.34
N GLY C 41 -55.22 -44.05 -27.83
CA GLY C 41 -55.22 -42.74 -27.23
C GLY C 41 -56.29 -41.87 -27.85
N GLN C 42 -56.08 -40.57 -27.77
CA GLN C 42 -56.95 -39.61 -28.43
C GLN C 42 -56.18 -38.57 -29.23
N HIS C 43 -54.93 -38.30 -28.90
CA HIS C 43 -54.18 -37.24 -29.54
C HIS C 43 -52.82 -37.72 -30.00
N LEU C 44 -52.52 -37.43 -31.26
CA LEU C 44 -51.27 -37.79 -31.91
C LEU C 44 -50.14 -36.97 -31.30
N TYR C 45 -49.20 -37.63 -30.65
CA TYR C 45 -48.04 -36.88 -30.21
C TYR C 45 -47.08 -36.73 -31.38
N GLY C 46 -46.05 -35.94 -31.20
CA GLY C 46 -45.09 -35.68 -32.26
C GLY C 46 -43.70 -35.63 -31.71
N THR C 47 -42.79 -35.07 -32.51
CA THR C 47 -41.43 -34.83 -32.04
C THR C 47 -41.47 -33.79 -30.94
N TYR C 48 -40.75 -34.06 -29.85
CA TYR C 48 -40.87 -33.37 -28.57
C TYR C 48 -42.32 -33.39 -28.08
N ARG C 49 -42.87 -34.62 -28.06
CA ARG C 49 -44.03 -35.10 -27.29
C ARG C 49 -45.19 -34.11 -27.07
N THR C 50 -45.61 -33.43 -28.13
CA THR C 50 -46.65 -32.41 -28.04
C THR C 50 -47.82 -32.78 -28.94
N ARG C 51 -49.04 -32.66 -28.41
CA ARG C 51 -50.25 -33.07 -29.12
C ARG C 51 -50.49 -32.18 -30.34
N LEU C 52 -50.69 -32.81 -31.51
CA LEU C 52 -50.86 -32.03 -32.72
C LEU C 52 -52.34 -31.82 -33.05
N HIS C 53 -53.08 -32.91 -33.23
CA HIS C 53 -54.51 -32.84 -33.48
C HIS C 53 -55.12 -34.16 -33.04
N GLU C 54 -56.41 -34.12 -32.72
CA GLU C 54 -57.10 -35.31 -32.22
C GLU C 54 -57.20 -36.38 -33.30
N ASN C 55 -57.06 -37.64 -32.89
CA ASN C 55 -57.19 -38.78 -33.78
C ASN C 55 -58.62 -38.88 -34.28
N ASN C 56 -58.83 -38.42 -35.50
CA ASN C 56 -60.09 -38.58 -36.20
C ASN C 56 -59.99 -39.65 -37.28
N TRP C 57 -58.89 -40.38 -37.33
CA TRP C 57 -58.61 -41.20 -38.50
C TRP C 57 -58.35 -42.66 -38.19
N ILE C 58 -57.85 -42.99 -37.01
CA ILE C 58 -57.45 -44.35 -36.69
C ILE C 58 -58.37 -44.88 -35.59
N CYS C 59 -58.96 -46.05 -35.83
CA CYS C 59 -59.79 -46.73 -34.86
C CYS C 59 -59.19 -48.11 -34.57
N ILE C 60 -59.74 -48.76 -33.55
CA ILE C 60 -59.20 -50.03 -33.07
C ILE C 60 -60.33 -51.04 -32.91
N GLN C 61 -60.00 -52.31 -33.13
CA GLN C 61 -60.81 -53.44 -32.69
C GLN C 61 -60.13 -54.10 -31.50
N GLU C 62 -60.87 -54.17 -30.39
CA GLU C 62 -60.35 -54.67 -29.13
C GLU C 62 -60.14 -56.18 -29.13
N ASP C 63 -60.83 -56.91 -30.02
CA ASP C 63 -60.81 -58.37 -29.96
C ASP C 63 -59.44 -58.94 -30.33
N THR C 64 -58.99 -58.68 -31.55
CA THR C 64 -57.66 -59.12 -31.96
C THR C 64 -56.62 -58.04 -31.76
N GLY C 65 -57.03 -56.86 -31.31
CA GLY C 65 -56.13 -55.73 -31.25
C GLY C 65 -55.71 -55.29 -32.63
N LEU C 66 -56.65 -54.76 -33.41
CA LEU C 66 -56.38 -54.38 -34.79
C LEU C 66 -56.46 -52.87 -34.94
N LEU C 67 -55.47 -52.27 -35.58
CA LEU C 67 -55.42 -50.84 -35.83
C LEU C 67 -55.80 -50.60 -37.29
N TYR C 68 -56.79 -49.73 -37.53
CA TYR C 68 -57.29 -49.56 -38.89
C TYR C 68 -57.75 -48.13 -39.11
N LEU C 69 -57.56 -47.65 -40.35
CA LEU C 69 -57.87 -46.29 -40.74
C LEU C 69 -59.38 -46.13 -40.92
N ASN C 70 -60.02 -45.35 -40.06
CA ASN C 70 -61.45 -45.12 -40.24
C ASN C 70 -61.68 -44.02 -41.27
N ARG C 71 -61.24 -42.80 -40.97
CA ARG C 71 -61.21 -41.75 -41.96
C ARG C 71 -59.84 -41.72 -42.62
N SER C 72 -59.74 -41.11 -43.80
CA SER C 72 -58.53 -41.25 -44.59
C SER C 72 -57.75 -39.94 -44.69
N LEU C 73 -56.68 -39.95 -45.47
CA LEU C 73 -55.67 -38.89 -45.46
C LEU C 73 -55.73 -38.07 -46.74
N ASP C 74 -55.40 -36.78 -46.62
CA ASP C 74 -55.22 -35.90 -47.76
C ASP C 74 -54.15 -34.85 -47.42
N HIS C 75 -53.71 -34.12 -48.45
CA HIS C 75 -52.64 -33.14 -48.27
C HIS C 75 -53.06 -31.97 -47.40
N SER C 76 -54.37 -31.68 -47.35
CA SER C 76 -54.85 -30.65 -46.44
C SER C 76 -54.69 -31.05 -44.99
N SER C 77 -54.81 -32.34 -44.68
CA SER C 77 -54.57 -32.79 -43.31
C SER C 77 -53.07 -32.83 -42.98
N TRP C 78 -52.22 -33.10 -43.97
CA TRP C 78 -50.79 -33.16 -43.72
C TRP C 78 -50.10 -31.83 -43.95
N GLU C 79 -50.86 -30.79 -44.28
CA GLU C 79 -50.45 -29.43 -44.01
C GLU C 79 -51.13 -28.87 -42.78
N LYS C 80 -52.24 -29.47 -42.36
CA LYS C 80 -52.84 -29.14 -41.08
C LYS C 80 -51.94 -29.56 -39.93
N LEU C 81 -51.22 -30.67 -40.10
CA LEU C 81 -50.37 -31.20 -39.05
C LEU C 81 -48.94 -30.67 -39.13
N SER C 82 -48.38 -30.53 -40.33
CA SER C 82 -46.96 -30.25 -40.45
C SER C 82 -46.62 -28.80 -40.12
N VAL C 83 -47.61 -27.91 -40.10
CA VAL C 83 -47.37 -26.56 -39.59
C VAL C 83 -47.32 -26.60 -38.06
N ARG C 84 -48.14 -27.44 -37.45
CA ARG C 84 -48.17 -27.66 -36.01
C ARG C 84 -46.89 -28.33 -35.49
N ASN C 85 -46.05 -28.87 -36.36
CA ASN C 85 -44.83 -29.61 -36.03
C ASN C 85 -43.69 -28.71 -35.46
N HIS C 86 -43.97 -27.44 -35.15
CA HIS C 86 -42.98 -26.45 -34.73
C HIS C 86 -41.83 -26.31 -35.73
N GLY C 87 -42.14 -26.46 -37.01
CA GLY C 87 -41.13 -26.32 -38.04
C GLY C 87 -40.17 -27.49 -38.16
N PHE C 88 -40.69 -28.65 -38.54
CA PHE C 88 -39.86 -29.80 -38.89
C PHE C 88 -40.54 -30.58 -40.01
N PRO C 89 -39.78 -31.21 -40.88
CA PRO C 89 -40.39 -32.17 -41.82
C PRO C 89 -40.90 -33.39 -41.08
N LEU C 90 -42.19 -33.67 -41.25
CA LEU C 90 -42.90 -34.62 -40.40
C LEU C 90 -42.66 -36.03 -40.89
N LEU C 91 -41.99 -36.83 -40.07
CA LEU C 91 -41.74 -38.23 -40.37
C LEU C 91 -42.04 -39.15 -39.18
N THR C 92 -42.59 -38.62 -38.09
CA THR C 92 -42.91 -39.43 -36.93
C THR C 92 -43.99 -38.75 -36.11
N VAL C 93 -45.19 -39.34 -36.08
CA VAL C 93 -46.15 -39.06 -35.01
C VAL C 93 -46.31 -40.37 -34.27
N TYR C 94 -47.00 -40.32 -33.13
CA TYR C 94 -47.28 -41.58 -32.44
C TYR C 94 -48.49 -41.45 -31.55
N LEU C 95 -48.94 -42.62 -31.10
CA LEU C 95 -50.05 -42.74 -30.16
C LEU C 95 -49.61 -43.66 -29.03
N LYS C 96 -50.43 -43.71 -27.99
CA LYS C 96 -50.22 -44.69 -26.94
C LYS C 96 -51.24 -45.81 -27.09
N VAL C 97 -50.84 -47.02 -26.70
CA VAL C 97 -51.73 -48.16 -26.57
C VAL C 97 -51.62 -48.62 -25.13
N PHE C 98 -52.71 -48.52 -24.40
CA PHE C 98 -52.76 -49.02 -23.04
C PHE C 98 -53.43 -50.38 -23.05
N LEU C 99 -53.25 -51.13 -21.97
CA LEU C 99 -54.10 -52.28 -21.75
C LEU C 99 -54.58 -52.41 -20.32
N SER C 100 -53.93 -51.74 -19.37
CA SER C 100 -54.36 -51.72 -17.97
C SER C 100 -53.79 -50.50 -17.24
N GLY C 107 -50.15 -39.51 -19.41
CA GLY C 107 -48.98 -39.05 -18.70
C GLY C 107 -47.70 -39.26 -19.48
N GLU C 108 -47.14 -40.47 -19.34
CA GLU C 108 -45.96 -40.87 -20.11
C GLU C 108 -46.01 -42.37 -20.32
N CYS C 109 -45.81 -42.80 -21.56
CA CYS C 109 -45.91 -44.21 -21.91
C CYS C 109 -44.71 -44.98 -21.40
N GLN C 110 -44.94 -45.94 -20.50
CA GLN C 110 -43.88 -46.86 -20.10
C GLN C 110 -44.43 -48.27 -19.95
N TRP C 111 -43.65 -49.23 -20.42
CA TRP C 111 -43.87 -50.65 -20.24
C TRP C 111 -43.88 -50.98 -18.75
N PRO C 112 -44.64 -52.01 -18.31
CA PRO C 112 -45.60 -52.93 -18.93
C PRO C 112 -47.05 -52.44 -18.93
N GLY C 113 -47.23 -51.13 -18.81
CA GLY C 113 -48.57 -50.59 -18.88
C GLY C 113 -48.90 -50.14 -20.28
N CYS C 114 -47.96 -49.48 -20.93
CA CYS C 114 -48.20 -48.83 -22.21
C CYS C 114 -47.28 -49.35 -23.29
N ALA C 115 -47.62 -49.01 -24.53
CA ALA C 115 -46.78 -49.31 -25.68
C ALA C 115 -47.05 -48.26 -26.75
N ARG C 116 -46.01 -47.54 -27.15
CA ARG C 116 -46.21 -46.41 -28.05
C ARG C 116 -46.04 -46.83 -29.51
N VAL C 117 -47.01 -46.44 -30.33
CA VAL C 117 -47.14 -46.91 -31.70
C VAL C 117 -46.84 -45.74 -32.62
N TYR C 118 -45.76 -45.85 -33.38
CA TYR C 118 -45.31 -44.79 -34.27
C TYR C 118 -46.06 -44.85 -35.59
N PHE C 119 -46.01 -43.73 -36.32
CA PHE C 119 -46.53 -43.67 -37.68
C PHE C 119 -45.64 -42.70 -38.45
N SER C 120 -44.96 -43.22 -39.46
CA SER C 120 -44.07 -42.44 -40.33
C SER C 120 -44.79 -42.19 -41.64
N PHE C 121 -45.23 -40.96 -41.84
CA PHE C 121 -45.98 -40.59 -43.02
C PHE C 121 -45.06 -40.16 -44.15
N PHE C 122 -45.47 -40.42 -45.39
CA PHE C 122 -44.72 -40.03 -46.57
C PHE C 122 -45.64 -39.30 -47.56
N ASN C 123 -45.05 -38.38 -48.33
CA ASN C 123 -45.81 -37.49 -49.22
C ASN C 123 -46.41 -38.23 -50.42
N THR C 124 -45.96 -39.44 -50.71
CA THR C 124 -46.52 -40.19 -51.82
C THR C 124 -47.78 -40.92 -51.39
N SER C 125 -48.52 -41.41 -52.38
CA SER C 125 -49.54 -42.40 -52.09
C SER C 125 -48.87 -43.77 -51.93
N PHE C 126 -49.69 -44.77 -51.64
CA PHE C 126 -49.17 -46.13 -51.57
C PHE C 126 -48.81 -46.58 -52.98
N PRO C 127 -47.57 -47.00 -53.21
CA PRO C 127 -47.13 -47.27 -54.59
C PRO C 127 -47.67 -48.57 -55.15
N ALA C 128 -47.40 -48.83 -56.42
CA ALA C 128 -47.82 -50.07 -57.04
C ALA C 128 -46.94 -51.23 -56.55
N CYS C 129 -47.36 -52.44 -56.90
CA CYS C 129 -46.71 -53.64 -56.40
C CYS C 129 -45.34 -53.87 -57.03
N SER C 130 -45.09 -53.29 -58.20
CA SER C 130 -43.83 -53.53 -58.91
C SER C 130 -42.66 -52.87 -58.19
N SER C 131 -42.90 -51.73 -57.53
CA SER C 131 -41.87 -51.00 -56.82
C SER C 131 -41.64 -51.54 -55.41
N LEU C 132 -42.19 -52.70 -55.10
CA LEU C 132 -42.01 -53.33 -53.79
C LEU C 132 -40.97 -54.43 -53.93
N LYS C 133 -39.74 -54.10 -53.56
CA LYS C 133 -38.70 -55.10 -53.42
C LYS C 133 -39.09 -56.06 -52.29
N PRO C 134 -38.75 -57.36 -52.41
CA PRO C 134 -39.13 -58.31 -51.34
C PRO C 134 -38.45 -58.08 -49.99
N ARG C 135 -37.50 -57.16 -49.87
CA ARG C 135 -36.94 -56.85 -48.57
C ARG C 135 -37.90 -56.02 -47.73
N GLU C 136 -38.73 -55.19 -48.36
CA GLU C 136 -39.78 -54.47 -47.65
C GLU C 136 -41.14 -55.15 -47.79
N LEU C 137 -41.17 -56.40 -48.25
CA LEU C 137 -42.39 -57.17 -48.30
C LEU C 137 -42.53 -58.17 -47.15
N CYS C 138 -41.43 -58.54 -46.51
CA CYS C 138 -41.49 -59.52 -45.44
C CYS C 138 -41.67 -58.88 -44.07
N PHE C 139 -40.74 -58.02 -43.68
CA PHE C 139 -40.66 -57.50 -42.33
C PHE C 139 -40.47 -55.99 -42.38
N PRO C 140 -40.82 -55.29 -41.31
CA PRO C 140 -40.55 -53.86 -41.25
C PRO C 140 -39.06 -53.60 -41.10
N GLU C 141 -38.69 -52.32 -41.28
CA GLU C 141 -37.29 -51.95 -41.24
C GLU C 141 -36.75 -52.03 -39.81
N THR C 142 -37.46 -51.44 -38.86
CA THR C 142 -37.03 -51.49 -37.47
C THR C 142 -37.36 -52.87 -36.92
N ARG C 143 -36.32 -53.65 -36.62
CA ARG C 143 -36.52 -55.02 -36.18
C ARG C 143 -37.09 -55.06 -34.76
N PRO C 144 -37.94 -56.02 -34.46
CA PRO C 144 -38.50 -56.13 -33.12
C PRO C 144 -37.47 -56.58 -32.09
N SER C 145 -37.83 -56.42 -30.82
CA SER C 145 -37.05 -56.94 -29.71
C SER C 145 -38.04 -57.41 -28.65
N PHE C 146 -38.08 -58.71 -28.40
CA PHE C 146 -39.14 -59.28 -27.61
C PHE C 146 -38.74 -59.43 -26.16
N ARG C 147 -39.72 -59.81 -25.34
CA ARG C 147 -39.64 -59.50 -23.92
C ARG C 147 -40.56 -60.46 -23.17
N ILE C 148 -39.98 -61.51 -22.61
CA ILE C 148 -40.75 -62.59 -22.00
C ILE C 148 -40.29 -62.79 -20.57
N ARG C 149 -41.22 -62.73 -19.64
CA ARG C 149 -40.92 -63.04 -18.25
C ARG C 149 -40.87 -64.56 -18.07
N GLU C 150 -40.05 -65.01 -17.13
CA GLU C 150 -39.97 -66.44 -16.91
C GLU C 150 -41.12 -66.90 -16.03
N ASN C 151 -41.30 -68.23 -15.97
CA ASN C 151 -42.32 -68.91 -15.16
C ASN C 151 -43.73 -68.39 -15.48
N ARG C 152 -44.12 -68.51 -16.74
CA ARG C 152 -45.35 -67.91 -17.23
C ARG C 152 -46.17 -68.90 -18.02
N PRO C 153 -47.48 -68.66 -18.17
CA PRO C 153 -48.25 -69.44 -19.11
C PRO C 153 -47.80 -69.17 -20.53
N PRO C 154 -47.55 -70.22 -21.32
CA PRO C 154 -47.10 -70.01 -22.70
C PRO C 154 -48.20 -69.43 -23.58
N GLY C 155 -47.82 -68.44 -24.40
CA GLY C 155 -48.80 -67.75 -25.20
C GLY C 155 -48.30 -67.32 -26.58
N THR C 156 -48.96 -66.33 -27.16
CA THR C 156 -48.73 -65.89 -28.52
C THR C 156 -48.19 -64.46 -28.50
N PHE C 157 -46.98 -64.26 -29.03
CA PHE C 157 -46.33 -62.96 -28.89
C PHE C 157 -45.98 -62.28 -30.21
N HIS C 158 -46.18 -62.90 -31.36
CA HIS C 158 -45.89 -62.20 -32.61
C HIS C 158 -46.75 -62.77 -33.74
N GLN C 159 -46.98 -61.92 -34.74
CA GLN C 159 -47.66 -62.27 -35.98
C GLN C 159 -46.84 -61.67 -37.13
N PHE C 160 -46.85 -62.35 -38.28
CA PHE C 160 -45.89 -62.00 -39.32
C PHE C 160 -46.38 -60.96 -40.33
N ARG C 161 -47.60 -61.11 -40.84
CA ARG C 161 -48.00 -60.51 -42.12
C ARG C 161 -48.08 -58.99 -42.07
N LEU C 162 -47.53 -58.33 -43.08
CA LEU C 162 -47.69 -56.89 -43.26
C LEU C 162 -49.08 -56.66 -43.84
N LEU C 163 -49.95 -56.02 -43.06
CA LEU C 163 -51.37 -56.01 -43.40
C LEU C 163 -51.76 -55.15 -44.60
N PRO C 164 -51.32 -53.89 -44.77
CA PRO C 164 -51.69 -53.17 -45.99
C PRO C 164 -51.05 -53.72 -47.23
N VAL C 165 -49.95 -54.48 -47.09
CA VAL C 165 -49.33 -55.11 -48.25
C VAL C 165 -50.25 -56.15 -48.84
N GLN C 166 -50.70 -57.11 -48.03
CA GLN C 166 -51.60 -58.11 -48.58
C GLN C 166 -53.00 -57.56 -48.79
N PHE C 167 -53.33 -56.43 -48.17
CA PHE C 167 -54.58 -55.76 -48.50
C PHE C 167 -54.51 -55.04 -49.83
N LEU C 168 -53.31 -54.66 -50.27
CA LEU C 168 -53.17 -53.87 -51.48
C LEU C 168 -52.35 -54.56 -52.57
N CYS C 169 -51.63 -55.63 -52.25
CA CYS C 169 -50.98 -56.48 -53.25
C CYS C 169 -51.26 -57.95 -52.92
N PRO C 170 -52.50 -58.41 -53.12
CA PRO C 170 -52.85 -59.75 -52.66
C PRO C 170 -52.40 -60.87 -53.58
N ASN C 171 -51.86 -60.57 -54.75
CA ASN C 171 -51.58 -61.56 -55.77
C ASN C 171 -50.18 -62.15 -55.69
N ILE C 172 -49.48 -61.98 -54.56
CA ILE C 172 -48.14 -62.52 -54.37
C ILE C 172 -48.15 -63.40 -53.13
N SER C 173 -47.78 -64.67 -53.29
CA SER C 173 -47.74 -65.61 -52.18
C SER C 173 -46.47 -65.39 -51.38
N VAL C 174 -46.63 -65.23 -50.06
CA VAL C 174 -45.52 -65.06 -49.13
C VAL C 174 -45.68 -66.08 -48.01
N ALA C 175 -44.62 -66.85 -47.75
CA ALA C 175 -44.61 -67.86 -46.72
C ALA C 175 -43.63 -67.49 -45.61
N TYR C 176 -43.94 -67.92 -44.39
CA TYR C 176 -43.15 -67.62 -43.20
C TYR C 176 -43.00 -68.88 -42.36
N ARG C 177 -41.79 -69.13 -41.85
CA ARG C 177 -41.55 -70.24 -40.95
C ARG C 177 -40.50 -69.88 -39.92
N LEU C 178 -40.32 -70.77 -38.94
CA LEU C 178 -39.24 -70.70 -37.98
C LEU C 178 -38.25 -71.84 -38.20
N LEU C 179 -37.07 -71.69 -37.61
CA LEU C 179 -36.00 -72.67 -37.78
C LEU C 179 -36.26 -73.89 -36.89
N GLY C 183 -35.77 -78.69 -30.64
CA GLY C 183 -35.80 -78.69 -29.18
C GLY C 183 -36.01 -77.31 -28.59
N LEU C 184 -36.38 -76.36 -29.44
CA LEU C 184 -36.63 -74.99 -29.03
C LEU C 184 -38.09 -74.80 -28.67
N PRO C 185 -38.39 -73.93 -27.70
CA PRO C 185 -39.78 -73.76 -27.26
C PRO C 185 -40.64 -72.91 -28.18
N PHE C 186 -40.10 -72.37 -29.26
CA PHE C 186 -40.83 -71.41 -30.09
C PHE C 186 -41.25 -72.07 -31.40
N ARG C 187 -42.53 -71.98 -31.72
CA ARG C 187 -43.09 -72.64 -32.88
C ARG C 187 -43.99 -71.69 -33.67
N CYS C 188 -44.10 -71.96 -34.97
CA CYS C 188 -44.92 -71.18 -35.88
C CYS C 188 -46.02 -72.07 -36.44
N ALA C 189 -47.27 -71.70 -36.22
CA ALA C 189 -48.41 -72.54 -36.58
C ALA C 189 -48.64 -72.51 -38.09
N PRO C 190 -49.06 -73.63 -38.68
CA PRO C 190 -49.36 -73.63 -40.12
C PRO C 190 -50.70 -72.95 -40.40
N ASP C 191 -50.73 -72.18 -41.49
CA ASP C 191 -51.89 -71.46 -42.02
C ASP C 191 -52.45 -70.44 -41.04
N SER C 192 -51.69 -70.08 -40.01
CA SER C 192 -52.01 -69.00 -39.07
C SER C 192 -50.65 -68.59 -38.52
N LEU C 193 -50.19 -67.40 -38.90
CA LEU C 193 -48.79 -67.08 -38.77
C LEU C 193 -48.43 -66.48 -37.42
N GLU C 194 -49.17 -66.80 -36.37
CA GLU C 194 -48.78 -66.41 -35.03
C GLU C 194 -47.68 -67.32 -34.51
N VAL C 195 -46.77 -66.72 -33.74
CA VAL C 195 -45.64 -67.43 -33.13
C VAL C 195 -45.98 -67.67 -31.67
N SER C 196 -45.73 -68.88 -31.19
CA SER C 196 -46.12 -69.24 -29.83
C SER C 196 -44.98 -69.96 -29.12
N THR C 197 -45.10 -70.04 -27.80
CA THR C 197 -44.13 -70.67 -26.92
C THR C 197 -44.68 -72.03 -26.49
N ARG C 198 -43.81 -73.04 -26.42
CA ARG C 198 -44.25 -74.37 -26.06
C ARG C 198 -44.37 -74.53 -24.54
N TRP C 199 -43.26 -74.45 -23.83
CA TRP C 199 -43.25 -74.63 -22.39
C TRP C 199 -42.82 -73.35 -21.69
N ALA C 200 -43.07 -73.29 -20.39
CA ALA C 200 -42.66 -72.16 -19.58
C ALA C 200 -41.14 -72.13 -19.45
N LEU C 201 -40.57 -70.95 -19.59
CA LEU C 201 -39.12 -70.79 -19.64
C LEU C 201 -38.55 -70.53 -18.26
N ASP C 202 -37.31 -70.96 -18.06
CA ASP C 202 -36.50 -70.60 -16.91
C ASP C 202 -35.27 -69.87 -17.40
N ARG C 203 -34.99 -68.71 -16.79
CA ARG C 203 -33.86 -67.90 -17.21
C ARG C 203 -32.54 -68.57 -16.90
N GLU C 204 -32.51 -69.34 -15.81
CA GLU C 204 -31.26 -69.87 -15.28
C GLU C 204 -30.67 -70.96 -16.15
N GLN C 205 -31.45 -71.51 -17.08
CA GLN C 205 -30.91 -72.44 -18.07
C GLN C 205 -30.38 -71.68 -19.28
N ARG C 206 -31.22 -70.87 -19.91
CA ARG C 206 -30.84 -69.98 -20.98
C ARG C 206 -31.56 -68.66 -20.78
N GLU C 207 -30.92 -67.56 -21.21
CA GLU C 207 -31.49 -66.25 -21.00
C GLU C 207 -31.65 -65.41 -22.26
N LYS C 208 -31.04 -65.78 -23.37
CA LYS C 208 -31.20 -65.06 -24.62
C LYS C 208 -31.41 -66.06 -25.74
N TYR C 209 -32.51 -65.91 -26.47
CA TYR C 209 -32.78 -66.74 -27.64
C TYR C 209 -32.80 -65.82 -28.85
N GLU C 210 -31.78 -65.93 -29.70
CA GLU C 210 -31.75 -65.14 -30.93
C GLU C 210 -32.09 -66.06 -32.10
N LEU C 211 -33.35 -66.04 -32.51
CA LEU C 211 -33.86 -66.93 -33.54
C LEU C 211 -33.82 -66.27 -34.91
N VAL C 212 -34.15 -67.07 -35.92
CA VAL C 212 -34.13 -66.64 -37.32
C VAL C 212 -35.45 -67.06 -37.96
N ALA C 213 -36.15 -66.10 -38.54
CA ALA C 213 -37.44 -66.34 -39.19
C ALA C 213 -37.26 -66.33 -40.70
N VAL C 214 -37.76 -67.37 -41.35
CA VAL C 214 -37.59 -67.56 -42.79
C VAL C 214 -38.80 -66.99 -43.50
N CYS C 215 -38.57 -66.03 -44.40
CA CYS C 215 -39.61 -65.48 -45.26
C CYS C 215 -39.28 -65.85 -46.71
N THR C 216 -40.31 -66.16 -47.47
CA THR C 216 -40.16 -66.46 -48.89
C THR C 216 -41.26 -65.73 -49.65
N VAL C 217 -40.85 -64.88 -50.57
CA VAL C 217 -41.81 -64.12 -51.38
C VAL C 217 -41.97 -64.88 -52.71
N HIS C 218 -43.13 -64.70 -53.34
CA HIS C 218 -43.50 -65.26 -54.65
C HIS C 218 -43.52 -66.78 -54.61
N GLU C 223 -39.18 -64.65 -56.73
CA GLU C 223 -38.93 -65.51 -55.58
C GLU C 223 -37.66 -65.13 -54.84
N GLU C 224 -37.80 -64.81 -53.56
CA GLU C 224 -36.66 -64.42 -52.75
C GLU C 224 -36.83 -64.94 -51.32
N VAL C 225 -35.75 -65.50 -50.78
CA VAL C 225 -35.70 -65.93 -49.38
C VAL C 225 -35.01 -64.85 -48.56
N VAL C 226 -35.69 -64.37 -47.53
CA VAL C 226 -35.21 -63.29 -46.67
C VAL C 226 -35.31 -63.74 -45.22
N MET C 227 -34.23 -63.59 -44.48
CA MET C 227 -34.22 -63.92 -43.06
C MET C 227 -33.75 -62.73 -42.26
N VAL C 228 -34.28 -62.59 -41.04
CA VAL C 228 -33.98 -61.46 -40.17
C VAL C 228 -33.62 -62.00 -38.79
N PRO C 229 -32.95 -61.22 -37.93
CA PRO C 229 -32.75 -61.65 -36.54
C PRO C 229 -34.05 -61.62 -35.76
N PHE C 230 -34.02 -62.25 -34.59
CA PHE C 230 -35.23 -62.38 -33.80
C PHE C 230 -34.87 -62.49 -32.31
N PRO C 231 -34.69 -61.37 -31.62
CA PRO C 231 -34.21 -61.45 -30.23
C PRO C 231 -35.34 -61.69 -29.24
N VAL C 232 -35.08 -62.58 -28.29
CA VAL C 232 -35.99 -62.82 -27.18
C VAL C 232 -35.16 -62.82 -25.90
N THR C 233 -35.48 -61.92 -24.99
CA THR C 233 -34.78 -61.77 -23.73
C THR C 233 -35.64 -62.29 -22.60
N VAL C 234 -35.26 -63.41 -22.02
CA VAL C 234 -36.01 -64.02 -20.93
C VAL C 234 -35.74 -63.22 -19.66
N TYR C 235 -36.79 -62.75 -19.00
CA TYR C 235 -36.61 -62.02 -17.76
C TYR C 235 -36.50 -62.98 -16.58
N ASP C 236 -36.64 -62.44 -15.38
CA ASP C 236 -36.17 -63.12 -14.18
C ASP C 236 -37.18 -63.03 -13.04
N GLU C 237 -37.09 -64.02 -12.14
CA GLU C 237 -37.75 -64.01 -10.84
C GLU C 237 -36.83 -64.64 -9.79
N ASP C 238 -37.21 -64.49 -8.52
CA ASP C 238 -36.63 -65.29 -7.44
C ASP C 238 -37.15 -66.72 -7.52
N ASP C 239 -36.41 -67.57 -8.22
CA ASP C 239 -36.56 -69.01 -8.13
C ASP C 239 -35.30 -69.65 -7.55
N SER C 240 -34.62 -68.94 -6.66
CA SER C 240 -33.36 -69.41 -6.11
C SER C 240 -33.17 -68.88 -4.70
N ALA C 241 -32.73 -69.72 -3.85
CA ALA C 241 -32.35 -69.72 -2.45
C ALA C 241 -30.84 -69.58 -2.32
N PRO C 242 -30.36 -68.95 -1.25
CA PRO C 242 -28.91 -68.79 -1.09
C PRO C 242 -28.23 -70.10 -0.73
N THR C 243 -26.97 -70.20 -1.12
CA THR C 243 -26.20 -71.43 -1.03
C THR C 243 -24.75 -71.07 -0.77
N PHE C 244 -24.10 -71.84 0.11
CA PHE C 244 -22.66 -71.80 0.32
C PHE C 244 -21.94 -72.06 -1.00
N PRO C 245 -20.78 -71.46 -1.24
CA PRO C 245 -20.02 -71.80 -2.45
C PRO C 245 -19.33 -73.16 -2.36
N ALA C 246 -20.17 -74.21 -2.46
CA ALA C 246 -19.78 -75.62 -2.45
C ALA C 246 -19.03 -75.99 -1.16
N GLY C 247 -19.74 -75.90 -0.04
CA GLY C 247 -19.26 -76.46 1.22
C GLY C 247 -18.08 -75.75 1.86
N VAL C 248 -18.19 -74.42 2.01
CA VAL C 248 -17.25 -73.64 2.80
C VAL C 248 -18.12 -72.92 3.84
N ASP C 249 -18.32 -73.56 4.98
CA ASP C 249 -19.40 -73.17 5.86
C ASP C 249 -19.02 -72.09 6.87
N THR C 250 -17.74 -71.98 7.23
CA THR C 250 -17.34 -71.09 8.31
C THR C 250 -15.88 -70.71 8.14
N ALA C 251 -15.60 -69.42 8.14
CA ALA C 251 -14.25 -68.90 8.28
C ALA C 251 -14.13 -68.24 9.64
N SER C 252 -12.93 -68.26 10.19
CA SER C 252 -12.66 -67.74 11.53
C SER C 252 -11.37 -66.95 11.52
N ALA C 253 -11.24 -66.06 12.48
CA ALA C 253 -10.06 -65.21 12.59
C ALA C 253 -9.91 -64.72 14.01
N VAL C 254 -8.67 -64.77 14.51
CA VAL C 254 -8.32 -64.42 15.87
C VAL C 254 -7.67 -63.05 15.87
N VAL C 255 -8.23 -62.13 16.65
CA VAL C 255 -7.65 -60.79 16.75
C VAL C 255 -6.42 -60.87 17.63
N GLU C 256 -5.26 -60.53 17.05
CA GLU C 256 -3.98 -60.66 17.75
C GLU C 256 -3.28 -59.33 17.91
N PHE C 257 -3.17 -58.53 16.86
CA PHE C 257 -2.33 -57.33 16.87
C PHE C 257 -2.98 -56.05 16.39
N LYS C 258 -3.90 -56.09 15.43
CA LYS C 258 -4.35 -54.88 14.73
C LYS C 258 -5.16 -53.95 15.62
N ARG C 259 -6.36 -54.41 16.03
CA ARG C 259 -7.19 -53.79 17.06
C ARG C 259 -7.64 -52.36 16.72
N LYS C 260 -7.64 -51.98 15.44
CA LYS C 260 -7.92 -50.60 15.07
C LYS C 260 -9.44 -50.37 15.11
N GLU C 261 -9.91 -49.27 14.53
CA GLU C 261 -11.33 -48.95 14.57
C GLU C 261 -12.13 -49.87 13.68
N ASP C 262 -11.79 -49.95 12.40
CA ASP C 262 -12.56 -50.76 11.45
C ASP C 262 -11.59 -51.53 10.56
N THR C 263 -11.56 -52.84 10.73
CA THR C 263 -10.64 -53.69 10.00
C THR C 263 -11.38 -54.94 9.57
N VAL C 264 -11.14 -55.38 8.34
CA VAL C 264 -11.72 -56.64 7.88
C VAL C 264 -11.03 -57.78 8.61
N VAL C 265 -11.82 -58.58 9.33
CA VAL C 265 -11.29 -59.63 10.18
C VAL C 265 -11.47 -60.98 9.50
N ALA C 266 -12.72 -61.37 9.24
CA ALA C 266 -13.01 -62.65 8.62
C ALA C 266 -14.19 -62.49 7.66
N THR C 267 -14.26 -63.39 6.66
CA THR C 267 -15.05 -63.17 5.46
C THR C 267 -15.65 -64.50 4.98
N LEU C 268 -16.91 -64.49 4.54
CA LEU C 268 -17.48 -65.60 3.78
C LEU C 268 -18.23 -65.07 2.57
N ARG C 269 -18.68 -66.01 1.72
CA ARG C 269 -19.39 -65.68 0.49
C ARG C 269 -20.68 -66.47 0.40
N VAL C 270 -21.64 -65.90 -0.31
CA VAL C 270 -22.97 -66.45 -0.54
C VAL C 270 -23.24 -66.36 -2.03
N PHE C 271 -23.86 -67.38 -2.60
CA PHE C 271 -24.13 -67.42 -4.04
C PHE C 271 -25.63 -67.51 -4.29
N ASP C 272 -26.27 -66.38 -4.59
CA ASP C 272 -27.65 -66.38 -5.03
C ASP C 272 -27.66 -66.40 -6.55
N ALA C 273 -28.67 -67.03 -7.13
CA ALA C 273 -28.74 -67.13 -8.58
C ALA C 273 -29.74 -66.15 -9.19
N ASP C 274 -30.32 -65.28 -8.38
CA ASP C 274 -31.28 -64.31 -8.88
C ASP C 274 -30.59 -63.00 -9.22
N VAL C 275 -31.31 -62.12 -9.91
CA VAL C 275 -30.79 -60.80 -10.26
C VAL C 275 -31.78 -59.75 -9.76
N VAL C 276 -33.06 -60.13 -9.70
CA VAL C 276 -34.23 -59.29 -9.46
C VAL C 276 -34.14 -58.32 -8.28
N PRO C 277 -33.54 -58.66 -7.08
CA PRO C 277 -33.41 -57.62 -6.07
C PRO C 277 -32.39 -56.56 -6.47
N ALA C 278 -32.84 -55.59 -7.27
CA ALA C 278 -31.97 -54.65 -7.96
C ALA C 278 -31.32 -53.68 -6.99
N SER C 279 -30.48 -52.80 -7.56
CA SER C 279 -29.59 -51.96 -6.77
C SER C 279 -30.33 -50.95 -5.90
N GLY C 280 -31.57 -50.60 -6.27
CA GLY C 280 -32.34 -49.68 -5.47
C GLY C 280 -32.89 -50.31 -4.20
N GLU C 281 -33.36 -51.56 -4.31
CA GLU C 281 -34.04 -52.22 -3.20
C GLU C 281 -33.35 -53.50 -2.77
N LEU C 282 -32.06 -53.66 -3.08
CA LEU C 282 -31.32 -54.81 -2.58
C LEU C 282 -31.10 -54.68 -1.08
N VAL C 283 -31.08 -53.45 -0.56
CA VAL C 283 -30.79 -53.24 0.84
C VAL C 283 -31.99 -53.62 1.70
N ARG C 284 -33.21 -53.61 1.13
CA ARG C 284 -34.38 -54.00 1.90
C ARG C 284 -34.46 -55.51 2.07
N ARG C 285 -33.95 -56.28 1.11
CA ARG C 285 -34.22 -57.71 1.10
C ARG C 285 -33.04 -58.53 1.61
N TYR C 286 -31.89 -58.43 0.95
CA TYR C 286 -30.72 -59.15 1.43
C TYR C 286 -30.14 -58.43 2.64
N THR C 287 -30.65 -58.77 3.82
CA THR C 287 -30.29 -58.12 5.08
C THR C 287 -29.57 -59.11 5.97
N SER C 288 -28.50 -58.65 6.62
CA SER C 288 -27.66 -59.51 7.44
C SER C 288 -28.09 -59.42 8.90
N THR C 289 -28.91 -60.36 9.34
CA THR C 289 -29.41 -60.41 10.71
C THR C 289 -28.28 -60.90 11.61
N LEU C 290 -27.73 -60.01 12.43
CA LEU C 290 -26.80 -60.46 13.44
C LEU C 290 -27.54 -61.23 14.53
N LEU C 291 -27.26 -62.52 14.62
CA LEU C 291 -27.75 -63.28 15.74
C LEU C 291 -27.03 -62.83 17.01
N PRO C 292 -27.74 -62.72 18.13
CA PRO C 292 -27.16 -62.03 19.30
C PRO C 292 -26.18 -62.90 20.05
N GLY C 293 -25.68 -62.32 21.13
CA GLY C 293 -24.74 -62.96 22.03
C GLY C 293 -24.41 -61.95 23.11
N ASP C 294 -23.13 -61.81 23.43
CA ASP C 294 -22.73 -60.77 24.36
C ASP C 294 -22.79 -59.40 23.69
N THR C 295 -23.02 -58.36 24.50
CA THR C 295 -23.02 -57.00 24.00
C THR C 295 -21.64 -56.52 23.60
N TRP C 296 -20.57 -57.22 24.01
CA TRP C 296 -19.25 -56.92 23.50
C TRP C 296 -19.17 -57.15 22.01
N ALA C 297 -19.95 -58.11 21.49
CA ALA C 297 -19.99 -58.34 20.07
C ALA C 297 -20.63 -57.17 19.33
N GLN C 298 -21.65 -56.54 19.91
CA GLN C 298 -22.20 -55.34 19.29
C GLN C 298 -21.25 -54.16 19.41
N GLN C 299 -20.59 -54.01 20.56
CA GLN C 299 -19.65 -52.92 20.78
C GLN C 299 -18.43 -53.05 19.88
N THR C 300 -18.09 -54.25 19.45
CA THR C 300 -16.86 -54.46 18.70
C THR C 300 -17.03 -55.05 17.33
N PHE C 301 -18.25 -55.36 16.87
CA PHE C 301 -18.37 -55.94 15.55
C PHE C 301 -19.61 -55.42 14.84
N ARG C 302 -19.45 -55.16 13.55
CA ARG C 302 -20.54 -54.99 12.60
C ARG C 302 -20.25 -55.90 11.40
N VAL C 303 -21.31 -56.49 10.88
CA VAL C 303 -21.18 -57.47 9.81
C VAL C 303 -21.51 -56.78 8.51
N GLU C 304 -20.47 -56.34 7.80
CA GLU C 304 -20.63 -55.51 6.62
C GLU C 304 -20.87 -56.41 5.43
N HIS C 305 -21.57 -55.87 4.44
CA HIS C 305 -22.07 -56.66 3.33
C HIS C 305 -22.23 -55.81 2.08
N TRP C 306 -21.68 -56.29 0.97
CA TRP C 306 -22.03 -55.65 -0.28
C TRP C 306 -21.92 -56.62 -1.44
N PRO C 307 -22.87 -56.59 -2.36
CA PRO C 307 -22.97 -57.60 -3.42
C PRO C 307 -22.19 -57.22 -4.66
N ASN C 308 -22.00 -58.22 -5.51
CA ASN C 308 -21.37 -58.01 -6.80
C ASN C 308 -21.82 -59.12 -7.73
N GLU C 309 -22.09 -58.82 -8.99
CA GLU C 309 -22.65 -59.81 -9.90
C GLU C 309 -21.55 -60.46 -10.73
N THR C 310 -21.58 -61.78 -10.78
CA THR C 310 -20.65 -62.60 -11.56
C THR C 310 -21.42 -63.35 -12.63
N SER C 311 -20.70 -64.09 -13.47
CA SER C 311 -21.30 -64.86 -14.55
C SER C 311 -20.86 -66.31 -14.45
N VAL C 312 -21.74 -67.23 -14.84
CA VAL C 312 -21.48 -68.66 -14.75
C VAL C 312 -22.14 -69.35 -15.94
N GLN C 313 -21.56 -70.45 -16.40
CA GLN C 313 -22.08 -71.18 -17.55
C GLN C 313 -23.00 -72.30 -17.10
N ALA C 314 -24.07 -72.52 -17.87
CA ALA C 314 -25.04 -73.57 -17.57
C ALA C 314 -25.10 -74.64 -18.65
N ASN C 315 -25.41 -74.27 -19.89
CA ASN C 315 -25.44 -75.20 -21.01
C ASN C 315 -24.86 -74.55 -22.26
N GLY C 316 -23.75 -73.84 -22.11
CA GLY C 316 -23.10 -73.19 -23.22
C GLY C 316 -23.33 -71.70 -23.29
N SER C 317 -24.27 -71.16 -22.52
CA SER C 317 -24.47 -69.74 -22.43
C SER C 317 -23.88 -69.20 -21.15
N PHE C 318 -24.11 -67.92 -20.89
CA PHE C 318 -23.62 -67.22 -19.71
C PHE C 318 -24.82 -66.66 -18.97
N VAL C 319 -25.18 -67.31 -17.87
CA VAL C 319 -26.21 -66.76 -16.99
C VAL C 319 -25.53 -66.08 -15.81
N ARG C 320 -26.01 -64.90 -15.44
CA ARG C 320 -25.35 -64.15 -14.40
C ARG C 320 -26.04 -64.38 -13.06
N ALA C 321 -25.34 -64.04 -11.99
CA ALA C 321 -25.82 -64.30 -10.65
C ALA C 321 -25.17 -63.30 -9.69
N THR C 322 -25.69 -63.26 -8.46
CA THR C 322 -25.19 -62.34 -7.46
C THR C 322 -24.39 -63.07 -6.38
N VAL C 323 -23.30 -62.44 -5.98
CA VAL C 323 -22.40 -62.93 -4.95
C VAL C 323 -22.45 -61.94 -3.81
N HIS C 324 -22.79 -62.43 -2.63
CA HIS C 324 -22.98 -61.63 -1.43
C HIS C 324 -21.83 -61.93 -0.48
N ASP C 325 -20.94 -60.96 -0.28
CA ASP C 325 -19.80 -61.14 0.60
C ASP C 325 -20.18 -60.64 1.98
N TYR C 326 -19.72 -61.33 3.02
CA TYR C 326 -20.04 -60.97 4.41
C TYR C 326 -18.77 -60.90 5.22
N ARG C 327 -18.48 -59.73 5.76
CA ARG C 327 -17.19 -59.44 6.39
C ARG C 327 -17.39 -58.94 7.81
N LEU C 328 -16.69 -59.55 8.76
CA LEU C 328 -16.62 -58.97 10.09
C LEU C 328 -15.74 -57.73 10.05
N VAL C 329 -16.23 -56.62 10.58
CA VAL C 329 -15.46 -55.38 10.66
C VAL C 329 -15.65 -54.81 12.06
N LEU C 330 -14.56 -54.41 12.70
CA LEU C 330 -14.57 -53.96 14.10
C LEU C 330 -15.32 -52.63 14.26
N ASN C 331 -15.33 -52.14 15.49
CA ASN C 331 -15.92 -50.84 15.70
C ASN C 331 -15.06 -49.87 16.52
N ARG C 332 -14.24 -50.36 17.46
CA ARG C 332 -13.51 -49.47 18.35
C ARG C 332 -12.07 -49.93 18.51
N ASN C 333 -11.24 -49.12 19.17
CA ASN C 333 -9.87 -49.52 19.49
C ASN C 333 -9.96 -50.58 20.59
N LEU C 334 -9.57 -51.81 20.27
CA LEU C 334 -9.50 -52.80 21.33
C LEU C 334 -8.33 -52.50 22.26
N SER C 335 -8.58 -52.66 23.55
CA SER C 335 -7.50 -52.57 24.50
C SER C 335 -6.60 -53.79 24.39
N ILE C 336 -5.45 -53.73 25.06
CA ILE C 336 -4.49 -54.81 24.92
C ILE C 336 -4.94 -56.05 25.69
N SER C 337 -5.34 -55.87 26.94
CA SER C 337 -5.44 -56.99 27.89
C SER C 337 -6.69 -57.86 27.73
N GLU C 338 -7.42 -57.78 26.61
CA GLU C 338 -8.63 -58.56 26.45
C GLU C 338 -8.25 -59.98 26.03
N ASN C 339 -8.89 -60.99 26.64
CA ASN C 339 -8.58 -62.41 26.40
C ASN C 339 -9.90 -63.19 26.42
N ARG C 340 -10.53 -63.35 25.26
CA ARG C 340 -11.86 -63.95 25.17
C ARG C 340 -11.98 -64.80 23.90
N THR C 341 -13.11 -65.48 23.77
CA THR C 341 -13.46 -66.23 22.56
C THR C 341 -14.98 -66.39 22.50
N MET C 342 -15.50 -66.44 21.27
CA MET C 342 -16.95 -66.42 21.05
C MET C 342 -17.30 -67.25 19.83
N GLN C 343 -18.59 -67.20 19.47
CA GLN C 343 -19.14 -67.78 18.24
C GLN C 343 -20.15 -66.79 17.69
N LEU C 344 -19.77 -66.08 16.63
CA LEU C 344 -20.55 -64.97 16.09
C LEU C 344 -21.41 -65.49 14.93
N ALA C 345 -22.70 -65.68 15.19
CA ALA C 345 -23.61 -66.25 14.21
C ALA C 345 -24.39 -65.13 13.53
N VAL C 346 -24.66 -65.31 12.23
CA VAL C 346 -25.40 -64.36 11.42
C VAL C 346 -26.40 -65.14 10.57
N LEU C 347 -27.66 -64.76 10.63
CA LEU C 347 -28.67 -65.23 9.70
C LEU C 347 -28.67 -64.31 8.49
N VAL C 348 -28.90 -64.89 7.31
CA VAL C 348 -28.96 -64.13 6.07
C VAL C 348 -30.34 -64.36 5.46
N ASN C 349 -31.02 -63.30 5.09
CA ASN C 349 -32.38 -63.38 4.57
C ASN C 349 -32.33 -63.33 3.05
N ASP C 350 -33.33 -63.94 2.41
CA ASP C 350 -33.51 -63.88 0.96
C ASP C 350 -35.00 -63.69 0.74
N SER C 351 -35.40 -62.51 0.26
CA SER C 351 -36.82 -62.23 0.07
C SER C 351 -37.12 -61.74 -1.33
N VAL C 360 -33.01 -68.56 3.37
CA VAL C 360 -32.53 -67.97 4.62
C VAL C 360 -31.39 -68.84 5.13
N LEU C 361 -30.17 -68.30 5.07
CA LEU C 361 -28.94 -69.05 5.29
C LEU C 361 -28.38 -68.75 6.68
N LEU C 362 -27.53 -69.64 7.18
CA LEU C 362 -26.92 -69.51 8.51
C LEU C 362 -25.40 -69.55 8.39
N LEU C 363 -24.74 -68.49 8.84
CA LEU C 363 -23.29 -68.38 8.86
C LEU C 363 -22.84 -68.17 10.29
N HIS C 364 -21.57 -68.45 10.56
CA HIS C 364 -20.97 -68.01 11.82
C HIS C 364 -19.47 -67.89 11.67
N PHE C 365 -18.87 -67.30 12.71
CA PHE C 365 -17.44 -67.02 12.83
C PHE C 365 -16.96 -67.49 14.19
N ASN C 366 -15.71 -67.94 14.28
CA ASN C 366 -15.04 -68.02 15.58
C ASN C 366 -14.10 -66.84 15.70
N VAL C 367 -14.18 -66.15 16.84
CA VAL C 367 -13.34 -65.00 17.13
C VAL C 367 -12.73 -65.17 18.51
N SER C 368 -11.42 -65.15 18.58
CA SER C 368 -10.69 -65.12 19.82
C SER C 368 -9.87 -63.84 19.90
N VAL C 369 -9.74 -63.28 21.10
CA VAL C 369 -8.94 -62.10 21.32
C VAL C 369 -7.90 -62.42 22.39
N LEU C 370 -6.66 -62.10 22.08
CA LEU C 370 -5.46 -62.52 22.75
C LEU C 370 -4.89 -61.39 23.60
N PRO C 371 -4.16 -61.73 24.66
CA PRO C 371 -3.33 -60.72 25.32
C PRO C 371 -2.05 -60.48 24.56
N VAL C 372 -1.45 -59.31 24.80
CA VAL C 372 -0.18 -58.91 24.20
C VAL C 372 0.69 -58.34 25.31
N SER C 373 1.93 -58.79 25.39
CA SER C 373 2.84 -58.23 26.38
C SER C 373 3.58 -57.03 25.79
N LEU C 374 4.23 -56.27 26.66
CA LEU C 374 4.87 -55.03 26.26
C LEU C 374 6.36 -55.04 26.57
N HIS C 375 7.03 -56.13 26.23
CA HIS C 375 8.45 -56.25 26.54
C HIS C 375 9.33 -55.48 25.56
N LEU C 376 10.45 -55.00 26.07
CA LEU C 376 11.44 -54.25 25.32
C LEU C 376 12.76 -55.00 25.45
N PRO C 377 13.74 -54.73 24.57
CA PRO C 377 15.07 -55.31 24.76
C PRO C 377 15.70 -54.88 26.07
N SER C 378 16.58 -55.74 26.60
CA SER C 378 17.15 -55.53 27.91
C SER C 378 18.14 -54.37 27.93
N THR C 379 19.03 -54.30 26.94
CA THR C 379 20.05 -53.26 26.91
C THR C 379 20.06 -52.55 25.56
N TYR C 380 19.81 -51.25 25.60
CA TYR C 380 19.99 -50.37 24.46
C TYR C 380 21.42 -49.86 24.51
N SER C 381 22.05 -49.72 23.34
CA SER C 381 23.42 -49.23 23.24
C SER C 381 23.50 -48.29 22.06
N LEU C 382 24.00 -47.08 22.29
CA LEU C 382 24.06 -46.10 21.23
C LEU C 382 25.22 -45.15 21.47
N SER C 383 25.94 -44.82 20.40
CA SER C 383 26.93 -43.78 20.43
C SER C 383 26.26 -42.45 20.12
N VAL C 384 26.94 -41.36 20.50
CA VAL C 384 26.51 -40.02 20.10
C VAL C 384 27.74 -39.30 19.56
N SER C 385 27.62 -38.72 18.37
CA SER C 385 28.68 -37.85 17.86
C SER C 385 28.81 -36.62 18.75
N ARG C 386 30.06 -36.31 19.14
CA ARG C 386 30.30 -35.36 20.22
C ARG C 386 30.20 -33.92 19.75
N ARG C 387 29.95 -33.68 18.46
CA ARG C 387 29.75 -32.33 17.97
C ARG C 387 28.33 -32.12 17.45
N ALA C 388 27.37 -32.88 17.96
CA ALA C 388 26.05 -32.89 17.36
C ALA C 388 25.24 -31.67 17.78
N ARG C 389 24.21 -31.38 16.98
CA ARG C 389 23.35 -30.22 17.14
C ARG C 389 21.99 -30.67 17.68
N ARG C 390 21.07 -29.72 17.79
CA ARG C 390 19.76 -30.03 18.30
C ARG C 390 18.98 -30.86 17.28
N PHE C 391 18.02 -31.63 17.79
CA PHE C 391 17.02 -32.35 17.01
C PHE C 391 17.63 -33.34 16.02
N ALA C 392 18.77 -33.92 16.36
CA ALA C 392 19.37 -34.93 15.48
C ALA C 392 18.85 -36.29 15.91
N GLN C 393 18.51 -37.12 14.94
CA GLN C 393 18.05 -38.46 15.27
C GLN C 393 19.23 -39.39 15.38
N ILE C 394 19.33 -40.10 16.49
CA ILE C 394 20.44 -41.02 16.71
C ILE C 394 19.98 -42.43 16.39
N GLY C 395 19.01 -42.92 17.15
CA GLY C 395 18.56 -44.28 16.98
C GLY C 395 17.12 -44.44 17.39
N LYS C 396 16.49 -45.45 16.84
CA LYS C 396 15.08 -45.72 17.07
C LYS C 396 14.94 -46.64 18.28
N VAL C 397 13.90 -46.41 19.08
CA VAL C 397 13.53 -47.26 20.20
C VAL C 397 12.17 -47.83 19.86
N CYS C 398 12.00 -49.14 20.07
CA CYS C 398 10.79 -49.76 19.58
C CYS C 398 10.36 -50.88 20.50
N VAL C 399 9.04 -50.95 20.75
CA VAL C 399 8.45 -52.15 21.33
C VAL C 399 8.72 -53.30 20.38
N GLU C 400 9.01 -54.47 20.94
CA GLU C 400 9.55 -55.66 20.29
C GLU C 400 8.88 -56.06 18.97
N ASN C 401 7.60 -55.74 18.80
CA ASN C 401 6.88 -55.95 17.54
C ASN C 401 6.48 -54.58 16.97
N CYS C 402 7.37 -54.01 16.15
CA CYS C 402 7.27 -52.61 15.74
C CYS C 402 6.07 -52.26 14.87
N GLN C 403 6.05 -52.75 13.63
CA GLN C 403 5.14 -52.25 12.61
C GLN C 403 3.88 -53.09 12.46
N ALA C 404 3.60 -53.96 13.43
CA ALA C 404 2.43 -54.80 13.35
C ALA C 404 1.23 -54.24 14.10
N PHE C 405 1.44 -53.34 15.06
CA PHE C 405 0.32 -52.79 15.80
C PHE C 405 -0.35 -51.68 15.00
N SER C 406 -1.64 -51.49 15.23
CA SER C 406 -2.38 -50.45 14.53
C SER C 406 -3.05 -49.45 15.44
N GLY C 407 -3.63 -49.89 16.56
CA GLY C 407 -4.41 -48.99 17.37
C GLY C 407 -3.97 -48.89 18.82
N ILE C 408 -2.67 -48.84 19.06
CA ILE C 408 -2.14 -48.80 20.42
C ILE C 408 -1.26 -47.56 20.57
N ASN C 409 -1.44 -46.84 21.67
CA ASN C 409 -0.64 -45.66 21.99
C ASN C 409 0.40 -46.03 23.04
N VAL C 410 1.62 -46.30 22.58
CA VAL C 410 2.73 -46.56 23.48
C VAL C 410 3.67 -45.35 23.37
N GLN C 411 3.46 -44.39 24.25
CA GLN C 411 4.24 -43.16 24.29
C GLN C 411 5.50 -43.41 25.10
N TYR C 412 6.62 -42.84 24.66
CA TYR C 412 7.87 -43.11 25.35
C TYR C 412 8.33 -41.85 26.09
N LYS C 413 8.77 -42.03 27.33
CA LYS C 413 9.35 -40.96 28.14
C LYS C 413 10.73 -41.40 28.63
N LEU C 414 11.64 -40.44 28.75
CA LEU C 414 13.05 -40.75 28.95
C LEU C 414 13.47 -40.29 30.34
N HIS C 415 13.43 -41.20 31.32
CA HIS C 415 13.72 -40.83 32.70
C HIS C 415 15.16 -41.16 33.01
N SER C 416 15.85 -40.25 33.69
CA SER C 416 17.26 -40.42 34.00
C SER C 416 17.43 -40.84 35.46
N SER C 417 18.67 -41.07 35.85
CA SER C 417 18.99 -41.37 37.24
C SER C 417 20.26 -40.65 37.66
N CYS C 421 22.54 -33.61 33.99
CA CYS C 421 22.80 -33.55 32.56
C CYS C 421 21.62 -34.04 31.73
N SER C 422 20.81 -33.09 31.26
CA SER C 422 19.77 -33.34 30.26
C SER C 422 20.39 -33.13 28.89
N THR C 423 20.49 -34.21 28.12
CA THR C 423 20.96 -34.09 26.75
C THR C 423 20.00 -34.63 25.72
N LEU C 424 19.40 -35.79 25.95
CA LEU C 424 18.57 -36.46 24.96
C LEU C 424 17.10 -36.21 25.26
N GLY C 425 16.25 -36.75 24.39
CA GLY C 425 14.81 -36.60 24.52
C GLY C 425 14.05 -37.39 23.48
N VAL C 426 13.02 -38.11 23.90
CA VAL C 426 12.32 -39.07 23.06
C VAL C 426 10.94 -38.54 22.78
N VAL C 427 10.56 -38.50 21.50
CA VAL C 427 9.16 -38.25 21.13
C VAL C 427 8.73 -39.31 20.12
N THR C 428 7.70 -40.07 20.48
CA THR C 428 7.25 -41.18 19.65
C THR C 428 6.54 -40.68 18.41
N SER C 429 7.00 -41.11 17.24
CA SER C 429 6.31 -40.81 16.01
C SER C 429 5.07 -41.68 15.91
N ALA C 430 3.91 -41.05 15.67
CA ALA C 430 2.64 -41.74 15.78
C ALA C 430 2.37 -42.72 14.65
N GLU C 431 3.14 -42.65 13.56
CA GLU C 431 2.91 -43.50 12.41
C GLU C 431 3.31 -44.95 12.69
N ASP C 432 4.49 -45.14 13.29
CA ASP C 432 5.04 -46.47 13.54
C ASP C 432 4.89 -46.92 14.97
N THR C 433 4.42 -46.05 15.87
CA THR C 433 4.46 -46.21 17.32
C THR C 433 5.85 -46.63 17.78
N SER C 434 6.83 -45.92 17.28
CA SER C 434 8.22 -46.08 17.66
C SER C 434 8.72 -44.75 18.19
N GLY C 435 9.53 -44.80 19.23
CA GLY C 435 10.04 -43.58 19.77
C GLY C 435 11.37 -43.22 19.16
N ILE C 436 11.46 -42.04 18.60
CA ILE C 436 12.71 -41.54 18.09
C ILE C 436 13.28 -40.61 19.14
N LEU C 437 14.56 -40.77 19.44
CA LEU C 437 15.24 -39.98 20.46
C LEU C 437 16.10 -38.93 19.78
N PHE C 438 16.06 -37.71 20.30
CA PHE C 438 16.79 -36.61 19.71
C PHE C 438 17.51 -35.80 20.79
N VAL C 439 18.52 -35.07 20.34
CA VAL C 439 19.34 -34.25 21.21
C VAL C 439 18.65 -32.90 21.38
N ASN C 440 18.39 -32.52 22.63
CA ASN C 440 17.63 -31.29 22.86
C ASN C 440 18.56 -30.12 23.20
N ASP C 441 19.70 -30.36 23.83
CA ASP C 441 20.69 -29.32 24.14
C ASP C 441 22.08 -29.68 23.66
N THR C 442 22.85 -28.65 23.33
CA THR C 442 24.23 -28.77 22.87
C THR C 442 25.25 -28.42 23.96
N LYS C 443 24.96 -27.42 24.79
CA LYS C 443 25.82 -27.02 25.89
C LYS C 443 26.01 -28.13 26.92
N ALA C 444 24.98 -28.95 27.16
CA ALA C 444 25.06 -30.05 28.09
C ALA C 444 25.60 -31.32 27.47
N LEU C 445 26.21 -31.25 26.30
CA LEU C 445 26.72 -32.44 25.65
C LEU C 445 28.22 -32.62 25.84
N ARG C 446 28.98 -31.52 25.87
CA ARG C 446 30.43 -31.56 25.90
C ARG C 446 31.01 -31.64 27.30
N ARG C 447 30.18 -31.87 28.31
CA ARG C 447 30.66 -31.83 29.69
C ARG C 447 31.51 -33.06 29.97
N PRO C 448 32.62 -32.93 30.69
CA PRO C 448 33.54 -34.06 30.83
C PRO C 448 33.06 -35.14 31.77
N LYS C 449 32.37 -34.76 32.84
CA LYS C 449 31.93 -35.71 33.86
C LYS C 449 30.68 -36.47 33.44
N CYS C 450 29.91 -35.94 32.50
CA CYS C 450 28.72 -36.61 31.97
C CYS C 450 29.04 -37.28 30.64
N ALA C 451 30.25 -37.82 30.50
CA ALA C 451 30.65 -38.47 29.27
C ALA C 451 29.96 -39.83 29.11
N GLU C 452 29.46 -40.39 30.21
CA GLU C 452 28.60 -41.57 30.20
C GLU C 452 27.43 -41.35 31.15
N LEU C 453 26.22 -41.63 30.69
CA LEU C 453 25.01 -41.36 31.45
C LEU C 453 24.16 -42.62 31.60
N HIS C 454 22.95 -42.44 32.13
CA HIS C 454 21.98 -43.52 32.31
C HIS C 454 20.60 -42.99 31.99
N TYR C 455 20.07 -43.37 30.83
CA TYR C 455 18.70 -43.01 30.47
C TYR C 455 17.84 -44.26 30.52
N MET C 456 17.09 -44.42 31.61
CA MET C 456 16.05 -45.44 31.70
C MET C 456 14.97 -45.04 30.70
N VAL C 457 14.88 -45.81 29.61
CA VAL C 457 13.89 -45.57 28.58
C VAL C 457 12.58 -46.20 29.02
N VAL C 458 11.51 -45.43 29.05
CA VAL C 458 10.25 -45.88 29.61
C VAL C 458 9.22 -45.85 28.51
N ALA C 459 8.54 -46.96 28.31
CA ALA C 459 7.54 -47.15 27.26
C ALA C 459 6.18 -47.36 27.90
N THR C 460 5.38 -46.31 27.99
CA THR C 460 4.10 -46.35 28.66
C THR C 460 2.99 -46.57 27.67
N ASP C 461 1.89 -47.13 28.15
CA ASP C 461 0.66 -47.27 27.38
C ASP C 461 -0.32 -46.19 27.84
N GLN C 462 -1.43 -46.04 27.12
CA GLN C 462 -2.39 -45.01 27.43
C GLN C 462 -3.79 -45.54 27.70
N GLN C 463 -4.25 -46.57 27.00
CA GLN C 463 -5.55 -47.17 27.29
C GLN C 463 -5.47 -48.19 28.42
N THR C 464 -4.27 -48.62 28.81
CA THR C 464 -4.02 -49.37 30.02
C THR C 464 -2.79 -48.72 30.66
N SER C 465 -2.60 -48.89 31.96
CA SER C 465 -1.47 -48.24 32.62
C SER C 465 -0.16 -48.99 32.41
N ARG C 466 -0.18 -50.11 31.70
CA ARG C 466 0.95 -51.04 31.63
C ARG C 466 2.10 -50.40 30.88
N GLN C 467 3.17 -50.12 31.61
CA GLN C 467 4.35 -49.49 31.06
C GLN C 467 5.51 -50.48 31.04
N ALA C 468 6.68 -50.00 30.63
CA ALA C 468 7.89 -50.81 30.68
C ALA C 468 9.08 -49.87 30.76
N GLN C 469 10.24 -50.46 31.07
CA GLN C 469 11.47 -49.69 31.10
C GLN C 469 12.59 -50.56 30.58
N ALA C 470 13.67 -49.90 30.19
CA ALA C 470 14.84 -50.61 29.68
C ALA C 470 16.07 -49.75 29.92
N GLN C 471 17.22 -50.42 29.94
CA GLN C 471 18.49 -49.84 30.40
C GLN C 471 19.31 -49.39 29.21
N LEU C 472 19.99 -48.26 29.35
CA LEU C 472 20.82 -47.68 28.32
C LEU C 472 22.20 -47.34 28.86
N LEU C 473 23.22 -47.50 28.02
CA LEU C 473 24.60 -47.08 28.30
C LEU C 473 25.06 -46.24 27.10
N VAL C 474 25.02 -44.93 27.26
CA VAL C 474 25.36 -44.00 26.19
C VAL C 474 26.84 -43.67 26.26
N THR C 475 27.49 -43.64 25.10
CA THR C 475 28.87 -43.17 25.00
C THR C 475 28.91 -41.99 24.04
N VAL C 476 29.06 -40.79 24.59
CA VAL C 476 29.21 -39.58 23.82
C VAL C 476 30.66 -39.52 23.34
N GLU C 477 30.87 -39.61 22.03
CA GLU C 477 32.21 -39.83 21.49
C GLU C 477 32.41 -39.00 20.23
N GLY C 478 33.58 -38.39 20.12
CA GLY C 478 33.96 -37.76 18.87
C GLY C 478 35.09 -36.77 19.07
N SER C 479 35.34 -36.00 18.02
CA SER C 479 36.27 -34.88 18.03
C SER C 479 35.60 -33.66 18.66
N TYR C 480 36.21 -32.49 18.48
CA TYR C 480 35.46 -31.24 18.58
C TYR C 480 36.13 -30.20 17.70
N VAL C 481 35.35 -29.64 16.78
CA VAL C 481 35.75 -28.50 15.97
C VAL C 481 34.63 -27.47 16.10
N ALA C 482 35.00 -26.24 16.43
CA ALA C 482 34.01 -25.18 16.49
C ALA C 482 33.60 -24.76 15.08
N GLU C 483 32.48 -24.05 14.99
CA GLU C 483 31.86 -23.80 13.70
C GLU C 483 32.28 -22.45 13.13
N GLU C 484 31.86 -22.22 11.91
CA GLU C 484 32.02 -20.95 11.21
C GLU C 484 30.93 -19.99 11.64
N ALA C 485 31.23 -18.69 11.60
CA ALA C 485 30.26 -17.66 11.93
C ALA C 485 29.40 -17.26 10.74
N GLY C 486 29.74 -17.69 9.52
CA GLY C 486 28.99 -17.32 8.35
C GLY C 486 27.99 -18.38 7.92
N CYS C 487 27.42 -19.07 8.89
CA CYS C 487 26.47 -20.14 8.65
C CYS C 487 25.04 -19.71 8.95
N PRO C 488 24.11 -19.97 8.03
CA PRO C 488 22.69 -19.80 8.32
C PRO C 488 22.22 -20.95 9.21
N LEU C 489 20.96 -20.86 9.62
CA LEU C 489 20.45 -21.85 10.56
C LEU C 489 20.12 -23.18 9.90
N SER C 490 19.92 -23.19 8.59
CA SER C 490 19.43 -24.38 7.90
C SER C 490 20.45 -24.86 6.89
N CYS C 491 20.51 -26.17 6.69
CA CYS C 491 21.35 -26.70 5.63
C CYS C 491 20.78 -26.36 4.26
N ALA C 492 19.46 -26.32 4.14
CA ALA C 492 18.81 -26.18 2.84
C ALA C 492 18.74 -24.74 2.33
N VAL C 493 19.36 -23.78 3.01
CA VAL C 493 19.49 -22.47 2.42
C VAL C 493 20.61 -22.47 1.39
N SER C 494 21.53 -23.41 1.51
CA SER C 494 22.65 -23.54 0.59
C SER C 494 22.19 -23.89 -0.81
N LYS C 495 23.07 -23.66 -1.78
CA LYS C 495 22.75 -23.74 -3.20
C LYS C 495 23.53 -24.84 -3.91
N ARG C 496 24.82 -24.98 -3.63
CA ARG C 496 25.69 -25.92 -4.31
C ARG C 496 26.28 -26.92 -3.31
N ARG C 497 27.20 -27.75 -3.76
CA ARG C 497 27.73 -28.83 -2.93
C ARG C 497 28.76 -28.36 -1.90
N LEU C 498 29.69 -27.49 -2.30
CA LEU C 498 30.76 -27.11 -1.38
C LEU C 498 30.25 -26.26 -0.23
N GLU C 499 29.18 -25.47 -0.45
CA GLU C 499 28.55 -24.76 0.65
C GLU C 499 27.63 -25.63 1.49
N CYS C 500 27.67 -26.95 1.32
CA CYS C 500 26.85 -27.82 2.14
C CYS C 500 27.63 -28.49 3.26
N GLU C 501 28.78 -29.07 2.94
CA GLU C 501 29.52 -29.84 3.94
C GLU C 501 30.56 -29.02 4.68
N GLU C 502 30.67 -27.73 4.39
CA GLU C 502 31.55 -26.84 5.14
C GLU C 502 30.80 -26.08 6.21
N CYS C 503 29.47 -26.15 6.19
CA CYS C 503 28.64 -25.28 7.01
C CYS C 503 27.54 -26.12 7.63
N GLY C 504 27.26 -25.84 8.90
CA GLY C 504 26.35 -26.63 9.69
C GLY C 504 24.94 -26.04 9.71
N GLY C 505 23.97 -26.95 9.81
CA GLY C 505 22.58 -26.55 9.79
C GLY C 505 21.98 -26.62 11.16
N LEU C 506 20.82 -27.26 11.30
CA LEU C 506 20.19 -27.30 12.60
C LEU C 506 20.02 -28.72 13.13
N GLY C 507 19.46 -29.62 12.33
CA GLY C 507 19.19 -30.95 12.83
C GLY C 507 20.29 -31.95 12.54
N SER C 508 21.53 -31.48 12.47
CA SER C 508 22.60 -32.29 11.92
C SER C 508 23.11 -33.30 12.96
N PRO C 509 23.47 -34.52 12.53
CA PRO C 509 23.93 -35.52 13.49
C PRO C 509 25.41 -35.42 13.81
N THR C 510 26.21 -34.88 12.89
CA THR C 510 27.65 -34.77 13.10
C THR C 510 28.19 -33.37 12.83
N GLY C 511 27.37 -32.33 12.91
CA GLY C 511 27.81 -30.96 12.74
C GLY C 511 27.87 -30.51 11.29
N ARG C 512 28.27 -31.39 10.39
CA ARG C 512 28.25 -31.10 8.98
C ARG C 512 26.85 -31.33 8.42
N CYS C 513 26.66 -30.99 7.15
CA CYS C 513 25.47 -31.38 6.42
C CYS C 513 25.90 -32.38 5.36
N GLU C 514 25.00 -32.72 4.45
CA GLU C 514 25.32 -33.65 3.37
C GLU C 514 24.53 -33.29 2.13
N TRP C 515 25.22 -33.30 0.99
CA TRP C 515 24.64 -32.90 -0.29
C TRP C 515 24.07 -34.11 -1.01
N ARG C 516 22.80 -34.05 -1.40
CA ARG C 516 22.26 -35.08 -2.28
C ARG C 516 21.89 -34.44 -3.60
N GLN C 517 22.22 -35.12 -4.69
CA GLN C 517 22.01 -34.60 -6.02
C GLN C 517 21.48 -35.71 -6.91
N GLY C 518 20.41 -35.41 -7.62
CA GLY C 518 19.82 -36.40 -8.50
C GLY C 518 20.15 -36.20 -9.96
N ASP C 519 19.19 -36.55 -10.80
CA ASP C 519 19.34 -36.70 -12.23
C ASP C 519 18.96 -35.42 -12.96
N GLY C 520 19.04 -35.47 -14.27
CA GLY C 520 18.66 -34.35 -15.09
C GLY C 520 17.45 -34.68 -15.93
N LYS C 521 16.49 -35.37 -15.33
CA LYS C 521 15.31 -35.85 -16.05
C LYS C 521 14.09 -34.96 -15.85
N GLY C 522 14.29 -33.65 -15.74
CA GLY C 522 13.17 -32.74 -15.66
C GLY C 522 12.62 -32.70 -14.25
N ILE C 523 11.31 -32.49 -14.15
CA ILE C 523 10.65 -32.42 -12.86
C ILE C 523 10.60 -33.84 -12.31
N THR C 524 11.54 -34.18 -11.44
CA THR C 524 11.64 -35.50 -10.85
C THR C 524 11.47 -35.41 -9.35
N ARG C 525 11.03 -36.52 -8.75
CA ARG C 525 10.93 -36.56 -7.30
C ARG C 525 12.31 -36.67 -6.66
N ASN C 526 13.27 -37.20 -7.39
CA ASN C 526 14.66 -37.30 -6.94
C ASN C 526 15.37 -36.06 -7.48
N PHE C 527 15.45 -35.03 -6.65
CA PHE C 527 16.10 -33.78 -7.03
C PHE C 527 17.31 -33.57 -6.13
N SER C 528 17.84 -32.34 -6.15
CA SER C 528 19.09 -31.99 -5.51
C SER C 528 18.86 -30.96 -4.42
N THR C 529 19.58 -31.10 -3.31
CA THR C 529 19.47 -30.25 -2.14
C THR C 529 20.63 -30.50 -1.19
N CYS C 530 20.72 -29.65 -0.17
CA CYS C 530 21.67 -29.81 0.93
C CYS C 530 20.87 -30.13 2.19
N SER C 531 21.07 -31.33 2.73
CA SER C 531 20.22 -31.86 3.78
C SER C 531 21.05 -32.26 5.00
N PRO C 532 20.53 -32.09 6.21
CA PRO C 532 21.18 -32.65 7.39
C PRO C 532 21.20 -34.17 7.37
N SER C 533 19.99 -34.73 7.35
CA SER C 533 19.78 -36.18 7.41
C SER C 533 19.27 -36.59 6.04
N THR C 534 20.15 -37.16 5.23
CA THR C 534 19.83 -37.60 3.87
C THR C 534 18.86 -38.76 3.83
N LYS C 535 18.59 -39.41 4.95
CA LYS C 535 17.62 -40.49 5.04
C LYS C 535 16.37 -40.11 5.81
N THR C 536 16.26 -38.87 6.28
CA THR C 536 15.13 -38.56 7.13
C THR C 536 14.38 -37.32 6.64
N CYS C 537 15.11 -36.31 6.15
CA CYS C 537 14.47 -35.07 5.70
C CYS C 537 13.87 -35.11 4.28
N PRO C 538 14.63 -35.37 3.14
CA PRO C 538 13.94 -35.32 1.84
C PRO C 538 13.28 -36.65 1.50
N ASP C 539 12.37 -37.07 2.37
CA ASP C 539 11.94 -38.46 2.42
C ASP C 539 10.47 -38.61 2.01
N GLY C 540 9.66 -37.62 2.32
CA GLY C 540 8.25 -37.69 2.00
C GLY C 540 7.41 -37.47 3.22
N HIS C 541 8.00 -37.68 4.39
CA HIS C 541 7.31 -37.41 5.65
C HIS C 541 7.96 -36.23 6.34
N CYS C 542 7.14 -35.29 6.73
CA CYS C 542 7.54 -34.25 7.68
C CYS C 542 7.42 -34.90 9.04
N ASP C 543 8.51 -35.48 9.54
CA ASP C 543 8.51 -36.17 10.82
C ASP C 543 8.28 -35.19 11.97
N VAL C 544 8.06 -35.76 13.15
CA VAL C 544 7.81 -34.92 14.32
C VAL C 544 9.08 -34.17 14.69
N VAL C 545 10.22 -34.86 14.64
CA VAL C 545 11.51 -34.23 14.83
C VAL C 545 11.78 -33.21 13.72
N GLU C 546 11.36 -33.53 12.49
CA GLU C 546 11.50 -32.60 11.38
C GLU C 546 10.55 -31.41 11.50
N THR C 547 9.35 -31.60 12.07
CA THR C 547 8.44 -30.47 12.20
C THR C 547 8.64 -29.70 13.48
N GLN C 548 9.62 -30.09 14.30
CA GLN C 548 10.00 -29.29 15.46
C GLN C 548 10.36 -27.86 15.10
N ASP C 549 11.34 -27.65 14.23
CA ASP C 549 11.69 -26.30 13.84
C ASP C 549 11.48 -26.06 12.35
N ILE C 550 11.45 -24.77 12.02
CA ILE C 550 11.25 -24.32 10.66
C ILE C 550 12.51 -24.54 9.85
N ASN C 551 13.66 -24.67 10.51
CA ASN C 551 14.94 -24.69 9.83
C ASN C 551 15.49 -26.08 9.59
N ILE C 552 14.93 -27.12 10.21
CA ILE C 552 15.56 -28.43 10.17
C ILE C 552 15.42 -29.06 8.80
N CYS C 553 14.17 -29.24 8.38
CA CYS C 553 13.83 -29.87 7.11
C CYS C 553 12.79 -28.97 6.46
N PRO C 554 13.21 -27.87 5.81
CA PRO C 554 12.23 -26.93 5.27
C PRO C 554 11.62 -27.36 3.94
N GLN C 555 12.38 -28.07 3.12
CA GLN C 555 11.97 -28.54 1.81
C GLN C 555 11.05 -29.76 1.85
N ASP C 556 10.54 -30.09 3.03
CA ASP C 556 9.54 -31.11 3.19
C ASP C 556 8.58 -30.76 4.31
N CYS C 557 8.63 -29.53 4.82
CA CYS C 557 7.74 -29.15 5.92
C CYS C 557 7.21 -27.73 5.80
N LEU C 558 7.42 -27.08 4.66
CA LEU C 558 7.10 -25.66 4.58
C LEU C 558 5.67 -25.48 4.12
N ARG C 559 5.13 -24.30 4.34
CA ARG C 559 3.84 -23.90 3.79
C ARG C 559 4.08 -22.56 3.10
N GLY C 560 4.52 -22.61 1.85
CA GLY C 560 4.81 -21.39 1.15
C GLY C 560 4.64 -21.51 -0.35
N SER C 561 5.11 -20.52 -1.08
CA SER C 561 5.08 -20.55 -2.53
C SER C 561 6.38 -21.15 -3.01
N ILE C 562 6.32 -21.89 -4.11
CA ILE C 562 7.49 -22.47 -4.73
C ILE C 562 7.60 -21.85 -6.11
N VAL C 563 8.41 -20.81 -6.23
CA VAL C 563 8.57 -20.10 -7.48
C VAL C 563 9.37 -20.97 -8.41
N GLY C 564 8.84 -21.18 -9.60
CA GLY C 564 9.42 -22.09 -10.58
C GLY C 564 8.49 -23.25 -10.88
N GLY C 565 8.87 -24.00 -11.90
CA GLY C 565 8.08 -25.14 -12.31
C GLY C 565 8.24 -26.24 -11.29
N HIS C 566 7.20 -26.47 -10.51
CA HIS C 566 7.28 -27.41 -9.41
C HIS C 566 6.12 -28.38 -9.52
N GLU C 567 5.89 -29.12 -8.45
CA GLU C 567 4.74 -29.95 -8.23
C GLU C 567 4.69 -30.19 -6.73
N PRO C 568 3.62 -29.74 -6.06
CA PRO C 568 3.67 -29.57 -4.61
C PRO C 568 3.60 -30.87 -3.86
N GLY C 569 4.25 -30.89 -2.70
CA GLY C 569 4.02 -31.95 -1.74
C GLY C 569 2.57 -31.99 -1.29
N GLU C 570 2.09 -33.20 -1.11
CA GLU C 570 0.65 -33.37 -1.06
C GLU C 570 0.05 -32.95 0.29
N PRO C 571 0.67 -33.23 1.46
CA PRO C 571 0.27 -32.43 2.63
C PRO C 571 0.87 -31.05 2.58
N ARG C 572 2.17 -30.99 2.28
CA ARG C 572 2.96 -29.77 2.23
C ARG C 572 4.34 -30.16 1.71
N GLY C 573 5.11 -29.15 1.32
CA GLY C 573 6.48 -29.37 0.95
C GLY C 573 6.72 -29.27 -0.54
N ILE C 574 7.72 -29.99 -0.99
CA ILE C 574 8.07 -30.06 -2.41
C ILE C 574 8.08 -31.52 -2.81
N LYS C 575 7.06 -31.94 -3.56
CA LYS C 575 7.05 -33.30 -4.08
C LYS C 575 8.02 -33.47 -5.24
N ALA C 576 8.00 -32.52 -6.18
CA ALA C 576 8.97 -32.55 -7.26
C ALA C 576 9.24 -31.13 -7.70
N GLY C 577 10.43 -30.89 -8.23
CA GLY C 577 10.80 -29.56 -8.65
C GLY C 577 11.88 -29.57 -9.72
N TYR C 578 11.81 -28.64 -10.67
CA TYR C 578 12.68 -28.67 -11.84
C TYR C 578 14.07 -28.20 -11.47
N GLY C 579 14.98 -29.14 -11.18
CA GLY C 579 16.38 -28.79 -11.09
C GLY C 579 16.98 -28.84 -9.69
N THR C 580 17.27 -27.66 -9.13
CA THR C 580 17.71 -27.51 -7.75
C THR C 580 16.66 -26.71 -7.02
N CYS C 581 16.38 -27.05 -5.77
CA CYS C 581 15.39 -26.32 -5.00
C CYS C 581 16.04 -25.82 -3.71
N ASN C 582 16.15 -24.50 -3.58
CA ASN C 582 16.69 -23.86 -2.38
C ASN C 582 15.60 -23.04 -1.70
N CYS C 583 15.44 -23.23 -0.41
CA CYS C 583 14.28 -22.70 0.29
C CYS C 583 14.72 -21.73 1.38
N PHE C 584 14.01 -20.62 1.45
CA PHE C 584 14.19 -19.62 2.51
C PHE C 584 13.04 -19.82 3.48
N PRO C 585 13.30 -20.42 4.64
CA PRO C 585 12.22 -20.71 5.58
C PRO C 585 11.79 -19.50 6.39
N GLU C 586 12.68 -18.53 6.59
CA GLU C 586 12.32 -17.32 7.31
C GLU C 586 11.44 -16.39 6.48
N GLU C 587 11.49 -16.50 5.16
CA GLU C 587 10.62 -15.73 4.28
C GLU C 587 9.53 -16.57 3.64
N GLU C 588 9.53 -17.89 3.88
CA GLU C 588 8.54 -18.85 3.38
C GLU C 588 8.48 -18.84 1.84
N LYS C 589 9.59 -19.26 1.25
CA LYS C 589 9.64 -19.30 -0.21
C LYS C 589 10.58 -20.43 -0.61
N CYS C 590 10.35 -21.02 -1.77
CA CYS C 590 11.36 -21.88 -2.36
C CYS C 590 11.59 -21.45 -3.79
N PHE C 591 12.79 -21.65 -4.27
CA PHE C 591 13.08 -21.47 -5.69
C PHE C 591 13.45 -22.82 -6.26
N CYS C 592 12.79 -23.21 -7.33
CA CYS C 592 13.16 -24.42 -8.05
C CYS C 592 13.61 -24.02 -9.43
N GLU C 593 14.87 -24.28 -9.72
CA GLU C 593 15.65 -23.65 -10.77
C GLU C 593 16.94 -24.42 -10.93
N PRO C 594 17.43 -24.66 -12.15
CA PRO C 594 18.67 -25.40 -12.29
C PRO C 594 19.91 -24.55 -12.06
N GLY D 137 23.05 -6.89 -1.43
CA GLY D 137 21.67 -6.74 -1.02
C GLY D 137 21.15 -5.33 -1.20
N CYS D 138 19.84 -5.18 -1.35
CA CYS D 138 19.22 -3.88 -1.58
C CYS D 138 19.24 -3.10 -0.28
N ARG D 139 20.26 -2.25 -0.11
CA ARG D 139 20.51 -1.55 1.13
C ARG D 139 20.88 -0.09 0.87
N LEU D 140 20.97 0.68 1.94
CA LEU D 140 21.14 2.12 1.88
C LEU D 140 22.59 2.48 1.63
N ARG D 141 22.82 3.58 0.94
CA ARG D 141 24.16 4.10 0.67
C ARG D 141 24.27 5.52 1.20
N SER D 142 25.40 6.18 0.94
CA SER D 142 25.65 7.57 1.32
C SER D 142 26.92 8.04 0.63
N GLN D 143 27.00 9.34 0.36
CA GLN D 143 28.09 9.88 -0.45
C GLN D 143 28.17 11.40 -0.23
N LEU D 144 29.15 12.05 -0.87
CA LEU D 144 29.37 13.49 -0.81
C LEU D 144 29.31 14.08 -2.21
N VAL D 145 28.47 15.10 -2.39
CA VAL D 145 28.29 15.73 -3.71
C VAL D 145 28.26 17.24 -3.56
N PRO D 146 28.80 17.96 -4.56
CA PRO D 146 28.58 19.41 -4.62
C PRO D 146 27.13 19.73 -4.94
N VAL D 147 26.74 20.98 -4.72
CA VAL D 147 25.33 21.32 -4.91
C VAL D 147 25.11 21.97 -6.27
N ARG D 148 26.17 22.53 -6.87
CA ARG D 148 26.08 22.88 -8.29
C ARG D 148 26.00 21.65 -9.17
N ALA D 149 26.48 20.50 -8.68
CA ALA D 149 26.45 19.25 -9.43
C ALA D 149 25.11 18.53 -9.33
N LEU D 150 24.10 19.13 -8.70
CA LEU D 150 22.78 18.52 -8.65
C LEU D 150 21.91 18.88 -9.85
N GLY D 151 22.19 19.99 -10.50
CA GLY D 151 21.38 20.39 -11.63
C GLY D 151 20.00 20.87 -11.27
N LEU D 152 19.89 21.73 -10.25
CA LEU D 152 18.63 22.36 -9.91
C LEU D 152 18.73 23.88 -9.85
N GLY D 153 19.78 24.46 -10.41
CA GLY D 153 19.90 25.90 -10.52
C GLY D 153 20.52 26.60 -9.33
N HIS D 154 20.55 25.95 -8.16
CA HIS D 154 21.18 26.51 -6.98
C HIS D 154 22.70 26.60 -7.17
N ARG D 155 23.22 27.82 -7.29
CA ARG D 155 24.65 28.03 -7.42
C ARG D 155 25.23 28.18 -6.02
N SER D 156 26.20 27.33 -5.67
CA SER D 156 26.78 27.38 -4.34
C SER D 156 28.16 26.76 -4.38
N ASP D 157 28.73 26.53 -3.20
CA ASP D 157 30.11 26.09 -3.07
C ASP D 157 30.28 24.95 -2.08
N GLU D 158 29.20 24.35 -1.60
CA GLU D 158 29.29 23.46 -0.45
C GLU D 158 29.34 22.00 -0.87
N LEU D 159 29.30 21.13 0.14
CA LEU D 159 29.21 19.70 -0.03
C LEU D 159 28.05 19.18 0.82
N VAL D 160 27.30 18.22 0.29
CA VAL D 160 26.20 17.61 1.03
C VAL D 160 26.27 16.11 0.92
N ARG D 161 25.94 15.42 2.02
CA ARG D 161 25.87 13.98 2.00
C ARG D 161 24.54 13.54 1.43
N PHE D 162 24.58 12.48 0.65
CA PHE D 162 23.54 12.10 -0.29
C PHE D 162 23.36 10.60 -0.22
N ARG D 163 22.16 10.15 0.14
CA ARG D 163 21.91 8.73 0.35
C ARG D 163 21.03 8.19 -0.76
N PHE D 164 21.54 7.21 -1.49
CA PHE D 164 20.86 6.61 -2.62
C PHE D 164 20.66 5.12 -2.35
N CYS D 165 19.89 4.46 -3.20
CA CYS D 165 19.61 3.03 -3.03
C CYS D 165 20.28 2.21 -4.12
N SER D 166 20.74 1.02 -3.74
CA SER D 166 21.43 0.13 -4.65
C SER D 166 21.27 -1.30 -4.16
N GLY D 167 21.49 -2.25 -5.06
CA GLY D 167 21.55 -3.64 -4.69
C GLY D 167 20.85 -4.52 -5.69
N SER D 168 20.54 -5.74 -5.24
CA SER D 168 19.80 -6.73 -6.02
C SER D 168 18.66 -7.28 -5.18
N CYS D 169 17.62 -7.78 -5.84
CA CYS D 169 16.41 -8.22 -5.17
C CYS D 169 15.97 -9.60 -5.64
N ARG D 170 16.87 -10.57 -5.59
CA ARG D 170 16.56 -11.92 -6.07
C ARG D 170 15.66 -12.70 -5.12
N ARG D 171 15.34 -12.15 -3.95
CA ARG D 171 14.44 -12.85 -3.04
C ARG D 171 13.01 -12.35 -3.10
N ALA D 172 12.70 -11.36 -3.92
CA ALA D 172 11.32 -10.93 -4.14
C ALA D 172 10.86 -11.31 -5.54
N ARG D 173 11.47 -12.34 -6.10
CA ARG D 173 11.25 -12.79 -7.46
C ARG D 173 9.89 -13.48 -7.56
N SER D 174 9.30 -13.45 -8.75
CA SER D 174 7.96 -13.97 -9.01
C SER D 174 8.04 -15.08 -10.04
N PRO D 175 6.95 -15.80 -10.33
CA PRO D 175 6.97 -16.70 -11.50
C PRO D 175 7.08 -15.95 -12.83
N HIS D 176 6.49 -14.76 -12.92
CA HIS D 176 6.60 -13.96 -14.13
C HIS D 176 8.01 -13.47 -14.36
N ASP D 177 8.78 -13.29 -13.29
CA ASP D 177 10.14 -12.78 -13.44
C ASP D 177 11.08 -13.82 -14.03
N LEU D 178 11.02 -15.07 -13.54
CA LEU D 178 11.74 -16.17 -14.18
C LEU D 178 11.26 -16.39 -15.60
N SER D 179 9.95 -16.24 -15.82
CA SER D 179 9.38 -16.39 -17.15
C SER D 179 9.95 -15.37 -18.12
N LEU D 180 9.95 -14.09 -17.72
CA LEU D 180 10.45 -13.03 -18.58
C LEU D 180 11.96 -13.07 -18.71
N ALA D 181 12.67 -13.58 -17.71
CA ALA D 181 14.12 -13.68 -17.82
C ALA D 181 14.55 -14.90 -18.61
N SER D 182 13.62 -15.80 -18.90
CA SER D 182 13.93 -16.87 -19.86
C SER D 182 13.41 -16.56 -21.26
N LEU D 183 12.31 -15.83 -21.37
CA LEU D 183 11.84 -15.37 -22.67
C LEU D 183 12.77 -14.32 -23.26
N LEU D 184 13.49 -13.59 -22.40
CA LEU D 184 14.56 -12.74 -22.84
C LEU D 184 15.91 -13.42 -22.72
N GLY D 185 15.94 -14.75 -22.63
CA GLY D 185 17.18 -15.49 -22.64
C GLY D 185 17.51 -16.05 -24.00
N ALA D 186 16.53 -16.70 -24.62
CA ALA D 186 16.64 -17.16 -25.99
C ALA D 186 16.10 -16.16 -26.99
N GLY D 187 15.77 -14.95 -26.54
CA GLY D 187 15.21 -13.93 -27.41
C GLY D 187 13.84 -14.28 -27.93
N ALA D 188 13.02 -14.94 -27.11
CA ALA D 188 11.72 -15.40 -27.57
C ALA D 188 10.72 -14.27 -27.76
N LEU D 189 10.95 -13.11 -27.17
CA LEU D 189 10.07 -11.98 -27.38
C LEU D 189 10.68 -11.01 -28.39
N ARG D 190 9.81 -10.40 -29.19
CA ARG D 190 10.13 -9.16 -29.86
C ARG D 190 10.08 -8.05 -28.81
N PRO D 191 11.18 -7.39 -28.50
CA PRO D 191 11.14 -6.29 -27.53
C PRO D 191 10.37 -5.11 -28.08
N PRO D 192 9.51 -4.50 -27.28
CA PRO D 192 8.59 -3.47 -27.80
C PRO D 192 9.32 -2.18 -28.13
N PRO D 193 8.73 -1.32 -28.97
CA PRO D 193 9.36 -0.02 -29.20
C PRO D 193 9.26 0.88 -27.98
N GLY D 194 10.39 1.48 -27.62
CA GLY D 194 10.51 2.22 -26.40
C GLY D 194 11.66 1.70 -25.55
N SER D 195 11.33 1.12 -24.41
CA SER D 195 12.33 0.68 -23.46
C SER D 195 12.47 -0.84 -23.48
N ARG D 196 13.38 -1.33 -22.66
CA ARG D 196 13.45 -2.75 -22.35
C ARG D 196 12.68 -3.00 -21.05
N PRO D 197 11.81 -4.00 -21.00
CA PRO D 197 11.22 -4.38 -19.72
C PRO D 197 12.23 -5.09 -18.83
N VAL D 198 12.29 -4.66 -17.58
CA VAL D 198 13.24 -5.18 -16.61
C VAL D 198 12.64 -6.42 -15.96
N SER D 199 13.48 -7.40 -15.66
CA SER D 199 13.01 -8.68 -15.14
C SER D 199 12.85 -8.69 -13.63
N GLN D 200 13.86 -8.25 -12.89
CA GLN D 200 13.87 -8.32 -11.44
C GLN D 200 13.20 -7.07 -10.89
N PRO D 201 12.66 -7.12 -9.68
CA PRO D 201 12.12 -5.91 -9.06
C PRO D 201 13.24 -4.92 -8.76
N CYS D 202 13.02 -3.66 -9.13
CA CYS D 202 14.05 -2.64 -9.01
C CYS D 202 14.14 -2.16 -7.56
N CYS D 203 15.37 -1.81 -7.14
CA CYS D 203 15.68 -1.42 -5.76
C CYS D 203 15.45 0.08 -5.61
N ARG D 204 14.38 0.46 -4.92
CA ARG D 204 13.93 1.84 -4.87
C ARG D 204 13.82 2.35 -3.44
N PRO D 205 13.91 3.67 -3.23
CA PRO D 205 13.73 4.21 -1.88
C PRO D 205 12.31 4.06 -1.37
N THR D 206 12.16 4.26 -0.08
CA THR D 206 10.86 4.31 0.56
C THR D 206 10.59 5.64 1.23
N ARG D 207 11.63 6.29 1.74
CA ARG D 207 11.49 7.57 2.42
C ARG D 207 12.64 8.48 2.03
N TYR D 208 12.41 9.78 2.19
CA TYR D 208 13.29 10.82 1.70
C TYR D 208 13.62 11.80 2.83
N GLU D 209 14.70 12.55 2.66
CA GLU D 209 14.99 13.62 3.60
C GLU D 209 15.36 14.88 2.84
N ALA D 210 15.22 16.02 3.52
CA ALA D 210 15.51 17.31 2.93
C ALA D 210 16.99 17.59 2.99
N VAL D 211 17.45 18.50 2.13
CA VAL D 211 18.86 18.89 2.09
C VAL D 211 18.96 20.41 2.10
N SER D 212 19.70 20.94 3.06
CA SER D 212 19.82 22.37 3.30
C SER D 212 21.26 22.82 3.08
N PHE D 213 21.42 24.07 2.65
CA PHE D 213 22.75 24.62 2.37
C PHE D 213 22.62 26.14 2.28
N MET D 214 23.72 26.78 1.91
CA MET D 214 23.78 28.21 1.68
C MET D 214 24.24 28.47 0.25
N ASP D 215 23.72 29.53 -0.36
CA ASP D 215 24.01 29.82 -1.76
C ASP D 215 25.19 30.80 -1.86
N VAL D 216 25.37 31.40 -3.03
CA VAL D 216 26.47 32.34 -3.21
C VAL D 216 26.15 33.69 -2.58
N ASN D 217 24.87 34.00 -2.38
CA ASN D 217 24.48 35.21 -1.66
C ASN D 217 24.37 34.98 -0.17
N SER D 218 24.82 33.82 0.31
CA SER D 218 24.79 33.41 1.71
C SER D 218 23.38 33.44 2.26
N THR D 219 22.48 32.76 1.56
CA THR D 219 21.08 32.62 1.96
C THR D 219 20.77 31.14 2.01
N TRP D 220 20.06 30.72 3.05
CA TRP D 220 19.80 29.30 3.24
C TRP D 220 18.75 28.79 2.27
N ARG D 221 19.15 27.88 1.40
CA ARG D 221 18.28 27.22 0.44
C ARG D 221 18.05 25.79 0.88
N THR D 222 16.79 25.37 0.87
CA THR D 222 16.43 23.99 1.15
C THR D 222 15.78 23.39 -0.08
N VAL D 223 16.05 22.12 -0.32
CA VAL D 223 15.35 21.36 -1.35
C VAL D 223 14.79 20.12 -0.66
N ASP D 224 13.46 20.01 -0.65
CA ASP D 224 12.83 18.91 0.03
C ASP D 224 13.00 17.62 -0.75
N ARG D 225 13.18 16.53 -0.01
CA ARG D 225 13.16 15.15 -0.51
C ARG D 225 14.21 14.92 -1.58
N LEU D 226 15.47 15.05 -1.19
CA LEU D 226 16.55 14.88 -2.15
C LEU D 226 17.43 13.68 -1.84
N SER D 227 17.38 13.16 -0.61
CA SER D 227 18.24 12.06 -0.21
C SER D 227 17.42 11.03 0.55
N ALA D 228 17.68 9.75 0.29
CA ALA D 228 16.87 8.68 0.84
C ALA D 228 17.24 8.41 2.30
N THR D 229 16.41 7.62 2.97
CA THR D 229 16.74 7.12 4.29
C THR D 229 16.55 5.61 4.45
N ALA D 230 15.82 4.95 3.57
CA ALA D 230 15.60 3.52 3.65
C ALA D 230 15.25 2.99 2.27
N CYS D 231 15.77 1.82 1.95
CA CYS D 231 15.58 1.24 0.63
C CYS D 231 14.65 0.04 0.73
N GLY D 232 14.26 -0.48 -0.44
CA GLY D 232 13.40 -1.63 -0.48
C GLY D 232 13.32 -2.19 -1.88
N CYS D 233 12.84 -3.44 -1.95
CA CYS D 233 12.66 -4.12 -3.21
C CYS D 233 11.26 -3.85 -3.72
N LEU D 234 11.15 -3.23 -4.88
CA LEU D 234 9.85 -2.99 -5.50
C LEU D 234 9.86 -3.39 -6.96
N SER E 128 39.00 29.34 -1.85
CA SER E 128 38.06 28.99 -0.80
C SER E 128 38.58 29.41 0.57
N ASP E 129 37.78 30.19 1.29
CA ASP E 129 38.20 30.83 2.53
C ASP E 129 38.25 29.84 3.69
N LEU E 130 38.34 30.39 4.91
CA LEU E 130 38.44 29.57 6.11
C LEU E 130 37.08 29.26 6.73
N CYS E 131 36.11 30.17 6.61
CA CYS E 131 34.77 29.93 7.12
C CYS E 131 34.00 28.90 6.32
N LEU E 132 34.53 28.48 5.18
CA LEU E 132 34.05 27.31 4.47
C LEU E 132 34.80 26.05 4.85
N LYS E 133 36.10 26.17 5.14
CA LYS E 133 36.87 25.01 5.60
C LYS E 133 36.37 24.51 6.95
N PHE E 134 36.01 25.42 7.85
CA PHE E 134 35.47 24.97 9.12
C PHE E 134 33.98 24.67 9.06
N ALA E 135 33.33 24.92 7.92
CA ALA E 135 31.96 24.46 7.76
C ALA E 135 31.92 23.05 7.22
N MET E 136 32.82 22.73 6.29
CA MET E 136 32.89 21.38 5.78
C MET E 136 33.39 20.38 6.80
N LEU E 137 34.19 20.80 7.78
CA LEU E 137 34.57 19.90 8.86
C LEU E 137 33.40 19.54 9.78
N CYS E 138 32.34 20.36 9.79
CA CYS E 138 31.08 19.94 10.38
C CYS E 138 30.24 19.15 9.40
N THR E 139 30.41 19.39 8.10
CA THR E 139 29.73 18.57 7.11
C THR E 139 30.31 17.15 7.08
N LEU E 140 31.64 17.02 7.10
CA LEU E 140 32.28 15.72 6.99
C LEU E 140 32.05 14.87 8.22
N ASN E 141 31.72 15.45 9.36
CA ASN E 141 31.35 14.64 10.51
C ASN E 141 29.96 14.05 10.30
N ASP E 142 29.72 12.90 10.91
CA ASP E 142 28.37 12.37 10.96
C ASP E 142 27.55 13.08 12.04
N LYS E 143 28.19 13.39 13.17
CA LYS E 143 27.45 13.90 14.31
C LYS E 143 27.10 15.37 14.15
N CYS E 144 27.84 16.09 13.31
CA CYS E 144 27.65 17.53 13.20
C CYS E 144 26.79 17.93 12.02
N ASP E 145 26.90 17.21 10.89
CA ASP E 145 26.09 17.55 9.73
C ASP E 145 24.63 17.21 9.94
N ARG E 146 24.35 16.15 10.70
CA ARG E 146 23.00 15.81 11.06
C ARG E 146 22.34 16.88 11.92
N LEU E 147 23.13 17.63 12.68
CA LEU E 147 22.62 18.74 13.45
C LEU E 147 22.55 20.03 12.64
N ARG E 148 23.48 20.24 11.72
CA ARG E 148 23.47 21.45 10.90
C ARG E 148 22.35 21.42 9.86
N LYS E 149 22.02 20.23 9.35
CA LYS E 149 20.86 20.06 8.50
C LYS E 149 19.55 20.31 9.24
N ALA E 150 19.55 20.20 10.56
CA ALA E 150 18.33 20.39 11.32
C ALA E 150 17.96 21.85 11.50
N TYR E 151 18.91 22.77 11.43
CA TYR E 151 18.54 24.19 11.44
C TYR E 151 18.75 24.87 10.10
N GLY E 152 19.43 24.24 9.14
CA GLY E 152 19.37 24.78 7.81
C GLY E 152 18.01 24.63 7.16
N GLU E 153 17.23 23.65 7.61
CA GLU E 153 15.91 23.41 7.03
C GLU E 153 14.85 24.30 7.67
N ALA E 154 14.96 24.56 8.96
CA ALA E 154 13.97 25.37 9.64
C ALA E 154 14.23 26.86 9.51
N CYS E 155 15.29 27.27 8.83
CA CYS E 155 15.64 28.67 8.69
C CYS E 155 15.82 29.07 7.23
N SER E 156 14.91 28.64 6.35
CA SER E 156 15.08 28.83 4.93
C SER E 156 13.78 29.30 4.28
N GLY E 157 13.92 30.03 3.18
CA GLY E 157 12.78 30.43 2.38
C GLY E 157 12.09 31.67 2.92
N PRO E 158 11.24 32.29 2.10
CA PRO E 158 10.57 33.52 2.52
C PRO E 158 9.46 33.29 3.52
N HIS E 159 8.92 32.08 3.59
CA HIS E 159 7.84 31.72 4.50
C HIS E 159 8.37 31.20 5.83
N CYS E 160 9.54 31.68 6.24
CA CYS E 160 10.29 31.10 7.34
C CYS E 160 9.56 31.30 8.65
N GLN E 161 9.85 30.42 9.59
CA GLN E 161 9.17 30.40 10.87
C GLN E 161 10.23 30.55 11.94
N ARG E 162 10.06 31.55 12.81
CA ARG E 162 11.18 31.98 13.65
C ARG E 162 11.38 31.05 14.85
N HIS E 163 10.30 30.67 15.52
CA HIS E 163 10.47 29.94 16.77
C HIS E 163 10.77 28.46 16.57
N VAL E 164 10.83 27.99 15.33
CA VAL E 164 11.32 26.65 15.03
C VAL E 164 12.78 26.81 14.58
N CYS E 165 13.07 27.95 13.97
CA CYS E 165 14.44 28.27 13.55
C CYS E 165 15.36 28.46 14.74
N LEU E 166 14.85 28.97 15.85
CA LEU E 166 15.69 29.22 17.02
C LEU E 166 15.87 27.96 17.85
N ARG E 167 14.84 27.12 17.90
CA ARG E 167 14.86 25.92 18.73
C ARG E 167 15.87 24.90 18.21
N GLN E 168 16.11 24.88 16.90
CA GLN E 168 17.12 24.01 16.34
C GLN E 168 18.52 24.63 16.37
N LEU E 169 18.69 25.81 16.95
CA LEU E 169 20.02 26.38 17.16
C LEU E 169 20.59 26.08 18.54
N LEU E 170 19.73 26.10 19.57
CA LEU E 170 20.13 25.66 20.90
C LEU E 170 20.58 24.21 20.89
N THR E 171 19.87 23.38 20.14
CA THR E 171 20.23 21.98 20.02
C THR E 171 21.56 21.82 19.30
N PHE E 172 21.88 22.71 18.37
CA PHE E 172 23.14 22.58 17.67
C PHE E 172 24.32 23.03 18.52
N PHE E 173 24.24 24.20 19.13
CA PHE E 173 25.39 24.64 19.91
C PHE E 173 25.43 24.01 21.30
N GLU E 174 24.43 23.21 21.65
CA GLU E 174 24.43 22.48 22.93
C GLU E 174 24.91 21.05 22.74
N LYS E 175 24.22 20.29 21.89
CA LYS E 175 24.52 18.88 21.73
C LYS E 175 25.51 18.62 20.61
N ALA E 176 26.61 19.35 20.58
CA ALA E 176 27.67 19.06 19.64
C ALA E 176 29.00 19.21 20.35
N ALA E 177 30.05 18.68 19.73
CA ALA E 177 31.38 18.82 20.27
C ALA E 177 31.83 20.27 20.18
N GLU E 178 32.43 20.76 21.27
CA GLU E 178 32.90 22.13 21.35
C GLU E 178 33.89 22.57 20.25
N PRO E 179 34.88 21.76 19.82
CA PRO E 179 35.69 22.20 18.67
C PRO E 179 34.93 22.25 17.36
N HIS E 180 33.79 21.61 17.25
CA HIS E 180 33.00 21.69 16.03
C HIS E 180 32.16 22.95 15.98
N ALA E 181 31.60 23.37 17.11
CA ALA E 181 30.77 24.57 17.13
C ALA E 181 31.64 25.83 17.11
N GLN E 182 32.69 25.87 17.94
CA GLN E 182 33.52 27.06 18.02
C GLN E 182 34.27 27.36 16.73
N GLY E 183 34.54 26.36 15.91
CA GLY E 183 35.15 26.59 14.64
C GLY E 183 34.15 27.02 13.58
N LEU E 184 32.92 26.55 13.71
CA LEU E 184 31.90 26.92 12.74
C LEU E 184 31.48 28.37 12.89
N LEU E 185 31.22 28.81 14.13
CA LEU E 185 30.74 30.18 14.28
C LEU E 185 31.87 31.20 14.18
N LEU E 186 32.80 31.17 15.12
CA LEU E 186 33.87 32.15 15.21
C LEU E 186 34.96 31.75 14.21
N CYS E 187 34.98 32.45 13.07
CA CYS E 187 35.95 32.04 12.08
C CYS E 187 36.70 33.24 11.51
N PRO E 188 37.99 33.10 11.26
CA PRO E 188 38.80 34.26 10.84
C PRO E 188 38.60 34.61 9.37
N CYS E 189 39.15 35.76 9.02
CA CYS E 189 38.96 36.41 7.74
C CYS E 189 39.96 37.55 7.63
N ALA E 190 39.96 38.21 6.48
CA ALA E 190 40.67 39.45 6.31
C ALA E 190 39.67 40.60 6.36
N PRO E 191 40.13 41.85 6.54
CA PRO E 191 39.18 42.97 6.39
C PRO E 191 38.63 43.15 4.99
N ASN E 192 39.45 42.95 3.96
CA ASN E 192 38.98 43.10 2.59
C ASN E 192 38.28 41.85 2.05
N ASP E 193 38.41 40.72 2.75
CA ASP E 193 37.85 39.46 2.28
C ASP E 193 36.34 39.45 2.51
N ARG E 194 35.58 39.87 1.50
CA ARG E 194 34.16 40.13 1.67
C ARG E 194 33.33 38.86 1.82
N GLY E 195 33.61 37.86 0.98
CA GLY E 195 32.89 36.61 1.02
C GLY E 195 33.29 35.65 2.11
N CYS E 196 34.08 36.11 3.08
CA CYS E 196 34.42 35.33 4.26
C CYS E 196 33.80 35.90 5.54
N GLY E 197 33.42 37.17 5.53
CA GLY E 197 32.69 37.74 6.63
C GLY E 197 31.21 37.80 6.32
N GLU E 198 30.87 37.90 5.02
CA GLU E 198 29.47 37.92 4.65
C GLU E 198 28.80 36.58 4.92
N ARG E 199 29.54 35.49 4.77
CA ARG E 199 29.02 34.19 5.17
C ARG E 199 28.89 34.08 6.68
N ARG E 200 29.90 34.56 7.41
CA ARG E 200 29.96 34.42 8.86
C ARG E 200 28.84 35.20 9.54
N ARG E 201 28.46 36.35 8.99
CA ARG E 201 27.29 37.05 9.49
C ARG E 201 26.02 36.24 9.27
N ASN E 202 25.97 35.46 8.18
CA ASN E 202 24.79 34.70 7.80
C ASN E 202 24.86 33.24 8.15
N THR E 203 25.61 32.88 9.19
CA THR E 203 25.69 31.47 9.57
C THR E 203 24.56 31.07 10.51
N ILE E 204 24.13 31.97 11.38
CA ILE E 204 23.06 31.65 12.30
C ILE E 204 21.72 32.02 11.71
N ALA E 205 21.71 32.35 10.41
CA ALA E 205 20.57 32.72 9.59
C ALA E 205 19.82 33.91 10.19
N PRO E 206 20.39 35.13 10.12
CA PRO E 206 19.78 36.26 10.82
C PRO E 206 18.51 36.79 10.18
N ASN E 207 18.25 36.53 8.90
CA ASN E 207 17.03 37.02 8.27
C ASN E 207 15.79 36.33 8.81
N CYS E 208 15.93 35.12 9.36
CA CYS E 208 14.83 34.46 10.03
C CYS E 208 14.98 34.43 11.54
N ALA E 209 16.20 34.36 12.06
CA ALA E 209 16.40 34.32 13.51
C ALA E 209 16.24 35.69 14.13
N LEU E 210 16.91 36.70 13.59
CA LEU E 210 16.75 38.02 14.18
C LEU E 210 15.45 38.67 13.69
N PRO E 211 14.76 39.40 14.56
CA PRO E 211 13.46 39.98 14.20
C PRO E 211 13.63 41.10 13.20
N PRO E 212 12.59 41.40 12.40
CA PRO E 212 12.75 42.43 11.37
C PRO E 212 12.84 43.84 11.93
N VAL E 213 12.02 44.18 12.91
CA VAL E 213 12.08 45.47 13.58
C VAL E 213 12.99 45.33 14.79
N ALA E 214 13.81 46.33 15.03
CA ALA E 214 14.72 46.30 16.17
C ALA E 214 13.98 46.82 17.40
N PRO E 215 13.78 46.01 18.42
CA PRO E 215 13.03 46.44 19.59
C PRO E 215 13.94 47.22 20.54
N ASN E 216 13.35 47.72 21.61
CA ASN E 216 14.12 48.39 22.64
C ASN E 216 14.96 47.36 23.39
N CYS E 217 16.19 47.73 23.69
CA CYS E 217 17.17 46.71 24.10
C CYS E 217 17.03 46.32 25.55
N LEU E 218 16.23 47.04 26.33
CA LEU E 218 15.82 46.56 27.64
C LEU E 218 14.60 45.68 27.56
N GLU E 219 13.78 45.86 26.52
CA GLU E 219 12.64 44.97 26.32
C GLU E 219 13.09 43.58 25.92
N LEU E 220 14.17 43.50 25.14
CA LEU E 220 14.69 42.22 24.69
C LEU E 220 15.27 41.41 25.85
N ARG E 221 15.74 42.09 26.91
CA ARG E 221 16.20 41.38 28.09
C ARG E 221 15.03 40.85 28.91
N ARG E 222 13.88 41.51 28.82
CA ARG E 222 12.71 41.09 29.60
C ARG E 222 12.22 39.72 29.14
N LEU E 223 12.12 39.51 27.83
CA LEU E 223 11.78 38.21 27.26
C LEU E 223 12.81 37.15 27.57
N CYS E 224 14.07 37.53 27.74
CA CYS E 224 15.07 36.57 28.19
C CYS E 224 14.87 36.19 29.64
N PHE E 225 14.54 37.16 30.50
CA PHE E 225 14.32 36.87 31.92
C PHE E 225 13.06 36.05 32.15
N SER E 226 12.08 36.14 31.25
CA SER E 226 10.86 35.35 31.44
C SER E 226 11.11 33.85 31.25
N ASP E 227 11.84 33.46 30.21
CA ASP E 227 12.08 32.04 29.97
C ASP E 227 13.25 31.57 30.80
N PRO E 228 13.13 30.47 31.55
CA PRO E 228 14.22 30.03 32.42
C PRO E 228 15.37 29.32 31.73
N LEU E 229 15.40 29.23 30.39
CA LEU E 229 16.60 28.75 29.73
C LEU E 229 17.51 29.90 29.33
N CYS E 230 16.93 30.96 28.77
CA CYS E 230 17.72 32.14 28.43
C CYS E 230 18.28 32.82 29.67
N ARG E 231 17.56 32.77 30.79
CA ARG E 231 18.10 33.33 32.02
C ARG E 231 19.33 32.57 32.50
N SER E 232 19.29 31.24 32.43
CA SER E 232 20.46 30.44 32.77
C SER E 232 21.60 30.65 31.79
N ARG E 233 21.30 30.87 30.51
CA ARG E 233 22.36 31.10 29.53
C ARG E 233 22.93 32.51 29.61
N LEU E 234 22.17 33.47 30.15
CA LEU E 234 22.62 34.85 30.23
C LEU E 234 23.41 35.10 31.51
N VAL E 235 23.00 34.47 32.62
CA VAL E 235 23.70 34.68 33.88
C VAL E 235 25.11 34.09 33.82
N ASP E 236 25.32 33.01 33.07
CA ASP E 236 26.67 32.49 32.91
C ASP E 236 27.55 33.44 32.09
N PHE E 237 26.97 34.17 31.14
CA PHE E 237 27.75 35.13 30.36
C PHE E 237 28.05 36.38 31.14
N GLN E 238 27.13 36.84 31.99
CA GLN E 238 27.44 37.91 32.93
C GLN E 238 28.36 37.47 34.06
N THR E 239 28.51 36.17 34.25
CA THR E 239 29.48 35.65 35.20
C THR E 239 30.88 35.59 34.61
N HIS E 240 31.05 34.81 33.54
CA HIS E 240 32.36 34.39 33.08
C HIS E 240 33.01 35.33 32.09
N CYS E 241 32.31 36.35 31.60
CA CYS E 241 32.89 37.26 30.63
C CYS E 241 32.75 38.71 31.05
N HIS E 242 32.64 38.97 32.36
CA HIS E 242 32.50 40.32 32.87
C HIS E 242 33.78 41.11 32.63
N PRO E 243 33.69 42.38 32.22
CA PRO E 243 34.92 43.13 31.96
C PRO E 243 35.63 43.48 33.25
N MET E 244 36.65 42.69 33.56
CA MET E 244 37.29 42.84 34.86
C MET E 244 38.31 43.95 34.84
N ASP E 245 39.14 43.99 33.80
CA ASP E 245 40.17 45.00 33.64
C ASP E 245 40.04 45.59 32.24
N ILE E 246 40.40 46.86 32.11
CA ILE E 246 40.21 47.58 30.84
C ILE E 246 41.34 47.29 29.86
N LEU E 247 42.29 46.44 30.27
CA LEU E 247 43.30 45.93 29.37
C LEU E 247 42.82 44.69 28.62
N GLY E 248 41.96 43.88 29.23
CA GLY E 248 41.41 42.72 28.58
C GLY E 248 41.38 41.48 29.45
N THR E 249 41.75 41.62 30.71
CA THR E 249 41.81 40.47 31.61
C THR E 249 40.40 40.06 32.03
N CYS E 250 40.08 38.79 31.79
CA CYS E 250 38.77 38.25 32.15
C CYS E 250 38.74 37.84 33.62
N ALA E 251 37.56 37.44 34.07
CA ALA E 251 37.36 37.17 35.49
C ALA E 251 37.88 35.80 35.88
N THR E 252 37.45 34.75 35.18
CA THR E 252 37.78 33.38 35.57
C THR E 252 38.71 32.70 34.56
N GLU E 253 38.27 32.55 33.32
CA GLU E 253 39.08 31.97 32.25
C GLU E 253 38.68 32.60 30.93
N GLN E 254 39.63 32.64 29.99
CA GLN E 254 39.31 32.93 28.61
C GLN E 254 39.00 31.67 27.82
N SER E 255 38.68 30.57 28.49
CA SER E 255 38.16 29.36 27.86
C SER E 255 36.69 29.15 28.18
N ARG E 256 36.29 29.44 29.42
CA ARG E 256 34.89 29.39 29.80
C ARG E 256 34.13 30.64 29.43
N CYS E 257 34.76 31.58 28.71
CA CYS E 257 34.02 32.75 28.24
C CYS E 257 33.22 32.40 26.99
N LEU E 258 33.81 31.68 26.05
CA LEU E 258 33.07 31.37 24.84
C LEU E 258 32.02 30.28 25.08
N ARG E 259 32.21 29.43 26.09
CA ARG E 259 31.16 28.48 26.44
C ARG E 259 29.93 29.17 26.99
N ALA E 260 30.13 30.27 27.70
CA ALA E 260 28.98 31.06 28.14
C ALA E 260 28.47 31.95 27.02
N TYR E 261 29.33 32.29 26.06
CA TYR E 261 28.92 33.14 24.95
C TYR E 261 28.05 32.40 23.96
N LEU E 262 28.50 31.24 23.48
CA LEU E 262 27.76 30.51 22.46
C LEU E 262 26.46 29.92 22.97
N GLY E 263 26.25 29.89 24.27
CA GLY E 263 24.94 29.54 24.77
C GLY E 263 23.89 30.58 24.59
N LEU E 264 24.25 31.76 24.10
CA LEU E 264 23.31 32.84 23.88
C LEU E 264 22.73 32.85 22.47
N ILE E 265 23.15 31.94 21.58
CA ILE E 265 22.81 32.09 20.17
C ILE E 265 21.38 31.67 19.91
N GLY E 266 20.98 30.52 20.41
CA GLY E 266 19.61 30.14 20.15
C GLY E 266 18.56 30.84 21.00
N THR E 267 18.98 31.67 21.94
CA THR E 267 18.05 32.32 22.84
C THR E 267 17.43 33.54 22.18
N ALA E 268 16.70 34.33 22.97
CA ALA E 268 16.07 35.52 22.43
C ALA E 268 17.07 36.63 22.21
N MET E 269 18.14 36.66 22.99
CA MET E 269 19.16 37.71 22.89
C MET E 269 20.30 37.26 21.99
N THR E 270 19.98 36.92 20.75
CA THR E 270 20.95 36.33 19.85
C THR E 270 21.93 37.39 19.35
N PRO E 271 23.22 37.27 19.63
CA PRO E 271 24.17 38.23 19.08
C PRO E 271 24.59 37.80 17.70
N ASN E 272 24.96 38.78 16.89
CA ASN E 272 25.47 38.45 15.58
C ASN E 272 26.46 39.52 15.19
N PHE E 273 27.29 39.18 14.21
CA PHE E 273 28.27 40.12 13.70
C PHE E 273 27.56 41.22 12.92
N VAL E 274 27.81 42.47 13.32
CA VAL E 274 27.09 43.58 12.72
C VAL E 274 27.57 43.83 11.30
N SER E 275 28.84 44.11 11.12
CA SER E 275 29.36 44.37 9.80
C SER E 275 29.77 43.07 9.14
N ASN E 276 30.47 43.20 8.03
CA ASN E 276 31.05 42.08 7.32
C ASN E 276 32.54 42.25 7.09
N VAL E 277 33.15 43.30 7.64
CA VAL E 277 34.58 43.55 7.50
C VAL E 277 35.33 43.37 8.79
N ASN E 278 34.67 43.39 9.94
CA ASN E 278 35.37 43.28 11.22
C ASN E 278 34.57 42.39 12.15
N THR E 279 35.17 42.07 13.31
CA THR E 279 34.57 41.15 14.27
C THR E 279 33.86 41.87 15.40
N SER E 280 33.31 43.05 15.14
CA SER E 280 32.47 43.71 16.14
C SER E 280 31.11 43.04 16.17
N VAL E 281 30.68 42.64 17.35
CA VAL E 281 29.47 41.86 17.53
C VAL E 281 28.59 42.56 18.55
N ALA E 282 27.30 42.68 18.23
CA ALA E 282 26.35 43.32 19.12
C ALA E 282 25.01 42.63 18.96
N LEU E 283 24.07 43.03 19.79
CA LEU E 283 22.70 42.57 19.60
C LEU E 283 22.07 43.30 18.42
N SER E 284 20.87 42.89 18.06
CA SER E 284 20.02 43.65 17.16
C SER E 284 18.99 44.37 18.03
N CYS E 285 19.40 45.51 18.57
CA CYS E 285 18.55 46.27 19.47
C CYS E 285 18.99 47.73 19.44
N THR E 286 18.10 48.61 19.87
CA THR E 286 18.39 50.04 19.93
C THR E 286 17.88 50.63 21.23
N CYS E 287 18.59 51.64 21.72
CA CYS E 287 18.22 52.33 22.95
C CYS E 287 17.48 53.62 22.65
N ARG E 288 16.66 53.63 21.60
CA ARG E 288 15.96 54.85 21.22
C ARG E 288 14.84 55.17 22.19
N GLY E 289 13.82 54.32 22.25
CA GLY E 289 12.72 54.57 23.15
C GLY E 289 12.99 54.06 24.55
N SER E 290 14.07 54.54 25.17
CA SER E 290 14.48 54.01 26.46
C SER E 290 13.79 54.72 27.62
N GLY E 291 13.37 55.95 27.42
CA GLY E 291 12.92 56.75 28.55
C GLY E 291 14.12 57.24 29.31
N ASN E 292 14.13 57.03 30.61
CA ASN E 292 15.21 57.53 31.44
C ASN E 292 16.27 56.48 31.72
N LEU E 293 16.01 55.20 31.42
CA LEU E 293 17.01 54.15 31.63
C LEU E 293 17.97 54.07 30.44
N GLN E 294 18.71 55.15 30.24
CA GLN E 294 19.63 55.18 29.10
C GLN E 294 20.91 54.44 29.44
N GLU E 295 21.46 54.66 30.63
CA GLU E 295 22.70 54.00 31.00
C GLU E 295 22.50 52.52 31.32
N GLU E 296 21.31 52.14 31.79
CA GLU E 296 21.00 50.73 31.98
C GLU E 296 20.88 49.99 30.65
N CYS E 297 20.63 50.71 29.56
CA CYS E 297 20.62 50.17 28.21
C CYS E 297 21.96 50.34 27.51
N GLU E 298 22.63 51.48 27.70
CA GLU E 298 23.94 51.69 27.12
C GLU E 298 24.99 50.77 27.70
N MET E 299 24.88 50.40 28.98
CA MET E 299 25.86 49.47 29.53
C MET E 299 25.57 48.05 29.08
N LEU E 300 24.30 47.71 28.93
CA LEU E 300 23.93 46.37 28.45
C LEU E 300 24.33 46.19 26.99
N GLU E 301 24.34 47.25 26.20
CA GLU E 301 24.94 47.15 24.88
C GLU E 301 26.45 47.27 24.92
N GLY E 302 27.00 47.99 25.90
CA GLY E 302 28.45 48.05 26.06
C GLY E 302 29.04 46.81 26.66
N PHE E 303 28.18 45.88 27.10
CA PHE E 303 28.60 44.57 27.54
C PHE E 303 28.77 43.63 26.36
N PHE E 304 28.42 44.07 25.16
CA PHE E 304 28.63 43.36 23.91
C PHE E 304 29.58 44.07 22.96
N SER E 305 29.56 45.40 22.90
CA SER E 305 30.41 46.15 21.98
C SER E 305 31.52 46.92 22.67
N HIS E 306 31.67 46.83 23.98
CA HIS E 306 32.75 47.46 24.70
C HIS E 306 33.27 46.54 25.78
N ASN E 307 33.30 45.24 25.47
CA ASN E 307 33.84 44.25 26.39
C ASN E 307 35.30 44.03 26.02
N PRO E 308 36.23 44.27 26.92
CA PRO E 308 37.62 43.90 26.65
C PRO E 308 37.82 42.39 26.73
N CYS E 309 37.13 41.80 27.70
CA CYS E 309 37.24 40.36 27.97
C CYS E 309 36.75 39.53 26.81
N LEU E 310 35.52 39.78 26.35
CA LEU E 310 34.94 39.01 25.25
C LEU E 310 35.70 39.24 23.96
N THR E 311 36.19 40.45 23.74
CA THR E 311 36.89 40.72 22.49
C THR E 311 38.26 40.03 22.47
N GLU E 312 38.97 40.02 23.61
CA GLU E 312 40.23 39.29 23.62
C GLU E 312 40.01 37.78 23.64
N ALA E 313 38.87 37.31 24.15
CA ALA E 313 38.57 35.89 24.09
C ALA E 313 38.30 35.43 22.67
N ILE E 314 37.47 36.17 21.95
CA ILE E 314 37.20 35.84 20.56
C ILE E 314 38.44 36.04 19.71
N ALA E 315 39.29 37.02 20.05
CA ALA E 315 40.55 37.18 19.34
C ALA E 315 41.54 36.05 19.61
N ALA E 316 41.59 35.53 20.84
CA ALA E 316 42.40 34.37 21.15
C ALA E 316 41.88 33.13 20.46
N LYS E 317 40.59 33.04 20.22
CA LYS E 317 40.07 31.90 19.47
C LYS E 317 40.34 32.02 17.97
N MET E 318 40.23 33.21 17.42
CA MET E 318 40.54 33.38 16.01
C MET E 318 42.03 33.28 15.71
N ARG E 319 42.89 33.68 16.64
CA ARG E 319 44.32 33.45 16.47
C ARG E 319 44.72 31.99 16.66
N PHE E 320 43.84 31.16 17.21
CA PHE E 320 44.05 29.73 17.21
C PHE E 320 43.51 29.08 15.95
N HIS E 321 42.42 29.62 15.42
CA HIS E 321 41.86 29.10 14.18
C HIS E 321 42.71 29.49 12.97
N SER E 322 43.46 30.59 13.06
CA SER E 322 44.44 30.89 12.04
C SER E 322 45.79 30.21 12.31
N GLN E 323 45.87 29.37 13.33
CA GLN E 323 47.00 28.49 13.56
C GLN E 323 46.65 27.04 13.24
N LEU E 324 45.37 26.69 13.31
CA LEU E 324 44.94 25.30 13.34
C LEU E 324 44.99 24.67 11.94
N PHE E 325 44.20 25.17 11.00
CA PHE E 325 44.23 24.62 9.65
C PHE E 325 44.60 25.66 8.61
N SER E 326 45.31 26.72 8.98
CA SER E 326 45.69 27.73 8.02
C SER E 326 46.83 27.25 7.13
N LEU F 1 16.80 61.34 47.76
CA LEU F 1 18.11 60.72 47.91
C LEU F 1 18.45 59.80 46.76
N TYR F 2 19.69 59.89 46.30
CA TYR F 2 20.24 58.97 45.32
C TYR F 2 21.75 59.01 45.43
N PHE F 3 22.38 57.88 45.12
CA PHE F 3 23.83 57.83 45.06
C PHE F 3 24.34 58.50 43.80
N SER F 4 25.57 58.99 43.86
CA SER F 4 26.16 59.59 42.68
C SER F 4 26.68 58.55 41.71
N ARG F 5 26.80 57.30 42.13
CA ARG F 5 27.23 56.22 41.25
C ARG F 5 26.31 55.04 41.52
N ASP F 6 26.68 53.88 40.99
CA ASP F 6 26.00 52.65 41.34
C ASP F 6 26.94 51.54 41.78
N ALA F 7 28.21 51.57 41.36
CA ALA F 7 29.19 50.55 41.70
C ALA F 7 30.43 51.21 42.28
N TYR F 8 30.94 50.66 43.36
CA TYR F 8 32.15 51.14 44.01
C TYR F 8 33.18 50.03 44.05
N TRP F 9 34.45 50.41 43.90
CA TRP F 9 35.54 49.45 43.76
C TRP F 9 36.65 49.74 44.77
N GLU F 10 37.18 48.70 45.39
CA GLU F 10 38.21 48.85 46.41
C GLU F 10 39.02 47.55 46.43
N LYS F 11 40.29 47.67 46.81
CA LYS F 11 41.21 46.54 46.89
C LYS F 11 41.55 46.26 48.34
N LEU F 12 41.56 44.98 48.71
CA LEU F 12 42.00 44.54 50.03
C LEU F 12 43.28 43.74 49.89
N TYR F 13 44.15 43.81 50.89
CA TYR F 13 45.40 43.09 50.87
C TYR F 13 45.60 42.34 52.19
N VAL F 14 46.62 41.48 52.20
CA VAL F 14 46.92 40.66 53.36
C VAL F 14 47.48 41.51 54.49
N ASP F 15 46.98 41.29 55.71
CA ASP F 15 47.58 41.73 56.96
C ASP F 15 47.60 43.26 57.10
N GLN F 16 46.63 43.93 56.51
CA GLN F 16 46.55 45.36 56.70
C GLN F 16 45.97 45.68 58.08
N ALA F 17 46.19 46.90 58.52
CA ALA F 17 45.95 47.26 59.91
C ALA F 17 44.47 47.48 60.18
N ALA F 18 44.10 47.36 61.46
CA ALA F 18 42.75 47.64 61.89
C ALA F 18 42.46 49.14 61.83
N GLY F 19 41.21 49.48 61.58
CA GLY F 19 40.84 50.87 61.48
C GLY F 19 41.33 51.59 60.24
N THR F 20 41.75 50.85 59.23
CA THR F 20 42.28 51.44 58.01
C THR F 20 41.15 51.96 57.14
N PRO F 21 41.18 53.23 56.72
CA PRO F 21 40.06 53.81 55.96
C PRO F 21 40.06 53.28 54.53
N LEU F 22 38.93 52.73 54.09
CA LEU F 22 38.85 52.20 52.73
C LEU F 22 38.30 53.22 51.73
N LEU F 23 37.05 53.66 51.91
CA LEU F 23 36.46 54.62 50.97
C LEU F 23 35.30 55.36 51.61
N TYR F 24 35.01 56.53 51.03
CA TYR F 24 33.79 57.29 51.29
C TYR F 24 32.67 56.84 50.37
N VAL F 25 31.46 57.23 50.72
CA VAL F 25 30.31 57.14 49.83
C VAL F 25 29.64 58.50 49.74
N HIS F 26 28.89 58.69 48.68
CA HIS F 26 28.26 59.97 48.39
C HIS F 26 26.80 59.77 48.07
N ALA F 27 25.98 60.73 48.47
CA ALA F 27 24.54 60.66 48.26
C ALA F 27 24.01 62.07 48.13
N LEU F 28 23.42 62.38 46.99
CA LEU F 28 22.90 63.71 46.75
C LEU F 28 21.48 63.83 47.29
N ARG F 29 20.90 65.02 47.14
CA ARG F 29 19.63 65.34 47.75
C ARG F 29 18.57 65.63 46.68
N ASP F 30 17.36 65.12 46.91
CA ASP F 30 16.21 65.49 46.10
C ASP F 30 15.52 66.74 46.62
N ALA F 31 15.86 67.18 47.82
CA ALA F 31 15.07 68.15 48.58
C ALA F 31 16.01 68.87 49.53
N PRO F 32 15.59 70.03 50.06
CA PRO F 32 16.44 70.72 51.06
C PRO F 32 16.39 70.13 52.47
N GLU F 33 15.87 68.93 52.67
CA GLU F 33 15.68 68.38 54.01
C GLU F 33 16.39 67.05 54.24
N GLU F 34 16.79 66.37 53.17
CA GLU F 34 17.22 64.98 53.26
C GLU F 34 18.68 64.92 53.66
N VAL F 35 18.98 64.16 54.71
CA VAL F 35 20.35 63.91 55.15
C VAL F 35 20.62 62.42 54.98
N PRO F 36 21.71 62.02 54.34
CA PRO F 36 21.94 60.59 54.08
C PRO F 36 22.35 59.82 55.33
N SER F 37 21.73 58.65 55.46
CA SER F 37 22.12 57.65 56.44
C SER F 37 22.72 56.46 55.70
N PHE F 38 23.71 55.82 56.29
CA PHE F 38 24.37 54.72 55.60
C PHE F 38 24.47 53.50 56.50
N ARG F 39 23.98 52.37 56.01
CA ARG F 39 24.14 51.08 56.66
C ARG F 39 24.82 50.12 55.68
N LEU F 40 25.60 49.21 56.23
CA LEU F 40 26.21 48.18 55.42
C LEU F 40 25.25 47.01 55.26
N GLY F 41 25.72 45.92 54.67
CA GLY F 41 25.04 44.66 54.70
C GLY F 41 25.50 43.84 55.88
N GLN F 42 25.35 42.53 55.74
CA GLN F 42 25.85 41.59 56.74
C GLN F 42 26.64 40.45 56.12
N HIS F 43 26.42 40.12 54.85
CA HIS F 43 27.04 38.97 54.25
C HIS F 43 27.66 39.33 52.91
N LEU F 44 28.92 38.93 52.75
CA LEU F 44 29.70 39.16 51.54
C LEU F 44 29.14 38.31 50.43
N TYR F 45 28.63 38.94 49.37
CA TYR F 45 28.24 38.14 48.23
C TYR F 45 29.49 37.85 47.41
N GLY F 46 29.34 37.01 46.41
CA GLY F 46 30.46 36.62 45.57
C GLY F 46 30.04 36.49 44.14
N THR F 47 30.87 35.83 43.35
CA THR F 47 30.53 35.53 41.98
C THR F 47 29.35 34.56 41.97
N TYR F 48 28.36 34.86 41.13
CA TYR F 48 27.02 34.25 41.17
C TYR F 48 26.42 34.41 42.57
N ARG F 49 26.42 35.66 43.04
CA ARG F 49 25.59 36.28 44.08
C ARG F 49 25.19 35.39 45.27
N THR F 50 26.16 34.67 45.84
CA THR F 50 25.90 33.73 46.93
C THR F 50 26.72 34.12 48.15
N ARG F 51 26.08 34.12 49.32
CA ARG F 51 26.70 34.57 50.56
C ARG F 51 27.83 33.63 50.98
N LEU F 52 29.00 34.19 51.23
CA LEU F 52 30.15 33.35 51.57
C LEU F 52 30.31 33.22 53.09
N HIS F 53 30.51 34.34 53.77
CA HIS F 53 30.63 34.36 55.23
C HIS F 53 30.22 35.75 55.71
N GLU F 54 29.78 35.82 56.96
CA GLU F 54 29.31 37.07 57.53
C GLU F 54 30.45 38.08 57.66
N ASN F 55 30.13 39.35 57.40
CA ASN F 55 31.09 40.45 57.53
C ASN F 55 31.46 40.61 59.00
N ASN F 56 32.62 40.08 59.37
CA ASN F 56 33.22 40.29 60.67
C ASN F 56 34.37 41.28 60.60
N TRP F 57 34.57 41.92 59.46
CA TRP F 57 35.81 42.65 59.25
C TRP F 57 35.63 44.10 58.87
N ILE F 58 34.53 44.47 58.23
CA ILE F 58 34.33 45.82 57.73
C ILE F 58 33.20 46.48 58.49
N CYS F 59 33.45 47.67 59.03
CA CYS F 59 32.48 48.48 59.73
C CYS F 59 32.33 49.81 59.02
N ILE F 60 31.32 50.57 59.41
CA ILE F 60 30.98 51.82 58.75
C ILE F 60 30.78 52.92 59.80
N GLN F 61 31.13 54.15 59.41
CA GLN F 61 30.70 55.36 60.10
C GLN F 61 29.62 56.04 59.27
N GLU F 62 28.46 56.23 59.89
CA GLU F 62 27.28 56.77 59.22
C GLU F 62 27.42 58.26 58.93
N ASP F 63 28.28 58.98 59.65
CA ASP F 63 28.33 60.44 59.54
C ASP F 63 28.85 60.89 58.18
N THR F 64 30.09 60.52 57.86
CA THR F 64 30.66 60.84 56.55
C THR F 64 30.48 59.70 55.56
N GLY F 65 29.91 58.58 56.00
CA GLY F 65 29.84 57.39 55.17
C GLY F 65 31.23 56.85 54.92
N LEU F 66 31.88 56.33 55.95
CA LEU F 66 33.25 55.85 55.85
C LEU F 66 33.28 54.34 56.05
N LEU F 67 33.97 53.65 55.14
CA LEU F 67 34.13 52.19 55.22
C LEU F 67 35.52 51.88 55.75
N TYR F 68 35.61 51.08 56.81
CA TYR F 68 36.91 50.86 57.44
C TYR F 68 36.99 49.45 58.01
N LEU F 69 38.20 48.88 57.97
CA LEU F 69 38.46 47.52 58.41
C LEU F 69 38.49 47.46 59.93
N ASN F 70 37.52 46.78 60.54
CA ASN F 70 37.56 46.65 62.00
C ASN F 70 38.49 45.50 62.39
N ARG F 71 38.15 44.28 61.99
CA ARG F 71 39.05 43.16 62.13
C ARG F 71 39.84 43.00 60.83
N SER F 72 40.97 42.30 60.89
CA SER F 72 41.88 42.31 59.75
C SER F 72 41.96 40.95 59.07
N LEU F 73 42.83 40.83 58.08
CA LEU F 73 42.83 39.71 57.15
C LEU F 73 44.04 38.82 57.37
N ASP F 74 43.86 37.52 57.12
CA ASP F 74 44.96 36.56 57.10
C ASP F 74 44.64 35.46 56.08
N HIS F 75 45.65 34.63 55.79
CA HIS F 75 45.51 33.59 54.77
C HIS F 75 44.53 32.52 55.17
N SER F 76 44.33 32.31 56.48
CA SER F 76 43.32 31.38 56.95
C SER F 76 41.91 31.87 56.61
N SER F 77 41.69 33.18 56.62
CA SER F 77 40.38 33.69 56.22
C SER F 77 40.19 33.65 54.71
N TRP F 78 41.26 33.80 53.93
CA TRP F 78 41.15 33.78 52.49
C TRP F 78 41.35 32.38 51.91
N GLU F 79 41.54 31.39 52.77
CA GLU F 79 41.22 30.02 52.41
C GLU F 79 39.89 29.58 53.01
N LYS F 80 39.41 30.28 54.04
CA LYS F 80 38.06 30.07 54.54
C LYS F 80 37.03 30.51 53.50
N LEU F 81 37.35 31.55 52.73
CA LEU F 81 36.42 32.09 51.74
C LEU F 81 36.59 31.46 50.37
N SER F 82 37.83 31.21 49.94
CA SER F 82 38.06 30.82 48.55
C SER F 82 37.66 29.37 48.28
N VAL F 83 37.49 28.55 49.31
CA VAL F 83 36.91 27.23 49.11
C VAL F 83 35.40 27.35 48.92
N ARG F 84 34.78 28.30 49.62
CA ARG F 84 33.35 28.60 49.50
C ARG F 84 32.99 29.21 48.14
N ASN F 85 33.98 29.64 47.35
CA ASN F 85 33.81 30.32 46.06
C ASN F 85 33.28 29.37 44.93
N HIS F 86 32.87 28.15 45.26
CA HIS F 86 32.47 27.11 44.29
C HIS F 86 33.56 26.84 43.26
N GLY F 87 34.82 26.93 43.67
CA GLY F 87 35.93 26.65 42.78
C GLY F 87 36.21 27.74 41.77
N PHE F 88 36.62 28.90 42.24
CA PHE F 88 37.12 29.97 41.39
C PHE F 88 38.22 30.71 42.12
N PRO F 89 39.20 31.25 41.40
CA PRO F 89 40.15 32.18 42.03
C PRO F 89 39.45 33.49 42.39
N LEU F 90 39.52 33.84 43.67
CA LEU F 90 38.68 34.88 44.24
C LEU F 90 39.29 36.24 43.96
N LEU F 91 38.58 37.05 43.16
CA LEU F 91 39.01 38.40 42.86
C LEU F 91 37.86 39.41 42.98
N THR F 92 36.69 38.99 43.46
CA THR F 92 35.56 39.90 43.61
C THR F 92 34.61 39.35 44.66
N VAL F 93 34.50 40.02 45.80
CA VAL F 93 33.34 39.88 46.66
C VAL F 93 32.67 41.24 46.69
N TYR F 94 31.48 41.32 47.25
CA TYR F 94 30.85 42.62 47.39
C TYR F 94 29.86 42.65 48.52
N LEU F 95 29.44 43.86 48.85
CA LEU F 95 28.42 44.11 49.84
C LEU F 95 27.40 45.07 49.25
N LYS F 96 26.30 45.25 49.95
CA LYS F 96 25.34 46.28 49.60
C LYS F 96 25.48 47.45 50.54
N VAL F 97 25.22 48.65 50.04
CA VAL F 97 25.08 49.85 50.84
C VAL F 97 23.70 50.41 50.57
N PHE F 98 22.86 50.42 51.57
CA PHE F 98 21.54 51.01 51.45
C PHE F 98 21.58 52.41 52.04
N LEU F 99 20.57 53.21 51.72
CA LEU F 99 20.36 54.43 52.46
C LEU F 99 18.90 54.68 52.79
N SER F 100 17.97 54.03 52.10
CA SER F 100 16.54 54.12 52.40
C SER F 100 15.79 52.92 51.84
N GLY F 107 17.50 41.59 49.13
CA GLY F 107 16.87 41.09 47.91
C GLY F 107 17.78 41.17 46.71
N GLU F 108 17.78 42.33 46.06
CA GLU F 108 18.68 42.61 44.95
C GLU F 108 18.98 44.09 44.92
N CYS F 109 20.26 44.43 44.82
CA CYS F 109 20.70 45.81 44.87
C CYS F 109 20.37 46.53 43.56
N GLN F 110 19.51 47.55 43.64
CA GLN F 110 19.28 48.43 42.50
C GLN F 110 19.17 49.88 42.95
N TRP F 111 19.78 50.75 42.15
CA TRP F 111 19.68 52.19 42.26
C TRP F 111 18.22 52.61 42.10
N PRO F 112 17.78 53.71 42.75
CA PRO F 112 18.37 54.66 43.71
C PRO F 112 18.21 54.28 45.18
N GLY F 113 17.98 53.00 45.44
CA GLY F 113 17.89 52.54 46.81
C GLY F 113 19.22 52.03 47.29
N CYS F 114 19.91 51.27 46.46
CA CYS F 114 21.11 50.55 46.87
C CYS F 114 22.31 50.94 46.02
N ALA F 115 23.49 50.54 46.51
CA ALA F 115 24.73 50.71 45.77
C ALA F 115 25.68 49.61 46.20
N ARG F 116 26.14 48.79 45.25
CA ARG F 116 26.93 47.63 45.61
C ARG F 116 28.42 47.94 45.54
N VAL F 117 29.12 47.58 46.61
CA VAL F 117 30.50 47.97 46.84
C VAL F 117 31.36 46.73 46.70
N TYR F 118 32.22 46.72 45.70
CA TYR F 118 33.07 45.57 45.40
C TYR F 118 34.32 45.60 46.27
N PHE F 119 34.97 44.44 46.37
CA PHE F 119 36.27 44.31 47.02
C PHE F 119 37.05 43.24 46.27
N SER F 120 38.15 43.65 45.65
CA SER F 120 39.05 42.76 44.90
C SER F 120 40.27 42.47 45.76
N PHE F 121 40.34 41.27 46.29
CA PHE F 121 41.43 40.88 47.18
C PHE F 121 42.60 40.31 46.39
N PHE F 122 43.81 40.53 46.90
CA PHE F 122 45.02 40.00 46.30
C PHE F 122 45.86 39.28 47.35
N ASN F 123 46.63 38.28 46.90
CA ASN F 123 47.38 37.40 47.79
C ASN F 123 48.57 38.09 48.45
N THR F 124 48.98 39.24 47.97
CA THR F 124 50.08 39.96 48.58
C THR F 124 49.59 40.80 49.75
N SER F 125 50.53 41.27 50.55
CA SER F 125 50.22 42.35 51.46
C SER F 125 50.23 43.67 50.71
N PHE F 126 49.93 44.75 51.42
CA PHE F 126 50.00 46.07 50.82
C PHE F 126 51.46 46.41 50.56
N PRO F 127 51.84 46.73 49.32
CA PRO F 127 53.26 46.88 48.99
C PRO F 127 53.86 48.17 49.52
N ALA F 128 55.17 48.33 49.35
CA ALA F 128 55.83 49.56 49.74
C ALA F 128 55.51 50.68 48.75
N CYS F 129 55.91 51.90 49.12
CA CYS F 129 55.55 53.07 48.35
C CYS F 129 56.32 53.18 47.04
N SER F 130 57.47 52.50 46.94
CA SER F 130 58.29 52.60 45.74
C SER F 130 57.64 51.91 44.55
N SER F 131 56.88 50.84 44.80
CA SER F 131 56.22 50.09 43.75
C SER F 131 54.88 50.70 43.36
N LEU F 132 54.60 51.92 43.80
CA LEU F 132 53.37 52.61 43.47
C LEU F 132 53.67 53.62 42.37
N LYS F 133 53.39 53.24 41.13
CA LYS F 133 53.42 54.16 40.02
C LYS F 133 52.34 55.22 40.24
N PRO F 134 52.57 56.47 39.85
CA PRO F 134 51.54 57.52 40.04
C PRO F 134 50.24 57.33 39.26
N ARG F 135 50.15 56.35 38.36
CA ARG F 135 48.88 56.09 37.69
C ARG F 135 47.90 55.37 38.62
N GLU F 136 48.39 54.57 39.55
CA GLU F 136 47.54 53.98 40.58
C GLU F 136 47.61 54.74 41.90
N LEU F 137 48.14 55.95 41.90
CA LEU F 137 48.14 56.80 43.07
C LEU F 137 47.06 57.88 43.04
N CYS F 138 46.55 58.22 41.86
CA CYS F 138 45.54 59.26 41.73
C CYS F 138 44.13 58.72 41.84
N PHE F 139 43.76 57.83 40.93
CA PHE F 139 42.40 57.39 40.75
C PHE F 139 42.35 55.88 40.67
N PRO F 140 41.21 55.26 40.96
CA PRO F 140 41.08 53.82 40.76
C PRO F 140 41.05 53.46 39.29
N GLU F 141 41.17 52.16 39.03
CA GLU F 141 41.23 51.69 37.65
C GLU F 141 39.87 51.83 36.97
N THR F 142 38.82 51.36 37.62
CA THR F 142 37.47 51.46 37.06
C THR F 142 36.99 52.89 37.24
N ARG F 143 36.84 53.61 36.14
CA ARG F 143 36.49 55.02 36.21
C ARG F 143 35.03 55.18 36.63
N PRO F 144 34.72 56.23 37.39
CA PRO F 144 33.34 56.46 37.81
C PRO F 144 32.45 56.90 36.66
N SER F 145 31.14 56.85 36.91
CA SER F 145 30.14 57.38 36.00
C SER F 145 29.04 57.98 36.84
N PHE F 146 28.89 59.29 36.77
CA PHE F 146 28.04 59.99 37.72
C PHE F 146 26.64 60.20 37.17
N ARG F 147 25.76 60.71 38.04
CA ARG F 147 24.34 60.48 37.86
C ARG F 147 23.58 61.54 38.63
N ILE F 148 23.14 62.58 37.94
CA ILE F 148 22.54 63.74 38.58
C ILE F 148 21.19 64.01 37.96
N ARG F 149 20.16 64.07 38.80
CA ARG F 149 18.84 64.46 38.36
C ARG F 149 18.77 65.96 38.20
N GLU F 150 17.94 66.42 37.26
CA GLU F 150 17.83 67.86 37.07
C GLU F 150 16.88 68.44 38.11
N ASN F 151 16.90 69.78 38.19
CA ASN F 151 16.04 70.58 39.09
C ASN F 151 16.20 70.15 40.54
N ARG F 152 17.42 70.21 41.05
CA ARG F 152 17.76 69.66 42.35
C ARG F 152 18.53 70.66 43.18
N PRO F 153 18.54 70.50 44.50
CA PRO F 153 19.47 71.28 45.32
C PRO F 153 20.90 70.88 45.01
N PRO F 154 21.78 71.86 44.78
CA PRO F 154 23.18 71.53 44.48
C PRO F 154 23.91 70.98 45.69
N GLY F 155 24.69 69.92 45.46
CA GLY F 155 25.35 69.24 46.55
C GLY F 155 26.73 68.70 46.21
N THR F 156 27.18 67.72 46.99
CA THR F 156 28.52 67.16 46.91
C THR F 156 28.45 65.73 46.47
N PHE F 157 29.07 65.40 45.33
CA PHE F 157 28.91 64.07 44.76
C PHE F 157 30.19 63.28 44.57
N HIS F 158 31.37 63.84 44.85
CA HIS F 158 32.58 63.06 44.72
C HIS F 158 33.67 63.60 45.65
N GLN F 159 34.59 62.71 46.02
CA GLN F 159 35.79 63.02 46.79
C GLN F 159 36.95 62.31 46.13
N PHE F 160 38.14 62.90 46.20
CA PHE F 160 39.24 62.42 45.38
C PHE F 160 40.12 61.37 46.03
N ARG F 161 40.54 61.56 47.28
CA ARG F 161 41.73 60.90 47.83
C ARG F 161 41.55 59.40 48.01
N LEU F 162 42.57 58.65 47.60
CA LEU F 162 42.64 57.21 47.86
C LEU F 162 43.07 57.04 49.31
N LEU F 163 42.17 56.51 50.15
CA LEU F 163 42.38 56.59 51.59
C LEU F 163 43.47 55.67 52.16
N PRO F 164 43.58 54.38 51.80
CA PRO F 164 44.72 53.61 52.35
C PRO F 164 46.05 54.04 51.78
N VAL F 165 46.06 54.72 50.63
CA VAL F 165 47.31 55.23 50.08
C VAL F 165 47.89 56.30 50.98
N GLN F 166 47.11 57.34 51.29
CA GLN F 166 47.63 58.37 52.19
C GLN F 166 47.69 57.90 53.63
N PHE F 167 46.97 56.83 53.96
CA PHE F 167 47.13 56.24 55.28
C PHE F 167 48.41 55.42 55.38
N LEU F 168 48.93 54.93 54.26
CA LEU F 168 50.10 54.07 54.30
C LEU F 168 51.29 54.63 53.53
N CYS F 169 51.12 55.66 52.71
CA CYS F 169 52.23 56.40 52.12
C CYS F 169 51.98 57.90 52.27
N PRO F 170 52.09 58.43 53.49
CA PRO F 170 51.69 59.83 53.71
C PRO F 170 52.73 60.85 53.29
N ASN F 171 53.92 60.44 52.87
CA ASN F 171 55.03 61.34 52.63
C ASN F 171 55.11 61.84 51.19
N ILE F 172 54.05 61.69 50.41
CA ILE F 172 54.02 62.14 49.03
C ILE F 172 52.84 63.10 48.86
N SER F 173 53.14 64.32 48.42
CA SER F 173 52.10 65.33 48.22
C SER F 173 51.39 65.08 46.90
N VAL F 174 50.06 65.01 46.94
CA VAL F 174 49.24 64.82 45.75
C VAL F 174 48.17 65.92 45.74
N ALA F 175 48.07 66.62 44.61
CA ALA F 175 47.11 67.71 44.44
C ALA F 175 46.08 67.34 43.38
N TYR F 176 44.87 67.87 43.55
CA TYR F 176 43.73 67.58 42.67
C TYR F 176 43.00 68.88 42.36
N ARG F 177 42.63 69.07 41.10
CA ARG F 177 41.83 70.23 40.70
C ARG F 177 40.87 69.85 39.58
N LEU F 178 39.99 70.79 39.25
CA LEU F 178 39.12 70.71 38.09
C LEU F 178 39.50 71.77 37.06
N LEU F 179 39.02 71.57 35.84
CA LEU F 179 39.34 72.45 34.73
C LEU F 179 38.54 73.74 34.83
N GLY F 183 32.69 78.88 33.43
CA GLY F 183 31.25 78.98 33.33
C GLY F 183 30.54 77.65 33.57
N LEU F 184 31.29 76.69 34.07
CA LEU F 184 30.77 75.37 34.37
C LEU F 184 30.26 75.29 35.80
N PRO F 185 29.21 74.51 36.06
CA PRO F 185 28.63 74.47 37.41
C PRO F 185 29.41 73.62 38.40
N PHE F 186 30.49 72.97 38.01
CA PHE F 186 31.18 72.03 38.87
C PHE F 186 32.49 72.62 39.37
N ARG F 187 32.69 72.60 40.68
CA ARG F 187 33.84 73.23 41.30
C ARG F 187 34.47 72.30 42.34
N CYS F 188 35.78 72.50 42.55
CA CYS F 188 36.54 71.71 43.51
C CYS F 188 37.07 72.65 44.58
N ALA F 189 36.71 72.37 45.84
CA ALA F 189 37.02 73.26 46.95
C ALA F 189 38.50 73.16 47.33
N PRO F 190 39.12 74.26 47.73
CA PRO F 190 40.52 74.19 48.17
C PRO F 190 40.63 73.59 49.56
N ASP F 191 41.66 72.76 49.75
CA ASP F 191 42.03 72.09 50.99
C ASP F 191 40.94 71.17 51.53
N SER F 192 39.96 70.83 50.69
CA SER F 192 38.92 69.85 50.99
C SER F 192 38.46 69.36 49.61
N LEU F 193 38.80 68.13 49.28
CA LEU F 193 38.77 67.71 47.88
C LEU F 193 37.43 67.17 47.43
N GLU F 194 36.35 67.62 48.05
CA GLU F 194 35.02 67.29 47.56
C GLU F 194 34.67 68.14 46.36
N VAL F 195 33.95 67.54 45.41
CA VAL F 195 33.49 68.20 44.19
C VAL F 195 32.02 68.56 44.38
N SER F 196 31.65 69.78 44.00
CA SER F 196 30.30 70.25 44.23
C SER F 196 29.75 70.93 42.98
N THR F 197 28.43 71.10 42.98
CA THR F 197 27.69 71.72 41.89
C THR F 197 27.30 73.13 42.31
N ARG F 198 27.39 74.08 41.37
CA ARG F 198 27.07 75.47 41.69
C ARG F 198 25.57 75.73 41.66
N TRP F 199 24.95 75.61 40.50
CA TRP F 199 23.54 75.89 40.33
C TRP F 199 22.79 74.62 39.93
N ALA F 200 21.47 74.67 40.05
CA ALA F 200 20.63 73.56 39.63
C ALA F 200 20.63 73.44 38.11
N LEU F 201 20.76 72.21 37.64
CA LEU F 201 20.91 71.95 36.21
C LEU F 201 19.58 71.74 35.53
N ASP F 202 19.54 72.10 34.25
CA ASP F 202 18.42 71.76 33.37
C ASP F 202 18.98 70.91 32.23
N ARG F 203 18.32 69.77 31.97
CA ARG F 203 18.79 68.86 30.93
C ARG F 203 18.64 69.46 29.55
N GLU F 204 17.62 70.28 29.36
CA GLU F 204 17.24 70.76 28.04
C GLU F 204 18.23 71.76 27.47
N GLN F 205 19.13 72.30 28.30
CA GLN F 205 20.22 73.12 27.80
C GLN F 205 21.42 72.26 27.44
N ARG F 206 21.90 71.47 28.39
CA ARG F 206 22.95 70.48 28.16
C ARG F 206 22.60 69.23 28.94
N GLU F 207 23.00 68.06 28.42
CA GLU F 207 22.65 66.81 29.06
C GLU F 207 23.82 65.90 29.38
N LYS F 208 25.01 66.17 28.86
CA LYS F 208 26.19 65.38 29.18
C LYS F 208 27.36 66.32 29.44
N TYR F 209 27.97 66.20 30.61
CA TYR F 209 29.16 66.97 30.94
C TYR F 209 30.30 65.99 31.13
N GLU F 210 31.25 65.97 30.19
CA GLU F 210 32.41 65.10 30.32
C GLU F 210 33.61 65.96 30.72
N LEU F 211 33.90 66.01 32.01
CA LEU F 211 34.93 66.87 32.57
C LEU F 211 36.26 66.12 32.69
N VAL F 212 37.29 66.87 33.06
CA VAL F 212 38.65 66.36 33.20
C VAL F 212 39.20 66.82 34.54
N ALA F 213 39.63 65.88 35.37
CA ALA F 213 40.18 66.16 36.69
C ALA F 213 41.70 66.05 36.66
N VAL F 214 42.37 67.07 37.16
CA VAL F 214 43.83 67.16 37.10
C VAL F 214 44.38 66.62 38.42
N CYS F 215 45.23 65.61 38.34
CA CYS F 215 45.97 65.08 39.48
C CYS F 215 47.45 65.32 39.27
N THR F 216 48.14 65.66 40.35
CA THR F 216 49.58 65.86 40.32
C THR F 216 50.19 65.16 41.53
N VAL F 217 51.07 64.22 41.28
CA VAL F 217 51.74 63.49 42.34
C VAL F 217 53.09 64.16 42.58
N HIS F 218 53.60 64.02 43.81
CA HIS F 218 54.91 64.53 44.26
C HIS F 218 54.98 66.05 44.17
N GLU F 223 57.33 63.49 40.22
CA GLU F 223 56.27 64.41 39.80
C GLU F 223 55.63 63.99 38.48
N GLU F 224 54.32 63.76 38.52
CA GLU F 224 53.58 63.34 37.34
C GLU F 224 52.19 63.97 37.34
N VAL F 225 51.78 64.48 36.18
CA VAL F 225 50.44 64.99 35.97
C VAL F 225 49.61 63.92 35.27
N VAL F 226 48.49 63.54 35.88
CA VAL F 226 47.61 62.50 35.39
C VAL F 226 46.19 63.05 35.32
N MET F 227 45.54 62.87 34.18
CA MET F 227 44.15 63.29 34.03
C MET F 227 43.33 62.11 33.55
N VAL F 228 42.05 62.10 33.96
CA VAL F 228 41.13 61.01 33.66
C VAL F 228 39.82 61.60 33.13
N PRO F 229 38.99 60.84 32.43
CA PRO F 229 37.66 61.33 32.08
C PRO F 229 36.76 61.45 33.30
N PHE F 230 35.64 62.15 33.11
CA PHE F 230 34.76 62.42 34.23
C PHE F 230 33.33 62.58 33.73
N PRO F 231 32.57 61.50 33.54
CA PRO F 231 31.24 61.64 32.94
C PRO F 231 30.17 62.02 33.95
N VAL F 232 29.30 62.94 33.55
CA VAL F 232 28.14 63.32 34.32
C VAL F 232 26.95 63.34 33.38
N THR F 233 25.95 62.52 33.67
CA THR F 233 24.75 62.40 32.86
C THR F 233 23.58 63.05 33.58
N VAL F 234 23.11 64.18 33.07
CA VAL F 234 22.01 64.91 33.68
C VAL F 234 20.72 64.19 33.33
N TYR F 235 19.94 63.83 34.35
CA TYR F 235 18.68 63.16 34.09
C TYR F 235 17.57 64.18 33.80
N ASP F 236 16.33 63.73 33.86
CA ASP F 236 15.24 64.45 33.24
C ASP F 236 14.00 64.51 34.14
N GLU F 237 13.18 65.55 33.90
CA GLU F 237 11.82 65.66 34.43
C GLU F 237 10.91 66.29 33.38
N ASP F 238 9.61 66.25 33.64
CA ASP F 238 8.64 67.08 32.92
C ASP F 238 8.77 68.52 33.35
N ASP F 239 9.60 69.27 32.63
CA ASP F 239 9.60 70.73 32.68
C ASP F 239 9.18 71.31 31.34
N SER F 240 8.30 70.62 30.62
CA SER F 240 7.91 71.03 29.28
C SER F 240 6.49 70.57 28.99
N ALA F 241 5.74 71.44 28.42
CA ALA F 241 4.38 71.51 27.90
C ALA F 241 4.38 71.28 26.40
N PRO F 242 3.32 70.67 25.86
CA PRO F 242 3.28 70.42 24.42
C PRO F 242 3.08 71.70 23.63
N THR F 243 3.59 71.68 22.40
CA THR F 243 3.66 72.86 21.56
C THR F 243 3.51 72.43 20.11
N PHE F 244 2.75 73.20 19.33
CA PHE F 244 2.67 73.08 17.88
C PHE F 244 4.06 73.20 17.27
N PRO F 245 4.36 72.51 16.18
CA PRO F 245 5.66 72.72 15.53
C PRO F 245 5.73 74.04 14.76
N ALA F 246 5.82 75.12 15.52
CA ALA F 246 5.93 76.50 15.05
C ALA F 246 4.76 76.91 14.15
N GLY F 247 3.57 76.94 14.75
CA GLY F 247 2.41 77.54 14.13
C GLY F 247 1.83 76.78 12.95
N VAL F 248 1.58 75.49 13.12
CA VAL F 248 0.82 74.69 12.15
C VAL F 248 -0.34 74.10 12.96
N ASP F 249 -1.44 74.82 13.02
CA ASP F 249 -2.45 74.56 14.04
C ASP F 249 -3.48 73.53 13.63
N THR F 250 -3.73 73.35 12.33
CA THR F 250 -4.83 72.51 11.88
C THR F 250 -4.56 72.02 10.47
N ALA F 251 -4.62 70.71 10.28
CA ALA F 251 -4.67 70.11 8.95
C ALA F 251 -6.06 69.53 8.74
N SER F 252 -6.50 69.50 7.49
CA SER F 252 -7.83 69.05 7.15
C SER F 252 -7.76 68.17 5.91
N ALA F 253 -8.78 67.33 5.74
CA ALA F 253 -8.83 66.42 4.61
C ALA F 253 -10.28 66.01 4.36
N VAL F 254 -10.64 66.00 3.08
CA VAL F 254 -12.00 65.72 2.61
C VAL F 254 -12.02 64.31 2.06
N VAL F 255 -12.91 63.48 2.60
CA VAL F 255 -13.06 62.11 2.10
C VAL F 255 -13.81 62.17 0.78
N GLU F 256 -13.16 61.71 -0.28
CA GLU F 256 -13.72 61.79 -1.64
C GLU F 256 -13.92 60.42 -2.27
N PHE F 257 -12.91 59.55 -2.22
CA PHE F 257 -12.93 58.31 -2.98
C PHE F 257 -12.60 57.05 -2.21
N LYS F 258 -11.72 57.09 -1.19
CA LYS F 258 -11.15 55.87 -0.60
C LYS F 258 -12.18 55.06 0.17
N ARG F 259 -12.67 55.61 1.29
CA ARG F 259 -13.80 55.12 2.05
C ARG F 259 -13.60 53.72 2.63
N LYS F 260 -12.36 53.26 2.77
CA LYS F 260 -12.12 51.87 3.17
C LYS F 260 -12.32 51.76 4.69
N GLU F 261 -11.86 50.65 5.28
CA GLU F 261 -12.05 50.43 6.71
C GLU F 261 -11.17 51.36 7.53
N ASP F 262 -9.86 51.33 7.32
CA ASP F 262 -8.94 52.13 8.11
C ASP F 262 -7.91 52.78 7.18
N THR F 263 -7.99 54.09 7.07
CA THR F 263 -7.12 54.82 6.17
C THR F 263 -6.67 56.09 6.87
N VAL F 264 -5.40 56.45 6.71
CA VAL F 264 -4.90 57.70 7.25
C VAL F 264 -5.48 58.84 6.43
N VAL F 265 -6.21 59.73 7.09
CA VAL F 265 -6.94 60.79 6.41
C VAL F 265 -6.18 62.10 6.57
N ALA F 266 -6.02 62.56 7.81
CA ALA F 266 -5.33 63.82 8.09
C ALA F 266 -4.50 63.68 9.36
N THR F 267 -3.46 64.52 9.46
CA THR F 267 -2.35 64.29 10.38
C THR F 267 -1.83 65.61 10.93
N LEU F 268 -1.51 65.67 12.23
CA LEU F 268 -0.73 66.76 12.79
C LEU F 268 0.37 66.22 13.69
N ARG F 269 1.23 67.12 14.16
CA ARG F 269 2.36 66.77 15.00
C ARG F 269 2.38 67.63 16.25
N VAL F 270 2.98 67.09 17.31
CA VAL F 270 3.11 67.72 18.61
C VAL F 270 4.57 67.54 19.03
N PHE F 271 5.16 68.58 19.64
CA PHE F 271 6.56 68.54 20.03
C PHE F 271 6.67 68.72 21.54
N ASP F 272 6.83 67.61 22.28
CA ASP F 272 7.15 67.69 23.70
C ASP F 272 8.66 67.61 23.84
N ALA F 273 9.18 68.28 24.87
CA ALA F 273 10.62 68.28 25.07
C ALA F 273 11.07 67.34 26.19
N ASP F 274 10.16 66.57 26.74
CA ASP F 274 10.48 65.63 27.80
C ASP F 274 10.81 64.26 27.23
N VAL F 275 11.36 63.39 28.07
CA VAL F 275 11.67 62.03 27.67
C VAL F 275 11.01 61.07 28.68
N VAL F 276 10.86 61.55 29.91
CA VAL F 276 10.45 60.80 31.11
C VAL F 276 9.21 59.91 30.96
N PRO F 277 8.11 60.28 30.24
CA PRO F 277 7.03 59.29 30.07
C PRO F 277 7.46 58.15 29.16
N ALA F 278 8.15 57.17 29.75
CA ALA F 278 8.85 56.13 29.01
C ALA F 278 7.87 55.17 28.34
N SER F 279 8.44 54.20 27.61
CA SER F 279 7.69 53.35 26.70
C SER F 279 6.69 52.45 27.43
N GLY F 280 6.92 52.17 28.70
CA GLY F 280 5.99 51.36 29.45
C GLY F 280 4.74 52.11 29.83
N GLU F 281 4.88 53.37 30.24
CA GLU F 281 3.76 54.15 30.77
C GLU F 281 3.49 55.41 29.95
N LEU F 282 3.93 55.45 28.70
CA LEU F 282 3.57 56.58 27.85
C LEU F 282 2.09 56.53 27.49
N VAL F 283 1.50 55.33 27.49
CA VAL F 283 0.12 55.19 27.09
C VAL F 283 -0.83 55.71 28.18
N ARG F 284 -0.37 55.75 29.43
CA ARG F 284 -1.22 56.28 30.50
C ARG F 284 -1.29 57.79 30.47
N ARG F 285 -0.23 58.46 30.02
CA ARG F 285 -0.15 59.90 30.19
C ARG F 285 -0.50 60.66 28.92
N TYR F 286 0.26 60.44 27.84
CA TYR F 286 -0.06 61.12 26.59
C TYR F 286 -1.26 60.43 25.94
N THR F 287 -2.46 60.88 26.31
CA THR F 287 -3.71 60.28 25.87
C THR F 287 -4.46 61.27 25.01
N SER F 288 -5.05 60.78 23.91
CA SER F 288 -5.72 61.64 22.94
C SER F 288 -7.22 61.67 23.23
N THR F 289 -7.67 62.70 23.96
CA THR F 289 -9.07 62.85 24.32
C THR F 289 -9.82 63.33 23.08
N LEU F 290 -10.65 62.46 22.52
CA LEU F 290 -11.54 62.90 21.45
C LEU F 290 -12.63 63.80 22.04
N LEU F 291 -12.60 65.06 21.67
CA LEU F 291 -13.72 65.92 22.01
C LEU F 291 -14.94 65.50 21.20
N PRO F 292 -16.13 65.51 21.79
CA PRO F 292 -17.28 64.87 21.16
C PRO F 292 -17.88 65.71 20.06
N GLY F 293 -18.95 65.17 19.49
CA GLY F 293 -19.70 65.79 18.42
C GLY F 293 -20.81 64.83 18.06
N ASP F 294 -21.03 64.62 16.77
CA ASP F 294 -22.00 63.61 16.35
C ASP F 294 -21.42 62.22 16.57
N THR F 295 -22.32 61.26 16.78
CA THR F 295 -21.91 59.87 16.91
C THR F 295 -21.43 59.26 15.61
N TRP F 296 -21.70 59.91 14.46
CA TRP F 296 -21.09 59.48 13.22
C TRP F 296 -19.58 59.62 13.27
N ALA F 297 -19.07 60.60 14.03
CA ALA F 297 -17.64 60.75 14.20
C ALA F 297 -17.05 59.57 14.97
N GLN F 298 -17.78 59.04 15.97
CA GLN F 298 -17.29 57.86 16.65
C GLN F 298 -17.40 56.62 15.77
N GLN F 299 -18.49 56.50 15.03
CA GLN F 299 -18.70 55.37 14.13
C GLN F 299 -17.69 55.34 12.99
N THR F 300 -17.14 56.50 12.62
CA THR F 300 -16.28 56.58 11.46
C THR F 300 -14.88 57.08 11.73
N PHE F 301 -14.52 57.45 12.95
CA PHE F 301 -13.17 57.95 13.17
C PHE F 301 -12.62 57.48 14.50
N ARG F 302 -11.34 57.12 14.49
CA ARG F 302 -10.51 56.98 15.67
C ARG F 302 -9.24 57.78 15.44
N VAL F 303 -8.76 58.42 16.50
CA VAL F 303 -7.62 59.32 16.41
C VAL F 303 -6.40 58.55 16.91
N GLU F 304 -5.65 58.00 15.97
CA GLU F 304 -4.55 57.12 16.30
C GLU F 304 -3.32 57.95 16.59
N HIS F 305 -2.44 57.40 17.41
CA HIS F 305 -1.33 58.15 17.97
C HIS F 305 -0.17 57.25 18.30
N TRP F 306 1.03 57.61 17.83
CA TRP F 306 2.18 56.91 18.33
C TRP F 306 3.43 57.80 18.28
N PRO F 307 4.25 57.77 19.32
CA PRO F 307 5.36 58.72 19.46
C PRO F 307 6.64 58.21 18.81
N ASN F 308 7.58 59.14 18.65
CA ASN F 308 8.90 58.81 18.15
C ASN F 308 9.86 59.88 18.63
N GLU F 309 11.07 59.52 19.04
CA GLU F 309 11.97 60.49 19.61
C GLU F 309 12.95 61.01 18.56
N THR F 310 13.09 62.33 18.51
CA THR F 310 14.01 63.02 17.61
C THR F 310 15.05 63.76 18.43
N SER F 311 16.01 64.39 17.75
CA SER F 311 17.08 65.13 18.39
C SER F 311 17.12 66.55 17.86
N VAL F 312 17.49 67.50 18.71
CA VAL F 312 17.53 68.92 18.34
C VAL F 312 18.69 69.57 19.08
N GLN F 313 19.28 70.60 18.48
CA GLN F 313 20.43 71.28 19.06
C GLN F 313 19.98 72.50 19.86
N ALA F 314 20.65 72.73 20.98
CA ALA F 314 20.34 73.87 21.85
C ALA F 314 21.48 74.87 21.94
N ASN F 315 22.66 74.45 22.38
CA ASN F 315 23.84 75.31 22.47
C ASN F 315 25.09 74.53 22.06
N GLY F 316 24.99 73.77 20.98
CA GLY F 316 26.11 72.99 20.49
C GLY F 316 26.05 71.52 20.82
N SER F 317 25.15 71.11 21.70
CA SER F 317 24.95 69.70 21.99
C SER F 317 23.69 69.21 21.31
N PHE F 318 23.33 67.96 21.60
CA PHE F 318 22.16 67.32 21.04
C PHE F 318 21.27 66.89 22.20
N VAL F 319 20.19 67.62 22.42
CA VAL F 319 19.18 67.20 23.39
C VAL F 319 18.02 66.56 22.63
N ARG F 320 17.54 65.44 23.16
CA ARG F 320 16.50 64.70 22.46
C ARG F 320 15.13 65.09 22.99
N ALA F 321 14.11 64.76 22.21
CA ALA F 321 12.74 65.13 22.55
C ALA F 321 11.79 64.16 21.87
N THR F 322 10.51 64.23 22.27
CA THR F 322 9.49 63.34 21.74
C THR F 322 8.55 64.07 20.80
N VAL F 323 8.21 63.40 19.71
CA VAL F 323 7.31 63.89 18.69
C VAL F 323 6.10 62.98 18.71
N HIS F 324 4.93 63.58 18.89
CA HIS F 324 3.67 62.86 19.02
C HIS F 324 2.85 63.14 17.77
N ASP F 325 2.67 62.14 16.92
CA ASP F 325 1.90 62.28 15.69
C ASP F 325 0.46 61.90 15.96
N TYR F 326 -0.49 62.62 15.37
CA TYR F 326 -1.91 62.37 15.58
C TYR F 326 -2.60 62.27 14.23
N ARG F 327 -3.21 61.10 13.98
CA ARG F 327 -3.72 60.77 12.66
C ARG F 327 -5.19 60.38 12.74
N LEU F 328 -6.03 60.99 11.93
CA LEU F 328 -7.39 60.49 11.77
C LEU F 328 -7.35 59.21 10.97
N VAL F 329 -8.00 58.16 11.47
CA VAL F 329 -8.10 56.88 10.78
C VAL F 329 -9.54 56.42 10.89
N LEU F 330 -10.11 55.98 9.75
CA LEU F 330 -11.52 55.63 9.67
C LEU F 330 -11.86 54.37 10.47
N ASN F 331 -13.11 53.95 10.39
CA ASN F 331 -13.46 52.70 11.04
C ASN F 331 -14.25 51.74 10.17
N ARG F 332 -15.09 52.22 9.24
CA ARG F 332 -15.97 51.34 8.47
C ARG F 332 -15.96 51.72 7.00
N ASN F 333 -16.60 50.90 6.18
CA ASN F 333 -16.76 51.21 4.76
C ASN F 333 -17.79 52.35 4.68
N LEU F 334 -17.36 53.52 4.23
CA LEU F 334 -18.33 54.58 4.00
C LEU F 334 -19.17 54.26 2.78
N SER F 335 -20.46 54.52 2.89
CA SER F 335 -21.32 54.40 1.73
C SER F 335 -21.03 55.55 0.77
N ILE F 336 -21.60 55.45 -0.43
CA ILE F 336 -21.30 56.45 -1.45
C ILE F 336 -22.02 57.77 -1.15
N SER F 337 -23.32 57.71 -0.86
CA SER F 337 -24.18 58.88 -0.93
C SER F 337 -24.07 59.82 0.28
N GLU F 338 -23.04 59.72 1.11
CA GLU F 338 -22.93 60.57 2.28
C GLU F 338 -22.38 61.93 1.85
N ASN F 339 -22.98 63.02 2.37
CA ASN F 339 -22.61 64.40 2.00
C ASN F 339 -22.70 65.27 3.26
N ARG F 340 -21.59 65.41 3.98
CA ARG F 340 -21.58 66.09 5.28
C ARG F 340 -20.27 66.85 5.45
N THR F 341 -20.20 67.62 6.55
CA THR F 341 -18.98 68.29 6.97
C THR F 341 -19.04 68.56 8.47
N MET F 342 -17.87 68.57 9.11
CA MET F 342 -17.79 68.63 10.56
C MET F 342 -16.55 69.42 10.98
N GLN F 343 -16.31 69.43 12.30
CA GLN F 343 -15.10 69.97 12.93
C GLN F 343 -14.70 69.02 14.05
N LEU F 344 -13.67 68.22 13.82
CA LEU F 344 -13.28 67.13 14.71
C LEU F 344 -12.17 67.63 15.65
N ALA F 345 -12.55 67.94 16.89
CA ALA F 345 -11.60 68.48 17.85
C ALA F 345 -11.07 67.39 18.76
N VAL F 346 -9.80 67.50 19.14
CA VAL F 346 -9.14 66.56 20.03
C VAL F 346 -8.31 67.34 21.04
N LEU F 347 -8.52 67.06 22.31
CA LEU F 347 -7.66 67.55 23.37
C LEU F 347 -6.52 66.56 23.54
N VAL F 348 -5.34 67.07 23.86
CA VAL F 348 -4.15 66.25 24.08
C VAL F 348 -3.66 66.54 25.50
N ASN F 349 -3.42 65.49 26.26
CA ASN F 349 -3.04 65.64 27.66
C ASN F 349 -1.52 65.49 27.77
N ASP F 350 -0.93 66.13 28.78
CA ASP F 350 0.48 65.98 29.11
C ASP F 350 0.56 65.88 30.62
N SER F 351 0.92 64.71 31.13
CA SER F 351 0.95 64.52 32.58
C SER F 351 2.29 63.96 33.03
N VAL F 360 -1.53 70.76 28.08
CA VAL F 360 -2.76 70.23 27.53
C VAL F 360 -3.11 71.04 26.28
N LEU F 361 -2.99 70.41 25.11
CA LEU F 361 -3.04 71.09 23.83
C LEU F 361 -4.38 70.83 23.15
N LEU F 362 -4.75 71.70 22.20
CA LEU F 362 -6.02 71.61 21.48
C LEU F 362 -5.77 71.54 19.98
N LEU F 363 -6.22 70.45 19.35
CA LEU F 363 -6.11 70.26 17.91
C LEU F 363 -7.51 70.11 17.35
N HIS F 364 -7.65 70.31 16.04
CA HIS F 364 -8.86 69.91 15.35
C HIS F 364 -8.59 69.67 13.87
N PHE F 365 -9.61 69.11 13.21
CA PHE F 365 -9.62 68.76 11.80
C PHE F 365 -10.90 69.27 11.17
N ASN F 366 -10.84 69.63 9.89
CA ASN F 366 -12.06 69.74 9.10
C ASN F 366 -12.18 68.51 8.22
N VAL F 367 -13.37 67.92 8.24
CA VAL F 367 -13.65 66.72 7.45
C VAL F 367 -14.96 66.94 6.71
N SER F 368 -14.90 66.83 5.38
CA SER F 368 -16.09 66.83 4.54
C SER F 368 -16.16 65.50 3.81
N VAL F 369 -17.38 65.02 3.60
CA VAL F 369 -17.62 63.79 2.85
C VAL F 369 -18.56 64.11 1.70
N LEU F 370 -18.16 63.69 0.52
CA LEU F 370 -18.70 64.06 -0.77
C LEU F 370 -19.57 62.96 -1.34
N PRO F 371 -20.52 63.31 -2.19
CA PRO F 371 -21.18 62.28 -3.01
C PRO F 371 -20.32 61.91 -4.20
N VAL F 372 -20.58 60.72 -4.73
CA VAL F 372 -19.91 60.19 -5.91
C VAL F 372 -20.97 59.63 -6.85
N SER F 373 -20.90 60.00 -8.12
CA SER F 373 -21.84 59.44 -9.08
C SER F 373 -21.27 58.15 -9.67
N LEU F 374 -22.13 57.41 -10.37
CA LEU F 374 -21.76 56.10 -10.88
C LEU F 374 -21.93 56.04 -12.39
N HIS F 375 -21.46 57.05 -13.11
CA HIS F 375 -21.63 57.09 -14.55
C HIS F 375 -20.62 56.20 -15.27
N LEU F 376 -21.06 55.67 -16.41
CA LEU F 376 -20.27 54.82 -17.28
C LEU F 376 -20.23 55.48 -18.64
N PRO F 377 -19.29 55.09 -19.51
CA PRO F 377 -19.32 55.58 -20.90
C PRO F 377 -20.60 55.20 -21.62
N SER F 378 -20.98 56.02 -22.59
CA SER F 378 -22.24 55.86 -23.28
C SER F 378 -22.25 54.63 -24.17
N THR F 379 -21.20 54.44 -24.97
CA THR F 379 -21.14 53.34 -25.91
C THR F 379 -19.85 52.54 -25.75
N TYR F 380 -20.01 51.27 -25.42
CA TYR F 380 -18.91 50.30 -25.45
C TYR F 380 -18.87 49.70 -26.83
N SER F 381 -17.67 49.44 -27.33
CA SER F 381 -17.46 48.86 -28.66
C SER F 381 -16.35 47.84 -28.57
N LEU F 382 -16.63 46.62 -29.01
CA LEU F 382 -15.63 45.57 -28.90
C LEU F 382 -15.84 44.55 -30.02
N SER F 383 -14.73 44.11 -30.61
CA SER F 383 -14.73 43.00 -31.54
C SER F 383 -14.58 41.70 -30.75
N VAL F 384 -14.96 40.60 -31.39
CA VAL F 384 -14.71 39.27 -30.84
C VAL F 384 -14.11 38.44 -31.96
N SER F 385 -12.98 37.79 -31.70
CA SER F 385 -12.44 36.83 -32.65
C SER F 385 -13.39 35.64 -32.78
N ARG F 386 -13.68 35.27 -34.04
CA ARG F 386 -14.80 34.38 -34.33
C ARG F 386 -14.44 32.91 -34.08
N ARG F 387 -13.21 32.62 -33.71
CA ARG F 387 -12.83 31.26 -33.37
C ARG F 387 -12.46 31.11 -31.91
N ALA F 388 -13.01 31.96 -31.04
CA ALA F 388 -12.53 32.03 -29.67
C ALA F 388 -13.09 30.90 -28.83
N ARG F 389 -12.42 30.63 -27.72
CA ARG F 389 -12.73 29.56 -26.80
C ARG F 389 -13.37 30.12 -25.54
N ARG F 390 -13.63 29.24 -24.58
CA ARG F 390 -14.23 29.68 -23.33
C ARG F 390 -13.24 30.49 -22.52
N PHE F 391 -13.77 31.36 -21.66
CA PHE F 391 -13.04 32.10 -20.63
C PHE F 391 -11.94 32.97 -21.21
N ALA F 392 -12.12 33.50 -22.41
CA ALA F 392 -11.13 34.40 -22.98
C ALA F 392 -11.50 35.82 -22.60
N GLN F 393 -10.52 36.61 -22.21
CA GLN F 393 -10.80 37.99 -21.87
C GLN F 393 -10.72 38.85 -23.12
N ILE F 394 -11.77 39.62 -23.37
CA ILE F 394 -11.81 40.46 -24.55
C ILE F 394 -11.45 41.88 -24.16
N GLY F 395 -12.27 42.49 -23.30
CA GLY F 395 -12.04 43.88 -22.92
C GLY F 395 -12.57 44.15 -21.53
N LYS F 396 -12.00 45.17 -20.91
CA LYS F 396 -12.34 45.55 -19.56
C LYS F 396 -13.50 46.55 -19.59
N VAL F 397 -14.40 46.44 -18.62
CA VAL F 397 -15.49 47.37 -18.42
C VAL F 397 -15.24 48.03 -17.07
N CYS F 398 -15.36 49.34 -17.01
CA CYS F 398 -14.95 50.03 -15.79
C CYS F 398 -15.82 51.23 -15.51
N VAL F 399 -16.19 51.41 -14.24
CA VAL F 399 -16.73 52.68 -13.80
C VAL F 399 -15.68 53.74 -14.04
N GLU F 400 -16.14 54.93 -14.46
CA GLU F 400 -15.36 56.04 -15.00
C GLU F 400 -14.07 56.39 -14.24
N ASN F 401 -14.04 56.14 -12.94
CA ASN F 401 -12.86 56.33 -12.11
C ASN F 401 -12.41 54.96 -11.57
N CYS F 402 -11.56 54.28 -12.34
CA CYS F 402 -11.25 52.86 -12.11
C CYS F 402 -10.52 52.54 -10.81
N GLN F 403 -9.27 52.97 -10.70
CA GLN F 403 -8.37 52.46 -9.67
C GLN F 403 -8.29 53.37 -8.46
N ALA F 404 -9.20 54.32 -8.33
CA ALA F 404 -9.17 55.23 -7.20
C ALA F 404 -10.07 54.80 -6.05
N PHE F 405 -11.06 53.96 -6.30
CA PHE F 405 -11.94 53.53 -5.22
C PHE F 405 -11.28 52.42 -4.41
N SER F 406 -11.64 52.33 -3.14
CA SER F 406 -11.08 51.31 -2.27
C SER F 406 -12.12 50.42 -1.63
N GLY F 407 -13.25 50.97 -1.19
CA GLY F 407 -14.19 50.17 -0.43
C GLY F 407 -15.61 50.13 -1.00
N ILE F 408 -15.73 50.02 -2.31
CA ILE F 408 -17.02 50.02 -2.98
C ILE F 408 -17.18 48.74 -3.78
N ASN F 409 -18.35 48.10 -3.66
CA ASN F 409 -18.68 46.89 -4.40
C ASN F 409 -19.58 47.26 -5.57
N VAL F 410 -19.01 47.41 -6.75
CA VAL F 410 -19.78 47.64 -7.96
C VAL F 410 -19.67 46.37 -8.79
N GLN F 411 -20.64 45.49 -8.62
CA GLN F 411 -20.68 44.21 -9.31
C GLN F 411 -21.35 44.42 -10.66
N TYR F 412 -20.86 43.75 -11.69
CA TYR F 412 -21.41 43.97 -13.03
C TYR F 412 -22.19 42.74 -13.46
N LYS F 413 -23.37 42.96 -14.04
CA LYS F 413 -24.19 41.91 -14.63
C LYS F 413 -24.53 42.28 -16.06
N LEU F 414 -24.63 41.28 -16.92
CA LEU F 414 -24.67 41.48 -18.37
C LEU F 414 -26.05 41.09 -18.89
N HIS F 415 -26.97 42.06 -19.01
CA HIS F 415 -28.33 41.77 -19.39
C HIS F 415 -28.49 42.01 -20.88
N SER F 416 -29.16 41.11 -21.57
CA SER F 416 -29.33 41.19 -23.01
C SER F 416 -30.73 41.69 -23.34
N SER F 417 -31.00 41.86 -24.63
CA SER F 417 -32.33 42.23 -25.10
C SER F 417 -32.68 41.45 -26.35
N CYS F 421 -29.31 34.04 -27.82
CA CYS F 421 -27.87 33.87 -27.94
C CYS F 421 -27.13 34.39 -26.72
N SER F 422 -26.80 33.47 -25.81
CA SER F 422 -25.89 33.73 -24.70
C SER F 422 -24.48 33.39 -25.17
N THR F 423 -23.63 34.41 -25.26
CA THR F 423 -22.23 34.16 -25.59
C THR F 423 -21.26 34.72 -24.57
N LEU F 424 -21.46 35.92 -24.07
CA LEU F 424 -20.50 36.58 -23.20
C LEU F 424 -20.96 36.46 -21.74
N GLY F 425 -20.14 37.01 -20.85
CA GLY F 425 -20.40 36.95 -19.43
C GLY F 425 -19.38 37.73 -18.63
N VAL F 426 -19.85 38.55 -17.69
CA VAL F 426 -19.01 39.50 -16.98
C VAL F 426 -18.89 39.04 -15.54
N VAL F 427 -17.66 38.95 -15.02
CA VAL F 427 -17.44 38.78 -13.59
C VAL F 427 -16.40 39.79 -13.14
N THR F 428 -16.80 40.65 -12.20
CA THR F 428 -15.94 41.73 -11.74
C THR F 428 -14.81 41.20 -10.89
N SER F 429 -13.58 41.53 -11.26
CA SER F 429 -12.44 41.20 -10.44
C SER F 429 -12.39 42.14 -9.25
N ALA F 430 -12.30 41.59 -8.04
CA ALA F 430 -12.48 42.37 -6.82
C ALA F 430 -11.31 43.29 -6.51
N GLU F 431 -10.16 43.09 -7.17
CA GLU F 431 -8.98 43.90 -6.88
C GLU F 431 -9.12 45.32 -7.40
N ASP F 432 -9.60 45.47 -8.64
CA ASP F 432 -9.71 46.76 -9.29
C ASP F 432 -11.11 47.32 -9.31
N THR F 433 -12.10 46.53 -8.89
CA THR F 433 -13.53 46.80 -9.07
C THR F 433 -13.84 47.14 -10.52
N SER F 434 -13.29 46.33 -11.41
CA SER F 434 -13.53 46.42 -12.83
C SER F 434 -14.11 45.10 -13.28
N GLY F 435 -15.07 45.16 -14.19
CA GLY F 435 -15.64 43.93 -14.68
C GLY F 435 -14.94 43.45 -15.91
N ILE F 436 -14.46 42.24 -15.88
CA ILE F 436 -13.87 41.62 -17.04
C ILE F 436 -14.92 40.70 -17.65
N LEU F 437 -15.10 40.81 -18.96
CA LEU F 437 -16.09 40.04 -19.68
C LEU F 437 -15.41 38.88 -20.40
N PHE F 438 -16.02 37.71 -20.33
CA PHE F 438 -15.45 36.52 -20.93
C PHE F 438 -16.50 35.74 -21.70
N VAL F 439 -16.02 34.91 -22.62
CA VAL F 439 -16.87 34.09 -23.46
C VAL F 439 -17.20 32.81 -22.71
N ASN F 440 -18.48 32.52 -22.54
CA ASN F 440 -18.88 31.37 -21.74
C ASN F 440 -19.20 30.16 -22.61
N ASP F 441 -19.71 30.36 -23.83
CA ASP F 441 -20.00 29.27 -24.76
C ASP F 441 -19.37 29.51 -26.12
N THR F 442 -19.04 28.41 -26.79
CA THR F 442 -18.46 28.41 -28.13
C THR F 442 -19.46 28.05 -29.22
N LYS F 443 -20.38 27.13 -28.95
CA LYS F 443 -21.44 26.74 -29.89
C LYS F 443 -22.36 27.89 -30.25
N ALA F 444 -22.63 28.79 -29.30
CA ALA F 444 -23.48 29.95 -29.53
C ALA F 444 -22.72 31.14 -30.09
N LEU F 445 -21.51 30.95 -30.57
CA LEU F 445 -20.73 32.06 -31.11
C LEU F 445 -20.78 32.14 -32.62
N ARG F 446 -20.81 31.00 -33.31
CA ARG F 446 -20.70 30.95 -34.76
C ARG F 446 -22.03 31.07 -35.47
N ARG F 447 -23.10 31.42 -34.76
CA ARG F 447 -24.42 31.43 -35.36
C ARG F 447 -24.54 32.63 -36.31
N PRO F 448 -25.17 32.45 -37.48
CA PRO F 448 -25.13 33.53 -38.48
C PRO F 448 -26.04 34.69 -38.16
N LYS F 449 -27.19 34.44 -37.54
CA LYS F 449 -28.17 35.47 -37.28
C LYS F 449 -27.83 36.29 -36.04
N CYS F 450 -27.00 35.76 -35.15
CA CYS F 450 -26.53 36.47 -33.97
C CYS F 450 -25.14 37.04 -34.19
N ALA F 451 -24.86 37.48 -35.41
CA ALA F 451 -23.54 38.02 -35.73
C ALA F 451 -23.36 39.41 -35.12
N GLU F 452 -24.46 40.07 -34.76
CA GLU F 452 -24.44 41.31 -33.98
C GLU F 452 -25.51 41.23 -32.90
N LEU F 453 -25.14 41.57 -31.67
CA LEU F 453 -26.03 41.43 -30.53
C LEU F 453 -26.17 42.75 -29.77
N HIS F 454 -26.82 42.69 -28.62
CA HIS F 454 -27.01 43.84 -27.74
C HIS F 454 -26.85 43.39 -26.30
N TYR F 455 -25.73 43.73 -25.68
CA TYR F 455 -25.51 43.45 -24.27
C TYR F 455 -25.56 44.75 -23.49
N MET F 456 -26.69 45.04 -22.87
CA MET F 456 -26.81 46.13 -21.90
C MET F 456 -25.94 45.75 -20.71
N VAL F 457 -24.82 46.44 -20.57
CA VAL F 457 -23.90 46.20 -19.47
C VAL F 457 -24.41 46.97 -18.25
N VAL F 458 -24.59 46.27 -17.13
CA VAL F 458 -25.23 46.84 -15.98
C VAL F 458 -24.23 46.80 -14.84
N ALA F 459 -24.02 47.95 -14.21
CA ALA F 459 -23.05 48.13 -13.14
C ALA F 459 -23.80 48.48 -11.86
N THR F 460 -24.03 47.50 -11.01
CA THR F 460 -24.83 47.67 -9.81
C THR F 460 -23.91 47.91 -8.61
N ASP F 461 -24.46 48.57 -7.61
CA ASP F 461 -23.80 48.75 -6.32
C ASP F 461 -24.42 47.77 -5.32
N GLN F 462 -23.80 47.66 -4.15
CA GLN F 462 -24.28 46.71 -3.15
C GLN F 462 -24.63 47.35 -1.82
N GLN F 463 -23.92 48.36 -1.36
CA GLN F 463 -24.29 49.07 -0.14
C GLN F 463 -25.33 50.16 -0.38
N THR F 464 -25.57 50.51 -1.64
CA THR F 464 -26.70 51.33 -2.07
C THR F 464 -27.25 50.64 -3.31
N SER F 465 -28.53 50.87 -3.62
CA SER F 465 -29.12 50.20 -4.76
C SER F 465 -28.75 50.83 -6.09
N ARG F 466 -27.97 51.90 -6.08
CA ARG F 466 -27.73 52.74 -7.24
C ARG F 466 -26.92 51.98 -8.29
N GLN F 467 -27.56 51.67 -9.40
CA GLN F 467 -26.95 50.92 -10.48
C GLN F 467 -26.77 51.83 -11.69
N ALA F 468 -26.29 51.25 -12.78
CA ALA F 468 -26.17 51.97 -14.04
C ALA F 468 -26.20 50.98 -15.18
N GLN F 469 -26.36 51.48 -16.40
CA GLN F 469 -26.34 50.64 -17.56
C GLN F 469 -25.65 51.39 -18.69
N ALA F 470 -25.21 50.64 -19.68
CA ALA F 470 -24.56 51.23 -20.84
C ALA F 470 -24.74 50.30 -22.04
N GLN F 471 -24.61 50.88 -23.22
CA GLN F 471 -24.99 50.25 -24.48
C GLN F 471 -23.76 49.67 -25.16
N LEU F 472 -23.93 48.51 -25.78
CA LEU F 472 -22.85 47.82 -26.47
C LEU F 472 -23.30 47.42 -27.87
N LEU F 473 -22.34 47.45 -28.81
CA LEU F 473 -22.53 46.95 -30.18
C LEU F 473 -21.36 46.01 -30.47
N VAL F 474 -21.61 44.72 -30.36
CA VAL F 474 -20.59 43.70 -30.53
C VAL F 474 -20.54 43.27 -31.99
N THR F 475 -19.34 43.12 -32.53
CA THR F 475 -19.13 42.55 -33.85
C THR F 475 -18.26 41.31 -33.73
N VAL F 476 -18.88 40.15 -33.85
CA VAL F 476 -18.18 38.88 -33.86
C VAL F 476 -17.59 38.68 -35.23
N GLU F 477 -16.26 38.68 -35.33
CA GLU F 477 -15.59 38.76 -36.61
C GLU F 477 -14.37 37.85 -36.65
N GLY F 478 -14.19 37.16 -37.76
CA GLY F 478 -12.96 36.43 -37.99
C GLY F 478 -13.13 35.38 -39.06
N SER F 479 -12.11 34.52 -39.16
CA SER F 479 -12.12 33.35 -40.02
C SER F 479 -12.88 32.22 -39.32
N TYR F 480 -12.74 31.00 -39.85
CA TYR F 480 -13.00 29.81 -39.04
C TYR F 480 -12.14 28.67 -39.55
N VAL F 481 -11.33 28.11 -38.66
CA VAL F 481 -10.56 26.90 -38.90
C VAL F 481 -10.86 25.96 -37.74
N ALA F 482 -11.25 24.72 -38.05
CA ALA F 482 -11.47 23.73 -37.01
C ALA F 482 -10.14 23.26 -36.44
N GLU F 483 -10.20 22.64 -35.27
CA GLU F 483 -8.99 22.35 -34.52
C GLU F 483 -8.49 20.94 -34.80
N GLU F 484 -7.31 20.66 -34.25
CA GLU F 484 -6.69 19.34 -34.26
C GLU F 484 -7.29 18.49 -33.15
N ALA F 485 -7.31 17.17 -33.37
CA ALA F 485 -7.80 16.24 -32.38
C ALA F 485 -6.73 15.82 -31.38
N GLY F 486 -5.47 16.15 -31.63
CA GLY F 486 -4.39 15.76 -30.74
C GLY F 486 -3.98 16.85 -29.78
N CYS F 487 -4.95 17.64 -29.35
CA CYS F 487 -4.72 18.76 -28.44
C CYS F 487 -5.18 18.45 -27.02
N PRO F 488 -4.33 18.71 -26.05
CA PRO F 488 -4.76 18.66 -24.65
C PRO F 488 -5.61 19.89 -24.33
N LEU F 489 -6.14 19.91 -23.11
CA LEU F 489 -7.05 21.00 -22.76
C LEU F 489 -6.33 22.29 -22.45
N SER F 490 -5.04 22.25 -22.13
CA SER F 490 -4.32 23.42 -21.65
C SER F 490 -3.19 23.76 -22.60
N CYS F 491 -2.90 25.06 -22.72
CA CYS F 491 -1.73 25.45 -23.49
C CYS F 491 -0.45 25.06 -22.78
N ALA F 492 -0.45 25.10 -21.44
CA ALA F 492 0.77 24.93 -20.67
C ALA F 492 1.17 23.48 -20.46
N VAL F 493 0.49 22.52 -21.08
CA VAL F 493 0.99 21.16 -21.06
C VAL F 493 2.12 21.03 -22.07
N SER F 494 2.15 21.91 -23.07
CA SER F 494 3.17 21.90 -24.09
C SER F 494 4.56 22.19 -23.52
N LYS F 495 5.57 21.83 -24.30
CA LYS F 495 6.96 21.85 -23.86
C LYS F 495 7.81 22.85 -24.62
N ARG F 496 7.67 22.91 -25.94
CA ARG F 496 8.49 23.74 -26.80
C ARG F 496 7.61 24.75 -27.55
N ARG F 497 8.20 25.50 -28.47
CA ARG F 497 7.50 26.58 -29.15
C ARG F 497 6.54 26.10 -30.23
N LEU F 498 6.96 25.15 -31.07
CA LEU F 498 6.13 24.76 -32.19
C LEU F 498 4.87 24.03 -31.74
N GLU F 499 4.94 23.31 -30.61
CA GLU F 499 3.73 22.71 -30.05
C GLU F 499 2.89 23.70 -29.27
N CYS F 500 3.14 24.99 -29.37
CA CYS F 500 2.32 25.97 -28.68
C CYS F 500 1.32 26.64 -29.62
N GLU F 501 1.78 27.14 -30.77
CA GLU F 501 0.91 27.90 -31.64
C GLU F 501 0.22 27.06 -32.70
N GLU F 502 0.42 25.75 -32.70
CA GLU F 502 -0.30 24.85 -33.58
C GLU F 502 -1.49 24.21 -32.89
N CYS F 503 -1.58 24.37 -31.57
CA CYS F 503 -2.54 23.62 -30.77
C CYS F 503 -3.19 24.56 -29.80
N GLY F 504 -4.50 24.39 -29.62
CA GLY F 504 -5.31 25.29 -28.83
C GLY F 504 -5.51 24.80 -27.41
N GLY F 505 -5.63 25.77 -26.50
CA GLY F 505 -5.76 25.47 -25.10
C GLY F 505 -7.18 25.69 -24.64
N LEU F 506 -7.37 26.41 -23.55
CA LEU F 506 -8.72 26.58 -23.03
C LEU F 506 -9.16 28.02 -23.00
N GLY F 507 -8.35 28.91 -22.44
CA GLY F 507 -8.79 30.29 -22.31
C GLY F 507 -8.32 31.19 -23.43
N SER F 508 -8.17 30.63 -24.62
CA SER F 508 -7.47 31.33 -25.69
C SER F 508 -8.38 32.36 -26.36
N PRO F 509 -7.85 33.52 -26.74
CA PRO F 509 -8.69 34.55 -27.36
C PRO F 509 -8.88 34.36 -28.86
N THR F 510 -7.93 33.73 -29.54
CA THR F 510 -8.01 33.52 -30.97
C THR F 510 -7.80 32.07 -31.40
N GLY F 511 -8.02 31.10 -30.53
CA GLY F 511 -7.90 29.69 -30.86
C GLY F 511 -6.49 29.15 -30.76
N ARG F 512 -5.49 29.94 -31.12
CA ARG F 512 -4.11 29.55 -30.95
C ARG F 512 -3.67 29.85 -29.51
N CYS F 513 -2.46 29.45 -29.17
CA CYS F 513 -1.81 29.87 -27.95
C CYS F 513 -0.66 30.77 -28.34
N GLU F 514 0.19 31.11 -27.38
CA GLU F 514 1.36 31.94 -27.65
C GLU F 514 2.50 31.58 -26.72
N TRP F 515 3.70 31.45 -27.30
CA TRP F 515 4.87 31.02 -26.58
C TRP F 515 5.63 32.22 -26.02
N ARG F 516 5.89 32.23 -24.71
CA ARG F 516 6.79 33.23 -24.16
C ARG F 516 8.03 32.54 -23.64
N GLN F 517 9.18 33.11 -23.90
CA GLN F 517 10.45 32.54 -23.53
C GLN F 517 11.36 33.62 -22.99
N GLY F 518 11.95 33.35 -21.83
CA GLY F 518 12.84 34.32 -21.24
C GLY F 518 14.30 34.01 -21.40
N ASP F 519 15.07 34.36 -20.38
CA ASP F 519 16.52 34.42 -20.41
C ASP F 519 17.12 33.12 -19.89
N GLY F 520 18.44 33.07 -19.85
CA GLY F 520 19.14 31.93 -19.31
C GLY F 520 19.89 32.31 -18.06
N LYS F 521 19.25 33.10 -17.20
CA LYS F 521 19.89 33.61 -16.00
C LYS F 521 19.51 32.81 -14.74
N GLY F 522 19.34 31.51 -14.88
CA GLY F 522 19.09 30.69 -13.71
C GLY F 522 17.64 30.77 -13.29
N ILE F 523 17.41 30.66 -12.00
CA ILE F 523 16.06 30.73 -11.46
C ILE F 523 15.59 32.17 -11.54
N THR F 524 14.85 32.49 -12.58
CA THR F 524 14.36 33.84 -12.81
C THR F 524 12.85 33.86 -12.79
N ARG F 525 12.30 35.03 -12.48
CA ARG F 525 10.84 35.17 -12.52
C ARG F 525 10.34 35.22 -13.96
N ASN F 526 11.19 35.64 -14.89
CA ASN F 526 10.89 35.67 -16.30
C ASN F 526 11.40 34.35 -16.88
N PHE F 527 10.51 33.37 -16.98
CA PHE F 527 10.85 32.07 -17.51
C PHE F 527 10.06 31.82 -18.79
N SER F 528 10.05 30.57 -19.22
CA SER F 528 9.49 30.17 -20.51
C SER F 528 8.32 29.22 -20.31
N THR F 529 7.30 29.39 -21.16
CA THR F 529 6.06 28.61 -21.10
C THR F 529 5.24 28.85 -22.37
N CYS F 530 4.18 28.06 -22.50
CA CYS F 530 3.17 28.23 -23.55
C CYS F 530 1.88 28.67 -22.90
N SER F 531 1.44 29.89 -23.22
CA SER F 531 0.36 30.54 -22.53
C SER F 531 -0.74 30.97 -23.48
N PRO F 532 -2.00 30.91 -23.06
CA PRO F 532 -3.08 31.50 -23.87
C PRO F 532 -2.95 33.02 -23.97
N SER F 533 -3.01 33.66 -22.82
CA SER F 533 -2.98 35.11 -22.69
C SER F 533 -1.64 35.47 -22.08
N THR F 534 -0.72 35.92 -22.92
CA THR F 534 0.63 36.29 -22.51
C THR F 534 0.67 37.52 -21.60
N LYS F 535 -0.43 38.26 -21.48
CA LYS F 535 -0.53 39.40 -20.60
C LYS F 535 -1.44 39.15 -19.41
N THR F 536 -2.01 37.96 -19.28
CA THR F 536 -2.96 37.79 -18.21
C THR F 536 -2.63 36.58 -17.34
N CYS F 537 -2.14 35.48 -17.94
CA CYS F 537 -1.85 34.26 -17.19
C CYS F 537 -0.49 34.26 -16.47
N PRO F 538 0.73 34.39 -17.13
CA PRO F 538 1.95 34.32 -16.31
C PRO F 538 2.32 35.66 -15.71
N ASP F 539 1.40 36.20 -14.92
CA ASP F 539 1.42 37.62 -14.58
C ASP F 539 1.70 37.84 -13.10
N GLY F 540 1.25 36.92 -12.25
CA GLY F 540 1.45 37.06 -10.83
C GLY F 540 0.14 37.00 -10.09
N HIS F 541 -0.97 37.23 -10.80
CA HIS F 541 -2.29 37.09 -10.23
C HIS F 541 -3.00 35.92 -10.86
N CYS F 542 -3.53 35.05 -10.03
CA CYS F 542 -4.50 34.06 -10.43
C CYS F 542 -5.82 34.80 -10.49
N ASP F 543 -6.18 35.34 -11.66
CA ASP F 543 -7.40 36.09 -11.83
C ASP F 543 -8.63 35.22 -11.65
N VAL F 544 -9.79 35.87 -11.58
CA VAL F 544 -11.02 35.12 -11.39
C VAL F 544 -11.35 34.32 -12.64
N VAL F 545 -11.13 34.92 -13.81
CA VAL F 545 -11.25 34.22 -15.07
C VAL F 545 -10.19 33.12 -15.18
N GLU F 546 -8.98 33.38 -14.65
CA GLU F 546 -7.93 32.36 -14.63
C GLU F 546 -8.23 31.26 -13.62
N THR F 547 -8.88 31.58 -12.50
CA THR F 547 -9.17 30.52 -11.54
C THR F 547 -10.49 29.82 -11.81
N GLN F 548 -11.17 30.19 -12.88
CA GLN F 548 -12.35 29.44 -13.31
C GLN F 548 -12.06 27.96 -13.54
N ASP F 549 -11.13 27.64 -14.42
CA ASP F 549 -10.80 26.24 -14.66
C ASP F 549 -9.36 25.93 -14.28
N ILE F 550 -9.12 24.62 -14.15
CA ILE F 550 -7.81 24.11 -13.79
C ILE F 550 -6.88 24.19 -14.98
N ASN F 551 -7.42 24.28 -16.19
CA ASN F 551 -6.63 24.15 -17.39
C ASN F 551 -6.24 25.49 -18.01
N ILE F 552 -6.84 26.60 -17.58
CA ILE F 552 -6.65 27.86 -18.28
C ILE F 552 -5.27 28.41 -18.04
N CYS F 553 -4.95 28.65 -16.78
CA CYS F 553 -3.67 29.22 -16.36
C CYS F 553 -3.18 28.36 -15.21
N PRO F 554 -2.58 27.20 -15.49
CA PRO F 554 -2.20 26.29 -14.41
C PRO F 554 -0.90 26.68 -13.70
N GLN F 555 0.04 27.29 -14.43
CA GLN F 555 1.33 27.70 -13.93
C GLN F 555 1.29 28.96 -13.09
N ASP F 556 0.10 29.41 -12.71
CA ASP F 556 -0.08 30.51 -11.81
C ASP F 556 -1.30 30.29 -10.94
N CYS F 557 -1.89 29.10 -10.95
CA CYS F 557 -3.09 28.86 -10.16
C CYS F 557 -3.12 27.47 -9.53
N LEU F 558 -2.01 26.73 -9.59
CA LEU F 558 -2.06 25.34 -9.17
C LEU F 558 -1.75 25.23 -7.69
N ARG F 559 -2.10 24.10 -7.10
CA ARG F 559 -1.69 23.76 -5.74
C ARG F 559 -1.09 22.37 -5.83
N GLY F 560 0.20 22.31 -6.15
CA GLY F 560 0.84 21.03 -6.30
C GLY F 560 2.32 21.06 -5.99
N SER F 561 3.03 19.99 -6.33
CA SER F 561 4.47 19.94 -6.16
C SER F 561 5.10 20.42 -7.45
N ILE F 562 6.23 21.09 -7.32
CA ILE F 562 7.00 21.54 -8.47
C ILE F 562 8.34 20.83 -8.40
N VAL F 563 8.45 19.74 -9.13
CA VAL F 563 9.66 18.94 -9.12
C VAL F 563 10.73 19.69 -9.88
N GLY F 564 11.87 19.87 -9.25
CA GLY F 564 12.95 20.66 -9.79
C GLY F 564 13.26 21.86 -8.91
N GLY F 565 14.35 22.52 -9.25
CA GLY F 565 14.76 23.68 -8.50
C GLY F 565 13.85 24.83 -8.81
N HIS F 566 12.99 25.18 -7.87
CA HIS F 566 11.97 26.18 -8.12
C HIS F 566 12.04 27.22 -7.02
N GLU F 567 11.01 28.04 -6.95
CA GLU F 567 10.75 28.97 -5.86
C GLU F 567 9.26 29.29 -5.97
N PRO F 568 8.48 28.97 -4.95
CA PRO F 568 7.03 28.88 -5.13
C PRO F 568 6.36 30.24 -5.22
N GLY F 569 5.27 30.28 -5.96
CA GLY F 569 4.37 31.42 -5.91
C GLY F 569 3.80 31.58 -4.51
N GLU F 570 3.65 32.83 -4.12
CA GLU F 570 3.49 33.11 -2.70
C GLU F 570 2.07 32.82 -2.21
N PRO F 571 0.97 33.12 -2.95
CA PRO F 571 -0.28 32.44 -2.63
C PRO F 571 -0.27 31.01 -3.13
N ARG F 572 0.14 30.84 -4.39
CA ARG F 572 0.19 29.57 -5.09
C ARG F 572 0.85 29.82 -6.43
N GLY F 573 1.23 28.74 -7.10
CA GLY F 573 1.75 28.84 -8.44
C GLY F 573 3.25 28.64 -8.52
N ILE F 574 3.84 29.26 -9.53
CA ILE F 574 5.28 29.22 -9.74
C ILE F 574 5.78 30.64 -9.81
N LYS F 575 6.46 31.08 -8.74
CA LYS F 575 7.07 32.40 -8.76
C LYS F 575 8.32 32.42 -9.63
N ALA F 576 9.18 31.43 -9.47
CA ALA F 576 10.35 31.33 -10.32
C ALA F 576 10.72 29.86 -10.46
N GLY F 577 11.33 29.51 -11.57
CA GLY F 577 11.69 28.13 -11.83
C GLY F 577 12.85 28.00 -12.79
N TYR F 578 13.72 27.02 -12.57
CA TYR F 578 14.97 26.91 -13.32
C TYR F 578 14.69 26.36 -14.72
N GLY F 579 14.56 27.26 -15.70
CA GLY F 579 14.56 26.81 -17.08
C GLY F 579 13.24 26.91 -17.81
N THR F 580 12.63 25.76 -18.09
CA THR F 580 11.28 25.67 -18.65
C THR F 580 10.40 24.99 -17.61
N CYS F 581 9.16 25.42 -17.48
CA CYS F 581 8.25 24.81 -16.53
C CYS F 581 7.00 24.35 -17.26
N ASN F 582 6.79 23.04 -17.30
CA ASN F 582 5.61 22.45 -17.91
C ASN F 582 4.78 21.74 -16.84
N CYS F 583 3.48 22.03 -16.82
CA CYS F 583 2.65 21.62 -15.70
C CYS F 583 1.54 20.70 -16.18
N PHE F 584 1.32 19.63 -15.42
CA PHE F 584 0.23 18.70 -15.63
C PHE F 584 -0.84 19.05 -14.60
N PRO F 585 -1.92 19.70 -15.00
CA PRO F 585 -2.94 20.11 -14.04
C PRO F 585 -3.87 18.99 -13.62
N GLU F 586 -4.04 17.98 -14.45
CA GLU F 586 -4.88 16.84 -14.09
C GLU F 586 -4.20 15.93 -13.07
N GLU F 587 -2.87 15.95 -13.00
CA GLU F 587 -2.13 15.19 -12.01
C GLU F 587 -1.53 16.06 -10.91
N GLU F 588 -1.69 17.39 -11.02
CA GLU F 588 -1.21 18.38 -10.05
C GLU F 588 0.31 18.28 -9.85
N LYS F 589 1.03 18.58 -10.91
CA LYS F 589 2.49 18.52 -10.83
C LYS F 589 3.04 19.55 -11.79
N CYS F 590 4.21 20.10 -11.49
CA CYS F 590 4.95 20.85 -12.50
C CYS F 590 6.37 20.30 -12.56
N PHE F 591 6.97 20.38 -13.73
CA PHE F 591 8.39 20.10 -13.86
C PHE F 591 9.09 21.38 -14.26
N CYS F 592 10.12 21.76 -13.53
CA CYS F 592 10.94 22.88 -13.90
C CYS F 592 12.34 22.37 -14.20
N GLU F 593 12.75 22.53 -15.43
CA GLU F 593 13.83 21.77 -16.06
C GLU F 593 14.15 22.44 -17.38
N PRO F 594 15.43 22.56 -17.76
CA PRO F 594 15.73 23.22 -19.04
C PRO F 594 15.55 22.29 -20.23
#